data_1HCU
#
_entry.id   1HCU
#
_cell.length_a   86.201
_cell.length_b   106.836
_cell.length_c   101.388
_cell.angle_alpha   90.00
_cell.angle_beta   99.42
_cell.angle_gamma   90.00
#
_symmetry.space_group_name_H-M   'P 1 21 1'
#
loop_
_entity.id
_entity.type
_entity.pdbx_description
1 polymer ALPHA-1,2-MANNOSIDASE
2 non-polymer 2-acetamido-2-deoxy-beta-D-glucopyranose
3 non-polymer 'CALCIUM ION'
4 water water
#
_entity_poly.entity_id   1
_entity_poly.type   'polypeptide(L)'
_entity_poly.pdbx_seq_one_letter_code
;YVEFATKRGSPNPTRAAAVKAAFQTSWNAYHHFAFPHDDLHPVSNSFDDERNGWGSSAIDGLDTAILMGDADIVNTILQY
VPQINFTTTAVANQGSSVFETNIRYLGGLLSAYDLLRGPFSSLATNQTLVNSLLRQAQTLANGLKVAFTTPSGVPDPTVF
FNPTVRRSGASSNNVAEIGSLVLEWTRLSDLTGNPQYAQLAQKGESYLLNPKGSPEAWPGLIGTFVSTSNGTFQDSSGSW
SGLMDSFYEYLIKMYLYDPVAFAHYKDRWVLGADSTIGHLGSHPSTRKDLTFLSSYNGQSTSPNSGHLASFGGGNFILGG
ILLNEQKYIDFGIKLASSYFGTYTQTASGIGPEGFAWVDSVTGAGGSPPSSQSGFYSSAGFWVTAPYYILRPETLESLYY
AYRVTGDSKWQDLAWEALSAIEDACRAGSAYSSINDVTQANGGGASDDMESFWFAEALKYAYLIFAEESDVQVQATGGNK
FVFNTEAHPFSIRSSSRRGGHLA
;
_entity_poly.pdbx_strand_id   A,B,C,D
#
loop_
_chem_comp.id
_chem_comp.type
_chem_comp.name
_chem_comp.formula
CA non-polymer 'CALCIUM ION' 'Ca 2'
NAG D-saccharide, beta linking 2-acetamido-2-deoxy-beta-D-glucopyranose 'C8 H15 N O6'
#
# COMPACT_ATOMS: atom_id res chain seq x y z
N LYS A 7 33.20 -28.96 -12.12
CA LYS A 7 33.13 -27.48 -12.33
C LYS A 7 34.32 -26.96 -13.16
N ARG A 8 34.20 -27.05 -14.48
CA ARG A 8 35.25 -26.60 -15.40
C ARG A 8 35.56 -25.12 -15.18
N GLY A 9 36.83 -24.77 -15.29
CA GLY A 9 37.22 -23.38 -15.07
C GLY A 9 37.25 -22.54 -16.32
N SER A 10 37.43 -21.24 -16.11
CA SER A 10 37.49 -20.27 -17.20
C SER A 10 38.00 -18.96 -16.62
N PRO A 11 38.52 -18.06 -17.47
CA PRO A 11 39.00 -16.81 -16.91
C PRO A 11 37.94 -16.08 -16.10
N ASN A 12 38.36 -15.46 -15.01
CA ASN A 12 37.45 -14.71 -14.15
C ASN A 12 37.88 -13.25 -14.23
N PRO A 13 37.18 -12.47 -15.05
CA PRO A 13 37.50 -11.04 -15.22
C PRO A 13 37.52 -10.26 -13.90
N THR A 14 36.52 -10.49 -13.06
CA THR A 14 36.44 -9.77 -11.79
C THR A 14 37.67 -10.04 -10.90
N ARG A 15 38.05 -11.31 -10.81
CA ARG A 15 39.19 -11.73 -10.02
C ARG A 15 40.51 -11.18 -10.58
N ALA A 16 40.72 -11.33 -11.89
CA ALA A 16 41.93 -10.84 -12.54
C ALA A 16 42.09 -9.33 -12.36
N ALA A 17 40.98 -8.60 -12.45
CA ALA A 17 40.99 -7.16 -12.28
C ALA A 17 41.48 -6.78 -10.89
N ALA A 18 41.06 -7.55 -9.87
CA ALA A 18 41.49 -7.27 -8.50
C ALA A 18 43.00 -7.38 -8.37
N VAL A 19 43.58 -8.42 -8.94
CA VAL A 19 45.03 -8.62 -8.88
C VAL A 19 45.74 -7.49 -9.63
N LYS A 20 45.18 -7.13 -10.78
CA LYS A 20 45.74 -6.06 -11.58
C LYS A 20 45.69 -4.76 -10.76
N ALA A 21 44.61 -4.58 -9.99
CA ALA A 21 44.46 -3.39 -9.15
C ALA A 21 45.50 -3.36 -8.03
N ALA A 22 45.81 -4.54 -7.45
CA ALA A 22 46.83 -4.62 -6.39
C ALA A 22 48.20 -4.28 -6.96
N PHE A 23 48.43 -4.69 -8.21
CA PHE A 23 49.70 -4.42 -8.86
C PHE A 23 49.81 -2.91 -9.12
N GLN A 24 48.72 -2.32 -9.63
CA GLN A 24 48.69 -0.88 -9.91
C GLN A 24 49.06 -0.05 -8.68
N THR A 25 48.41 -0.36 -7.56
CA THR A 25 48.66 0.32 -6.29
C THR A 25 50.14 0.19 -5.88
N SER A 26 50.62 -1.05 -5.86
CA SER A 26 52.01 -1.35 -5.52
C SER A 26 52.97 -0.55 -6.40
N TRP A 27 52.68 -0.49 -7.70
CA TRP A 27 53.54 0.25 -8.62
C TRP A 27 53.55 1.75 -8.35
N ASN A 28 52.36 2.35 -8.26
CA ASN A 28 52.23 3.79 -7.99
C ASN A 28 53.09 4.16 -6.78
N ALA A 29 52.89 3.41 -5.69
CA ALA A 29 53.62 3.66 -4.47
C ALA A 29 55.13 3.50 -4.71
N TYR A 30 55.53 2.44 -5.40
CA TYR A 30 56.95 2.22 -5.66
C TYR A 30 57.53 3.32 -6.54
N HIS A 31 56.80 3.67 -7.59
CA HIS A 31 57.25 4.69 -8.53
C HIS A 31 57.43 6.04 -7.87
N HIS A 32 56.51 6.38 -6.97
CA HIS A 32 56.55 7.67 -6.30
C HIS A 32 57.50 7.80 -5.11
N PHE A 33 57.69 6.74 -4.33
CA PHE A 33 58.55 6.85 -3.17
C PHE A 33 59.91 6.13 -3.20
N ALA A 34 60.07 5.16 -4.11
CA ALA A 34 61.32 4.40 -4.16
C ALA A 34 62.08 4.43 -5.48
N PHE A 35 61.37 4.38 -6.60
CA PHE A 35 62.02 4.39 -7.91
C PHE A 35 63.06 5.51 -8.00
N PRO A 36 64.23 5.22 -8.63
CA PRO A 36 64.68 3.97 -9.25
C PRO A 36 65.40 3.02 -8.30
N HIS A 37 65.25 3.22 -7.00
CA HIS A 37 65.91 2.34 -6.03
C HIS A 37 65.31 0.93 -6.15
N ASP A 38 65.92 -0.05 -5.49
CA ASP A 38 65.43 -1.42 -5.60
C ASP A 38 64.07 -1.73 -5.00
N ASP A 39 63.88 -1.43 -3.72
CA ASP A 39 62.61 -1.77 -3.07
C ASP A 39 61.96 -0.65 -2.26
N LEU A 40 60.64 -0.71 -2.16
CA LEU A 40 59.87 0.27 -1.40
C LEU A 40 59.48 -0.24 -0.03
N HIS A 41 59.49 0.66 0.94
CA HIS A 41 59.07 0.35 2.29
C HIS A 41 57.78 1.14 2.41
N PRO A 42 56.65 0.47 2.12
CA PRO A 42 55.28 1.00 2.13
C PRO A 42 54.78 1.80 3.33
N VAL A 43 55.31 1.52 4.53
CA VAL A 43 54.87 2.25 5.71
C VAL A 43 55.66 3.54 5.90
N SER A 44 56.97 3.40 6.07
CA SER A 44 57.83 4.55 6.25
C SER A 44 57.95 5.34 4.93
N ASN A 45 57.54 4.70 3.84
CA ASN A 45 57.63 5.29 2.51
C ASN A 45 59.08 5.56 2.13
N SER A 46 59.99 4.75 2.65
CA SER A 46 61.41 4.88 2.33
C SER A 46 61.79 3.76 1.36
N PHE A 47 63.07 3.52 1.20
CA PHE A 47 63.53 2.50 0.26
C PHE A 47 64.85 1.88 0.69
N ASP A 48 65.29 0.89 -0.08
CA ASP A 48 66.55 0.24 0.17
C ASP A 48 67.12 -0.18 -1.17
N ASP A 49 68.39 -0.59 -1.18
CA ASP A 49 69.04 -1.05 -2.39
C ASP A 49 69.72 -2.41 -2.16
N GLU A 50 68.94 -3.38 -1.69
CA GLU A 50 69.45 -4.75 -1.42
C GLU A 50 69.94 -5.41 -2.70
N ARG A 51 69.40 -4.96 -3.83
CA ARG A 51 69.76 -5.51 -5.12
C ARG A 51 70.79 -4.65 -5.82
N ASN A 52 71.79 -4.20 -5.07
CA ASN A 52 72.87 -3.39 -5.61
C ASN A 52 72.46 -2.05 -6.24
N GLY A 53 71.23 -1.62 -5.97
CA GLY A 53 70.78 -0.33 -6.49
C GLY A 53 70.55 -0.20 -7.98
N TRP A 54 70.29 -1.30 -8.67
CA TRP A 54 70.04 -1.25 -10.10
C TRP A 54 68.56 -1.07 -10.43
N GLY A 55 67.70 -1.03 -9.41
CA GLY A 55 66.28 -0.85 -9.66
C GLY A 55 65.53 -2.17 -9.72
N SER A 56 65.80 -3.03 -8.76
CA SER A 56 65.22 -4.34 -8.65
C SER A 56 63.71 -4.43 -8.96
N SER A 57 62.89 -3.75 -8.16
CA SER A 57 61.44 -3.78 -8.37
C SER A 57 60.99 -3.37 -9.77
N ALA A 58 61.68 -2.42 -10.38
CA ALA A 58 61.28 -1.99 -11.73
C ALA A 58 61.51 -3.06 -12.78
N ILE A 59 62.65 -3.75 -12.71
CA ILE A 59 62.98 -4.80 -13.67
C ILE A 59 62.17 -6.06 -13.43
N ASP A 60 62.04 -6.44 -12.17
CA ASP A 60 61.29 -7.62 -11.77
C ASP A 60 59.80 -7.53 -12.12
N GLY A 61 59.24 -6.32 -12.09
CA GLY A 61 57.82 -6.15 -12.39
C GLY A 61 57.49 -5.86 -13.85
N LEU A 62 58.52 -5.52 -14.63
CA LEU A 62 58.34 -5.19 -16.04
C LEU A 62 57.49 -6.18 -16.84
N ASP A 63 57.85 -7.47 -16.81
CA ASP A 63 57.08 -8.44 -17.58
C ASP A 63 55.69 -8.66 -17.03
N THR A 64 55.51 -8.51 -15.73
CA THR A 64 54.19 -8.67 -15.15
C THR A 64 53.31 -7.57 -15.73
N ALA A 65 53.87 -6.36 -15.83
CA ALA A 65 53.16 -5.21 -16.38
C ALA A 65 52.80 -5.45 -17.84
N ILE A 66 53.65 -6.18 -18.55
CA ILE A 66 53.40 -6.47 -19.96
C ILE A 66 52.22 -7.42 -20.12
N LEU A 67 52.20 -8.49 -19.32
CA LEU A 67 51.12 -9.48 -19.40
C LEU A 67 49.77 -8.93 -18.96
N MET A 68 49.81 -7.86 -18.18
CA MET A 68 48.58 -7.22 -17.69
C MET A 68 48.09 -6.15 -18.65
N GLY A 69 48.88 -5.83 -19.67
CA GLY A 69 48.46 -4.81 -20.61
C GLY A 69 48.65 -3.39 -20.08
N ASP A 70 49.57 -3.21 -19.14
CA ASP A 70 49.84 -1.90 -18.57
C ASP A 70 50.85 -1.12 -19.40
N ALA A 71 50.38 -0.66 -20.55
CA ALA A 71 51.21 0.10 -21.48
C ALA A 71 52.03 1.20 -20.79
N ASP A 72 51.36 2.09 -20.07
CA ASP A 72 52.06 3.19 -19.39
C ASP A 72 53.21 2.78 -18.49
N ILE A 73 52.96 1.84 -17.58
CA ILE A 73 54.01 1.38 -16.70
C ILE A 73 55.15 0.77 -17.52
N VAL A 74 54.80 0.03 -18.57
CA VAL A 74 55.82 -0.60 -19.40
C VAL A 74 56.72 0.46 -20.02
N ASN A 75 56.11 1.50 -20.56
CA ASN A 75 56.87 2.57 -21.18
C ASN A 75 57.80 3.24 -20.17
N THR A 76 57.31 3.47 -18.96
CA THR A 76 58.11 4.11 -17.91
C THR A 76 59.41 3.34 -17.64
N ILE A 77 59.27 2.01 -17.51
CA ILE A 77 60.42 1.15 -17.23
C ILE A 77 61.35 1.05 -18.42
N LEU A 78 60.79 0.88 -19.62
CA LEU A 78 61.60 0.80 -20.82
C LEU A 78 62.48 2.05 -20.99
N GLN A 79 61.95 3.22 -20.63
CA GLN A 79 62.72 4.46 -20.75
C GLN A 79 63.87 4.48 -19.74
N TYR A 80 63.68 3.77 -18.63
CA TYR A 80 64.68 3.69 -17.58
C TYR A 80 65.82 2.70 -17.85
N VAL A 81 65.49 1.53 -18.41
CA VAL A 81 66.49 0.49 -18.68
C VAL A 81 67.83 0.99 -19.24
N PRO A 82 67.80 1.80 -20.32
CA PRO A 82 69.04 2.33 -20.91
C PRO A 82 69.87 3.15 -19.92
N GLN A 83 69.22 3.70 -18.90
CA GLN A 83 69.90 4.51 -17.90
C GLN A 83 70.66 3.70 -16.87
N ILE A 84 70.24 2.46 -16.63
CA ILE A 84 70.94 1.66 -15.63
C ILE A 84 72.40 1.43 -16.00
N ASN A 85 73.27 1.45 -15.01
CA ASN A 85 74.69 1.21 -15.24
C ASN A 85 75.08 -0.14 -14.66
N PHE A 86 74.98 -1.19 -15.47
CA PHE A 86 75.30 -2.55 -15.04
C PHE A 86 76.79 -2.86 -15.08
N THR A 87 77.64 -1.84 -15.08
CA THR A 87 79.08 -2.07 -15.10
C THR A 87 79.70 -1.62 -13.79
N THR A 88 78.86 -1.26 -12.83
CA THR A 88 79.38 -0.80 -11.55
C THR A 88 78.28 -0.80 -10.50
N THR A 89 78.65 -0.40 -9.28
CA THR A 89 77.71 -0.27 -8.18
C THR A 89 77.98 1.10 -7.56
N ALA A 90 76.94 1.76 -7.09
CA ALA A 90 77.10 3.08 -6.48
C ALA A 90 78.08 2.97 -5.33
N VAL A 91 77.95 1.89 -4.57
CA VAL A 91 78.81 1.64 -3.41
C VAL A 91 80.06 0.87 -3.82
N ALA A 92 81.22 1.38 -3.41
CA ALA A 92 82.51 0.76 -3.73
C ALA A 92 82.71 -0.53 -2.96
N ASN A 93 83.31 -1.52 -3.63
CA ASN A 93 83.58 -2.81 -3.01
C ASN A 93 82.32 -3.50 -2.52
N GLN A 94 81.19 -3.21 -3.14
CA GLN A 94 79.94 -3.83 -2.74
C GLN A 94 79.75 -5.20 -3.40
N GLY A 95 79.53 -6.22 -2.59
CA GLY A 95 79.34 -7.56 -3.12
C GLY A 95 78.06 -7.73 -3.90
N SER A 96 78.10 -8.57 -4.94
CA SER A 96 76.93 -8.83 -5.77
C SER A 96 76.63 -10.31 -5.86
N SER A 97 75.40 -10.69 -5.51
CA SER A 97 75.02 -12.10 -5.57
C SER A 97 74.83 -12.53 -7.02
N VAL A 98 75.65 -13.45 -7.49
CA VAL A 98 75.53 -13.95 -8.84
C VAL A 98 74.11 -14.51 -9.04
N PHE A 99 73.66 -15.31 -8.08
CA PHE A 99 72.32 -15.94 -8.11
C PHE A 99 71.14 -14.96 -8.11
N GLU A 100 71.06 -14.12 -7.08
CA GLU A 100 69.96 -13.15 -6.99
C GLU A 100 69.94 -12.21 -8.18
N THR A 101 71.11 -11.76 -8.61
CA THR A 101 71.20 -10.84 -9.74
C THR A 101 70.74 -11.50 -11.04
N ASN A 102 71.13 -12.76 -11.22
CA ASN A 102 70.79 -13.53 -12.38
C ASN A 102 69.28 -13.75 -12.58
N ILE A 103 68.62 -14.30 -11.57
CA ILE A 103 67.21 -14.59 -11.66
C ILE A 103 66.30 -13.36 -11.78
N ARG A 104 66.71 -12.25 -11.15
CA ARG A 104 65.90 -11.02 -11.21
C ARG A 104 66.21 -10.14 -12.43
N TYR A 105 67.42 -9.61 -12.48
CA TYR A 105 67.81 -8.71 -13.57
C TYR A 105 67.92 -9.37 -14.94
N LEU A 106 68.83 -10.33 -15.06
CA LEU A 106 69.01 -11.03 -16.31
C LEU A 106 67.69 -11.67 -16.72
N GLY A 107 67.04 -12.37 -15.80
CA GLY A 107 65.76 -13.00 -16.09
C GLY A 107 64.70 -12.00 -16.50
N GLY A 108 64.59 -10.93 -15.72
CA GLY A 108 63.59 -9.91 -16.01
C GLY A 108 63.76 -9.23 -17.35
N LEU A 109 65.02 -8.94 -17.72
CA LEU A 109 65.33 -8.28 -18.99
C LEU A 109 65.05 -9.21 -20.16
N LEU A 110 65.44 -10.48 -20.01
CA LEU A 110 65.23 -11.48 -21.07
C LEU A 110 63.77 -11.84 -21.28
N SER A 111 62.99 -11.97 -20.21
CA SER A 111 61.58 -12.32 -20.36
C SER A 111 60.86 -11.15 -21.02
N ALA A 112 61.16 -9.94 -20.59
CA ALA A 112 60.55 -8.75 -21.19
C ALA A 112 60.92 -8.70 -22.67
N TYR A 113 62.18 -9.00 -22.97
CA TYR A 113 62.62 -8.97 -24.36
C TYR A 113 61.83 -9.99 -25.20
N ASP A 114 61.73 -11.22 -24.70
CA ASP A 114 61.01 -12.26 -25.43
C ASP A 114 59.53 -11.93 -25.61
N LEU A 115 58.90 -11.33 -24.59
CA LEU A 115 57.50 -10.99 -24.69
C LEU A 115 57.27 -9.82 -25.67
N LEU A 116 58.06 -8.77 -25.53
CA LEU A 116 57.93 -7.59 -26.40
C LEU A 116 58.28 -7.86 -27.87
N ARG A 117 58.96 -8.96 -28.14
CA ARG A 117 59.31 -9.33 -29.51
C ARG A 117 58.40 -10.46 -29.99
N GLY A 118 57.67 -11.05 -29.05
CA GLY A 118 56.78 -12.14 -29.40
C GLY A 118 55.30 -11.78 -29.42
N PRO A 119 54.47 -12.52 -28.67
CA PRO A 119 53.03 -12.32 -28.59
C PRO A 119 52.55 -11.09 -27.83
N PHE A 120 53.47 -10.26 -27.36
CA PHE A 120 53.08 -9.05 -26.64
C PHE A 120 53.81 -7.84 -27.20
N SER A 121 54.25 -7.92 -28.45
CA SER A 121 54.97 -6.82 -29.08
C SER A 121 54.19 -5.52 -29.19
N SER A 122 52.86 -5.61 -29.13
CA SER A 122 52.01 -4.42 -29.22
C SER A 122 52.22 -3.49 -28.04
N LEU A 123 52.53 -4.04 -26.87
CA LEU A 123 52.75 -3.25 -25.66
C LEU A 123 54.01 -2.40 -25.70
N ALA A 124 54.62 -2.28 -26.88
CA ALA A 124 55.83 -1.48 -27.04
C ALA A 124 56.01 -1.10 -28.51
N THR A 125 56.30 0.18 -28.74
CA THR A 125 56.50 0.68 -30.09
C THR A 125 57.97 0.96 -30.39
N ASN A 126 58.64 1.62 -29.47
CA ASN A 126 60.05 1.97 -29.65
C ASN A 126 60.94 0.72 -29.66
N GLN A 127 61.35 0.30 -30.84
CA GLN A 127 62.20 -0.87 -30.99
C GLN A 127 63.59 -0.70 -30.37
N THR A 128 64.07 0.54 -30.32
CA THR A 128 65.38 0.81 -29.74
C THR A 128 65.35 0.53 -28.25
N LEU A 129 64.22 0.80 -27.61
CA LEU A 129 64.07 0.57 -26.18
C LEU A 129 64.02 -0.93 -25.92
N VAL A 130 63.30 -1.64 -26.77
CA VAL A 130 63.22 -3.08 -26.63
C VAL A 130 64.62 -3.68 -26.74
N ASN A 131 65.37 -3.26 -27.75
CA ASN A 131 66.74 -3.74 -27.96
C ASN A 131 67.64 -3.50 -26.75
N SER A 132 67.38 -2.43 -26.01
CA SER A 132 68.18 -2.12 -24.83
C SER A 132 68.13 -3.25 -23.80
N LEU A 133 66.96 -3.85 -23.65
CA LEU A 133 66.78 -4.94 -22.70
C LEU A 133 67.86 -5.99 -22.94
N LEU A 134 67.97 -6.46 -24.17
CA LEU A 134 68.97 -7.47 -24.51
C LEU A 134 70.39 -6.94 -24.37
N ARG A 135 70.62 -5.71 -24.83
CA ARG A 135 71.97 -5.14 -24.73
C ARG A 135 72.38 -5.04 -23.27
N GLN A 136 71.48 -4.54 -22.43
CA GLN A 136 71.79 -4.40 -21.01
C GLN A 136 72.02 -5.76 -20.33
N ALA A 137 71.29 -6.78 -20.79
CA ALA A 137 71.43 -8.12 -20.22
C ALA A 137 72.82 -8.66 -20.51
N GLN A 138 73.28 -8.49 -21.74
CA GLN A 138 74.61 -8.95 -22.11
C GLN A 138 75.67 -8.16 -21.36
N THR A 139 75.45 -6.86 -21.17
CA THR A 139 76.41 -6.04 -20.43
C THR A 139 76.54 -6.57 -19.00
N LEU A 140 75.40 -6.87 -18.37
CA LEU A 140 75.38 -7.40 -17.01
C LEU A 140 76.14 -8.73 -16.97
N ALA A 141 75.77 -9.63 -17.89
CA ALA A 141 76.40 -10.94 -17.94
C ALA A 141 77.90 -10.87 -18.18
N ASN A 142 78.36 -9.88 -18.93
CA ASN A 142 79.79 -9.77 -19.19
C ASN A 142 80.58 -9.46 -17.92
N GLY A 143 79.88 -8.96 -16.90
CA GLY A 143 80.56 -8.66 -15.65
C GLY A 143 80.42 -9.86 -14.73
N LEU A 144 79.21 -10.41 -14.73
CA LEU A 144 78.90 -11.56 -13.89
C LEU A 144 79.75 -12.77 -14.26
N LYS A 145 80.11 -12.90 -15.53
CA LYS A 145 80.87 -14.06 -15.98
C LYS A 145 82.20 -14.30 -15.26
N VAL A 146 82.73 -13.28 -14.58
CA VAL A 146 83.99 -13.44 -13.86
C VAL A 146 83.81 -14.49 -12.74
N ALA A 147 82.56 -14.76 -12.40
CA ALA A 147 82.20 -15.73 -11.39
C ALA A 147 82.68 -17.14 -11.76
N PHE A 148 82.74 -17.41 -13.06
CA PHE A 148 83.18 -18.72 -13.54
C PHE A 148 84.67 -18.89 -13.70
N THR A 149 85.45 -17.90 -13.28
CA THR A 149 86.91 -17.99 -13.41
C THR A 149 87.56 -18.75 -12.26
N THR A 150 86.89 -19.79 -11.79
CA THR A 150 87.42 -20.62 -10.71
C THR A 150 88.19 -21.77 -11.38
N PRO A 151 89.04 -22.47 -10.62
CA PRO A 151 89.81 -23.59 -11.17
C PRO A 151 88.96 -24.69 -11.80
N SER A 152 87.79 -24.96 -11.21
CA SER A 152 86.89 -26.00 -11.73
C SER A 152 85.86 -25.49 -12.73
N GLY A 153 85.49 -24.22 -12.61
CA GLY A 153 84.49 -23.67 -13.49
C GLY A 153 83.21 -23.49 -12.70
N VAL A 154 83.16 -24.05 -11.48
CA VAL A 154 82.00 -23.90 -10.62
C VAL A 154 82.00 -22.42 -10.25
N PRO A 155 80.90 -21.72 -10.54
CA PRO A 155 80.79 -20.29 -10.25
C PRO A 155 80.99 -19.91 -8.78
N ASP A 156 81.64 -18.75 -8.58
CA ASP A 156 81.87 -18.19 -7.26
C ASP A 156 80.54 -17.46 -7.05
N PRO A 157 79.92 -17.61 -5.87
CA PRO A 157 78.63 -16.98 -5.55
C PRO A 157 78.60 -15.44 -5.50
N THR A 158 79.75 -14.83 -5.25
CA THR A 158 79.83 -13.37 -5.15
C THR A 158 80.92 -12.76 -6.03
N VAL A 159 80.60 -11.64 -6.67
CA VAL A 159 81.54 -10.89 -7.49
C VAL A 159 81.46 -9.41 -7.15
N PHE A 160 82.38 -8.63 -7.68
CA PHE A 160 82.42 -7.19 -7.45
C PHE A 160 82.67 -6.48 -8.79
N PHE A 161 82.08 -5.29 -8.96
CA PHE A 161 82.23 -4.52 -10.19
C PHE A 161 83.00 -3.22 -9.94
N ASN A 162 82.92 -2.75 -8.70
CA ASN A 162 83.54 -1.51 -8.30
C ASN A 162 84.56 -1.79 -7.20
N PRO A 163 85.84 -1.42 -7.41
CA PRO A 163 86.52 -0.72 -8.50
C PRO A 163 86.72 -1.49 -9.84
N THR A 164 86.83 -2.81 -9.80
CA THR A 164 86.97 -3.57 -11.04
C THR A 164 86.21 -4.90 -10.96
N VAL A 165 86.07 -5.58 -12.10
CA VAL A 165 85.37 -6.85 -12.13
C VAL A 165 86.24 -7.94 -11.51
N ARG A 166 85.79 -8.50 -10.39
CA ARG A 166 86.53 -9.55 -9.69
C ARG A 166 85.63 -10.57 -8.98
N ARG A 167 86.21 -11.74 -8.74
CA ARG A 167 85.56 -12.87 -8.05
C ARG A 167 85.75 -12.61 -6.57
N SER A 168 84.87 -13.14 -5.73
CA SER A 168 85.02 -12.96 -4.29
C SER A 168 86.12 -13.91 -3.80
N GLY A 169 86.31 -15.02 -4.49
CA GLY A 169 87.31 -15.99 -4.10
C GLY A 169 86.80 -17.05 -3.15
N ALA A 170 85.48 -17.22 -3.06
CA ALA A 170 84.92 -18.23 -2.18
C ALA A 170 85.46 -19.59 -2.60
N SER A 171 85.49 -20.53 -1.66
CA SER A 171 86.00 -21.87 -1.94
C SER A 171 84.90 -22.90 -2.22
N SER A 172 83.64 -22.48 -2.07
CA SER A 172 82.50 -23.36 -2.33
C SER A 172 81.23 -22.55 -2.54
N ASN A 173 80.20 -23.22 -3.05
CA ASN A 173 78.92 -22.60 -3.33
C ASN A 173 77.85 -23.69 -3.12
N ASN A 174 76.58 -23.31 -3.08
CA ASN A 174 75.50 -24.29 -2.92
C ASN A 174 74.90 -24.63 -4.28
N VAL A 175 74.28 -25.81 -4.38
CA VAL A 175 73.70 -26.28 -5.63
C VAL A 175 72.61 -25.38 -6.18
N ALA A 176 71.80 -24.77 -5.32
CA ALA A 176 70.76 -23.89 -5.84
C ALA A 176 71.38 -22.72 -6.61
N GLU A 177 72.38 -22.05 -6.03
CA GLU A 177 72.99 -20.90 -6.70
C GLU A 177 73.84 -21.26 -7.92
N ILE A 178 74.39 -22.48 -7.90
CA ILE A 178 75.19 -22.96 -9.01
C ILE A 178 74.27 -23.44 -10.13
N GLY A 179 73.21 -24.15 -9.75
CA GLY A 179 72.28 -24.70 -10.73
C GLY A 179 71.09 -23.86 -11.15
N SER A 180 71.12 -22.56 -10.85
CA SER A 180 70.02 -21.69 -11.24
C SER A 180 70.51 -20.60 -12.18
N LEU A 181 71.54 -20.90 -12.97
CA LEU A 181 72.10 -19.96 -13.92
C LEU A 181 71.98 -20.42 -15.36
N VAL A 182 71.89 -21.73 -15.55
CA VAL A 182 71.81 -22.36 -16.87
C VAL A 182 70.68 -21.88 -17.78
N LEU A 183 69.48 -21.72 -17.23
CA LEU A 183 68.34 -21.28 -18.05
C LEU A 183 68.58 -19.90 -18.67
N GLU A 184 68.87 -18.90 -17.85
CA GLU A 184 69.05 -17.57 -18.41
C GLU A 184 70.32 -17.34 -19.20
N TRP A 185 71.39 -18.03 -18.85
CA TRP A 185 72.65 -17.90 -19.57
C TRP A 185 72.60 -18.61 -20.92
N THR A 186 71.87 -19.72 -20.99
CA THR A 186 71.73 -20.43 -22.25
C THR A 186 70.82 -19.60 -23.15
N ARG A 187 69.81 -18.99 -22.55
CA ARG A 187 68.86 -18.15 -23.28
C ARG A 187 69.63 -16.96 -23.87
N LEU A 188 70.54 -16.40 -23.09
CA LEU A 188 71.33 -15.26 -23.56
C LEU A 188 72.20 -15.64 -24.78
N SER A 189 72.87 -16.79 -24.72
CA SER A 189 73.70 -17.24 -25.84
C SER A 189 72.86 -17.39 -27.10
N ASP A 190 71.67 -17.97 -26.94
CA ASP A 190 70.80 -18.17 -28.09
C ASP A 190 70.33 -16.84 -28.68
N LEU A 191 70.11 -15.86 -27.82
CA LEU A 191 69.65 -14.54 -28.25
C LEU A 191 70.76 -13.68 -28.84
N THR A 192 71.98 -13.83 -28.31
CA THR A 192 73.12 -13.04 -28.77
C THR A 192 73.98 -13.73 -29.83
N GLY A 193 73.97 -15.06 -29.86
CA GLY A 193 74.79 -15.76 -30.83
C GLY A 193 76.18 -16.04 -30.26
N ASN A 194 76.42 -15.62 -29.03
CA ASN A 194 77.69 -15.83 -28.35
C ASN A 194 77.53 -17.06 -27.43
N PRO A 195 78.11 -18.21 -27.83
CA PRO A 195 78.07 -19.47 -27.09
C PRO A 195 78.72 -19.50 -25.70
N GLN A 196 79.62 -18.55 -25.45
CA GLN A 196 80.32 -18.48 -24.17
C GLN A 196 79.39 -18.56 -22.94
N TYR A 197 78.34 -17.76 -22.92
CA TYR A 197 77.42 -17.73 -21.77
C TYR A 197 76.90 -19.11 -21.39
N ALA A 198 76.33 -19.83 -22.34
CA ALA A 198 75.81 -21.18 -22.11
C ALA A 198 76.92 -22.14 -21.67
N GLN A 199 78.08 -22.05 -22.33
CA GLN A 199 79.21 -22.91 -22.03
C GLN A 199 79.64 -22.81 -20.56
N LEU A 200 79.70 -21.58 -20.07
CA LEU A 200 80.09 -21.31 -18.71
C LEU A 200 79.10 -21.89 -17.70
N ALA A 201 77.83 -21.58 -17.88
CA ALA A 201 76.80 -22.06 -16.97
C ALA A 201 76.68 -23.58 -16.95
N GLN A 202 76.72 -24.16 -18.13
CA GLN A 202 76.61 -25.60 -18.28
C GLN A 202 77.79 -26.37 -17.72
N LYS A 203 78.97 -25.75 -17.72
CA LYS A 203 80.14 -26.40 -17.19
C LYS A 203 79.99 -26.48 -15.68
N GLY A 204 79.58 -25.38 -15.07
CA GLY A 204 79.41 -25.39 -13.63
C GLY A 204 78.32 -26.38 -13.23
N GLU A 205 77.33 -26.52 -14.10
CA GLU A 205 76.20 -27.43 -13.86
C GLU A 205 76.63 -28.89 -13.97
N SER A 206 77.57 -29.16 -14.87
CA SER A 206 78.05 -30.52 -15.12
C SER A 206 78.47 -31.27 -13.86
N TYR A 207 79.10 -30.57 -12.92
CA TYR A 207 79.56 -31.15 -11.67
C TYR A 207 78.41 -31.65 -10.79
N LEU A 208 77.24 -31.07 -10.99
CA LEU A 208 76.04 -31.43 -10.24
C LEU A 208 75.28 -32.60 -10.84
N LEU A 209 75.51 -32.86 -12.13
CA LEU A 209 74.82 -33.94 -12.82
C LEU A 209 75.45 -35.31 -12.60
N ASN A 210 76.76 -35.32 -12.36
CA ASN A 210 77.49 -36.57 -12.08
C ASN A 210 78.28 -36.27 -10.80
N PRO A 211 77.56 -36.20 -9.68
CA PRO A 211 78.12 -35.91 -8.35
C PRO A 211 79.26 -36.79 -7.91
N LYS A 212 80.39 -36.16 -7.58
CA LYS A 212 81.56 -36.87 -7.11
C LYS A 212 81.93 -36.31 -5.75
N GLY A 213 82.33 -37.19 -4.84
CA GLY A 213 82.68 -36.79 -3.49
C GLY A 213 81.75 -37.53 -2.53
N SER A 214 80.97 -36.79 -1.74
CA SER A 214 80.05 -37.40 -0.81
C SER A 214 79.01 -38.22 -1.58
N PRO A 215 78.66 -39.41 -1.06
CA PRO A 215 77.66 -40.27 -1.73
C PRO A 215 76.28 -39.62 -1.71
N GLU A 216 75.47 -39.91 -2.72
CA GLU A 216 74.13 -39.33 -2.78
C GLU A 216 73.28 -39.96 -1.69
N ALA A 217 72.49 -39.15 -1.00
CA ALA A 217 71.63 -39.68 0.06
C ALA A 217 70.78 -40.75 -0.60
N TRP A 218 70.28 -40.42 -1.79
CA TRP A 218 69.46 -41.31 -2.59
C TRP A 218 69.72 -40.92 -4.03
N PRO A 219 69.48 -41.84 -4.97
CA PRO A 219 69.71 -41.54 -6.39
C PRO A 219 69.06 -40.22 -6.79
N GLY A 220 69.87 -39.28 -7.29
CA GLY A 220 69.33 -38.00 -7.70
C GLY A 220 69.31 -36.94 -6.60
N LEU A 221 69.36 -37.37 -5.34
CA LEU A 221 69.36 -36.43 -4.22
C LEU A 221 70.79 -36.15 -3.78
N ILE A 222 71.36 -35.12 -4.40
CA ILE A 222 72.73 -34.68 -4.17
C ILE A 222 72.95 -33.83 -2.92
N GLY A 223 74.21 -33.51 -2.67
CA GLY A 223 74.57 -32.70 -1.51
C GLY A 223 74.27 -31.23 -1.78
N THR A 224 74.53 -30.38 -0.79
CA THR A 224 74.24 -28.95 -0.88
C THR A 224 75.40 -28.05 -1.32
N PHE A 225 76.60 -28.32 -0.80
CA PHE A 225 77.75 -27.49 -1.13
C PHE A 225 78.80 -28.16 -2.01
N VAL A 226 79.23 -27.40 -3.02
CA VAL A 226 80.21 -27.87 -3.99
C VAL A 226 81.47 -26.99 -4.00
N SER A 227 82.62 -27.65 -3.98
CA SER A 227 83.93 -27.00 -3.98
C SER A 227 84.17 -26.24 -5.28
N THR A 228 84.64 -25.00 -5.18
CA THR A 228 84.91 -24.20 -6.38
C THR A 228 86.25 -24.57 -7.00
N SER A 229 87.15 -25.17 -6.21
CA SER A 229 88.46 -25.58 -6.70
C SER A 229 88.43 -26.89 -7.49
N ASN A 230 87.60 -27.85 -7.09
CA ASN A 230 87.54 -29.12 -7.82
C ASN A 230 86.15 -29.66 -8.12
N GLY A 231 85.13 -28.86 -7.81
CA GLY A 231 83.76 -29.25 -8.06
C GLY A 231 83.27 -30.55 -7.42
N THR A 232 83.82 -30.90 -6.27
CA THR A 232 83.39 -32.12 -5.61
C THR A 232 82.46 -31.81 -4.44
N PHE A 233 81.55 -32.73 -4.14
CA PHE A 233 80.63 -32.52 -3.03
C PHE A 233 81.31 -32.88 -1.72
N GLN A 234 80.88 -32.21 -0.64
CA GLN A 234 81.45 -32.45 0.68
C GLN A 234 80.40 -32.85 1.72
N ASP A 235 79.15 -33.02 1.28
CA ASP A 235 78.07 -33.40 2.18
C ASP A 235 76.98 -34.16 1.43
N SER A 236 76.09 -34.80 2.18
CA SER A 236 75.00 -35.55 1.60
C SER A 236 73.65 -35.04 2.12
N SER A 237 73.56 -33.75 2.36
CA SER A 237 72.33 -33.16 2.86
C SER A 237 71.64 -32.31 1.80
N GLY A 238 70.34 -32.08 1.96
CA GLY A 238 69.63 -31.28 0.99
C GLY A 238 68.15 -31.20 1.32
N SER A 239 67.37 -30.64 0.40
CA SER A 239 65.93 -30.49 0.56
C SER A 239 65.37 -29.81 -0.66
N TRP A 240 64.07 -29.47 -0.61
CA TRP A 240 63.45 -28.77 -1.72
C TRP A 240 63.23 -27.30 -1.34
N SER A 241 64.05 -26.80 -0.42
CA SER A 241 63.92 -25.41 0.00
C SER A 241 65.25 -24.65 -0.17
N GLY A 242 65.49 -23.69 0.72
CA GLY A 242 66.71 -22.89 0.63
C GLY A 242 67.99 -23.66 0.34
N LEU A 243 68.82 -23.08 -0.53
CA LEU A 243 70.11 -23.67 -0.90
C LEU A 243 70.09 -24.82 -1.90
N MET A 244 68.91 -25.33 -2.26
CA MET A 244 68.83 -26.44 -3.21
C MET A 244 67.63 -26.39 -4.14
N ASP A 245 66.49 -25.91 -3.65
CA ASP A 245 65.25 -25.84 -4.43
C ASP A 245 65.35 -25.58 -5.93
N SER A 246 65.78 -24.40 -6.33
CA SER A 246 65.83 -24.06 -7.74
C SER A 246 66.72 -24.94 -8.63
N PHE A 247 67.61 -25.74 -8.03
CA PHE A 247 68.47 -26.63 -8.81
C PHE A 247 67.63 -27.74 -9.47
N TYR A 248 66.82 -28.43 -8.65
CA TYR A 248 65.94 -29.48 -9.15
C TYR A 248 64.95 -28.88 -10.14
N GLU A 249 64.47 -27.68 -9.83
CA GLU A 249 63.51 -26.97 -10.67
C GLU A 249 64.03 -26.76 -12.10
N TYR A 250 65.24 -26.22 -12.22
CA TYR A 250 65.80 -25.94 -13.53
C TYR A 250 66.15 -27.19 -14.35
N LEU A 251 66.29 -28.32 -13.68
CA LEU A 251 66.61 -29.56 -14.35
C LEU A 251 65.51 -29.91 -15.36
N ILE A 252 64.26 -29.92 -14.90
CA ILE A 252 63.15 -30.24 -15.78
C ILE A 252 62.81 -29.05 -16.68
N LYS A 253 63.07 -27.84 -16.22
CA LYS A 253 62.77 -26.67 -17.03
C LYS A 253 63.68 -26.54 -18.25
N MET A 254 64.90 -27.05 -18.13
CA MET A 254 65.86 -27.04 -19.23
C MET A 254 65.36 -28.03 -20.28
N TYR A 255 64.69 -29.08 -19.82
CA TYR A 255 64.16 -30.09 -20.73
C TYR A 255 63.04 -29.49 -21.57
N LEU A 256 62.32 -28.53 -21.00
CA LEU A 256 61.23 -27.87 -21.72
C LEU A 256 61.89 -26.92 -22.72
N TYR A 257 62.95 -26.24 -22.28
CA TYR A 257 63.66 -25.29 -23.13
C TYR A 257 64.21 -25.96 -24.39
N ASP A 258 64.63 -27.21 -24.26
CA ASP A 258 65.14 -28.00 -25.39
C ASP A 258 65.28 -29.46 -24.96
N PRO A 259 64.26 -30.28 -25.25
CA PRO A 259 64.21 -31.71 -24.90
C PRO A 259 65.40 -32.54 -25.39
N VAL A 260 66.00 -32.14 -26.50
CA VAL A 260 67.13 -32.88 -27.03
C VAL A 260 68.43 -32.53 -26.32
N ALA A 261 68.82 -31.26 -26.37
CA ALA A 261 70.05 -30.83 -25.73
C ALA A 261 70.14 -31.14 -24.25
N PHE A 262 69.01 -31.06 -23.55
CA PHE A 262 69.02 -31.29 -22.10
C PHE A 262 68.24 -32.51 -21.61
N ALA A 263 68.19 -33.54 -22.45
CA ALA A 263 67.50 -34.79 -22.11
C ALA A 263 68.15 -35.42 -20.88
N HIS A 264 69.45 -35.21 -20.72
CA HIS A 264 70.16 -35.77 -19.58
C HIS A 264 69.73 -35.08 -18.29
N TYR A 265 69.40 -33.79 -18.41
CA TYR A 265 68.93 -33.00 -17.26
C TYR A 265 67.62 -33.61 -16.79
N LYS A 266 66.81 -34.02 -17.76
CA LYS A 266 65.52 -34.64 -17.51
C LYS A 266 65.69 -35.93 -16.71
N ASP A 267 66.70 -36.73 -17.08
CA ASP A 267 66.96 -37.99 -16.36
C ASP A 267 67.37 -37.72 -14.91
N ARG A 268 68.19 -36.70 -14.68
CA ARG A 268 68.62 -36.40 -13.31
C ARG A 268 67.42 -35.94 -12.45
N TRP A 269 66.45 -35.29 -13.10
CA TRP A 269 65.25 -34.82 -12.43
C TRP A 269 64.38 -36.01 -12.00
N VAL A 270 64.21 -36.96 -12.92
CA VAL A 270 63.39 -38.14 -12.67
C VAL A 270 63.89 -38.93 -11.45
N LEU A 271 65.21 -39.03 -11.32
CA LEU A 271 65.80 -39.73 -10.17
C LEU A 271 65.44 -38.94 -8.92
N GLY A 272 65.68 -37.64 -8.98
CA GLY A 272 65.35 -36.78 -7.86
C GLY A 272 63.88 -36.95 -7.50
N ALA A 273 63.01 -36.71 -8.49
CA ALA A 273 61.57 -36.82 -8.31
C ALA A 273 61.12 -38.13 -7.69
N ASP A 274 61.58 -39.24 -8.26
CA ASP A 274 61.22 -40.55 -7.76
C ASP A 274 61.76 -40.77 -6.35
N SER A 275 62.96 -40.27 -6.08
CA SER A 275 63.53 -40.42 -4.76
C SER A 275 62.83 -39.56 -3.69
N THR A 276 62.37 -38.36 -4.03
CA THR A 276 61.70 -37.57 -3.00
C THR A 276 60.31 -38.13 -2.73
N ILE A 277 59.73 -38.76 -3.76
CA ILE A 277 58.42 -39.35 -3.61
C ILE A 277 58.46 -40.58 -2.72
N GLY A 278 59.50 -41.40 -2.88
CA GLY A 278 59.61 -42.60 -2.07
C GLY A 278 60.31 -42.43 -0.74
N HIS A 279 61.00 -41.30 -0.54
CA HIS A 279 61.74 -41.09 0.70
C HIS A 279 61.54 -39.76 1.44
N LEU A 280 61.20 -38.70 0.71
CA LEU A 280 61.01 -37.39 1.32
C LEU A 280 59.55 -37.09 1.66
N GLY A 281 58.62 -37.79 1.00
CA GLY A 281 57.21 -37.58 1.27
C GLY A 281 56.97 -37.91 2.72
N SER A 282 56.39 -36.98 3.48
CA SER A 282 56.15 -37.22 4.89
C SER A 282 54.72 -36.83 5.28
N HIS A 283 54.14 -37.58 6.23
CA HIS A 283 52.77 -37.31 6.66
C HIS A 283 52.70 -36.94 8.14
N PRO A 284 52.07 -35.80 8.47
CA PRO A 284 51.95 -35.40 9.88
C PRO A 284 51.18 -36.44 10.67
N SER A 285 51.69 -36.77 11.86
CA SER A 285 51.05 -37.77 12.69
C SER A 285 49.57 -37.46 13.01
N THR A 286 49.21 -36.18 13.11
CA THR A 286 47.83 -35.81 13.41
C THR A 286 46.97 -35.61 12.18
N ARG A 287 47.60 -35.52 11.02
CA ARG A 287 46.91 -35.33 9.75
C ARG A 287 47.61 -36.13 8.66
N LYS A 288 47.38 -37.44 8.64
CA LYS A 288 47.99 -38.32 7.66
C LYS A 288 47.63 -37.94 6.22
N ASP A 289 46.42 -37.43 6.03
CA ASP A 289 45.95 -37.02 4.70
C ASP A 289 46.84 -35.95 4.09
N LEU A 290 47.68 -35.35 4.91
CA LEU A 290 48.58 -34.30 4.43
C LEU A 290 49.93 -34.87 4.05
N THR A 291 50.55 -34.24 3.05
CA THR A 291 51.86 -34.67 2.62
C THR A 291 52.79 -33.48 2.45
N PHE A 292 53.90 -33.48 3.19
CA PHE A 292 54.91 -32.42 3.11
C PHE A 292 56.26 -33.04 2.71
N LEU A 293 57.21 -32.20 2.34
CA LEU A 293 58.54 -32.68 1.96
C LEU A 293 59.51 -32.45 3.13
N SER A 294 60.16 -33.53 3.56
CA SER A 294 61.14 -33.44 4.65
C SER A 294 62.49 -33.10 4.03
N SER A 295 63.42 -32.65 4.86
CA SER A 295 64.77 -32.33 4.42
C SER A 295 65.54 -33.61 4.69
N TYR A 296 66.78 -33.69 4.22
CA TYR A 296 67.54 -34.91 4.43
C TYR A 296 69.03 -34.71 4.61
N ASN A 297 69.66 -35.71 5.19
CA ASN A 297 71.08 -35.74 5.43
C ASN A 297 71.39 -37.21 5.56
N GLY A 298 71.94 -37.78 4.49
CA GLY A 298 72.21 -39.20 4.48
C GLY A 298 70.87 -39.85 4.24
N GLN A 299 70.65 -41.01 4.85
CA GLN A 299 69.38 -41.71 4.69
C GLN A 299 68.39 -41.23 5.76
N SER A 300 68.76 -40.21 6.52
CA SER A 300 67.86 -39.69 7.55
C SER A 300 67.14 -38.43 7.07
N THR A 301 65.86 -38.31 7.42
CA THR A 301 65.06 -37.17 7.00
C THR A 301 64.54 -36.40 8.22
N SER A 302 64.31 -35.10 8.04
CA SER A 302 63.83 -34.27 9.14
C SER A 302 62.48 -33.63 8.79
N PRO A 303 61.46 -33.86 9.65
CA PRO A 303 60.09 -33.34 9.51
C PRO A 303 59.92 -31.82 9.55
N ASN A 304 60.71 -31.10 8.76
CA ASN A 304 60.61 -29.64 8.71
C ASN A 304 60.53 -29.11 7.28
N SER A 305 59.79 -28.03 7.08
CA SER A 305 59.62 -27.45 5.76
C SER A 305 59.18 -26.00 5.88
N GLY A 306 58.83 -25.38 4.76
CA GLY A 306 58.42 -23.99 4.82
C GLY A 306 57.86 -23.51 3.50
N HIS A 307 57.60 -22.21 3.42
CA HIS A 307 57.03 -21.62 2.23
C HIS A 307 57.87 -21.78 0.95
N LEU A 308 59.18 -21.85 1.08
CA LEU A 308 60.04 -22.01 -0.10
C LEU A 308 59.78 -23.34 -0.79
N ALA A 309 59.64 -24.40 0.00
CA ALA A 309 59.41 -25.73 -0.56
C ALA A 309 58.02 -25.89 -1.17
N SER A 310 57.12 -24.94 -0.94
CA SER A 310 55.78 -25.09 -1.49
C SER A 310 55.74 -24.94 -3.01
N PHE A 311 56.85 -24.57 -3.63
CA PHE A 311 56.91 -24.41 -5.08
C PHE A 311 56.97 -25.80 -5.71
N GLY A 312 57.35 -26.78 -4.90
CA GLY A 312 57.47 -28.15 -5.37
C GLY A 312 56.27 -28.67 -6.13
N GLY A 313 55.08 -28.41 -5.62
CA GLY A 313 53.86 -28.88 -6.27
C GLY A 313 53.79 -28.56 -7.75
N GLY A 314 54.09 -27.32 -8.09
CA GLY A 314 54.06 -26.91 -9.47
C GLY A 314 55.16 -27.58 -10.28
N ASN A 315 56.31 -27.82 -9.66
CA ASN A 315 57.40 -28.45 -10.38
C ASN A 315 57.09 -29.89 -10.78
N PHE A 316 56.54 -30.68 -9.84
CA PHE A 316 56.18 -32.06 -10.14
C PHE A 316 55.11 -32.11 -11.24
N ILE A 317 54.19 -31.15 -11.16
CA ILE A 317 53.13 -31.04 -12.15
C ILE A 317 53.76 -30.74 -13.50
N LEU A 318 54.66 -29.76 -13.55
CA LEU A 318 55.32 -29.42 -14.80
C LEU A 318 56.00 -30.65 -15.40
N GLY A 319 56.72 -31.38 -14.55
CA GLY A 319 57.39 -32.60 -14.99
C GLY A 319 56.42 -33.63 -15.51
N GLY A 320 55.25 -33.74 -14.87
CA GLY A 320 54.24 -34.69 -15.30
C GLY A 320 53.67 -34.34 -16.66
N ILE A 321 53.58 -33.04 -16.95
CA ILE A 321 53.07 -32.59 -18.24
C ILE A 321 54.09 -32.93 -19.32
N LEU A 322 55.31 -32.42 -19.16
CA LEU A 322 56.39 -32.67 -20.12
C LEU A 322 56.71 -34.14 -20.34
N LEU A 323 56.47 -34.98 -19.33
CA LEU A 323 56.78 -36.39 -19.47
C LEU A 323 55.58 -37.30 -19.64
N ASN A 324 54.38 -36.73 -19.68
CA ASN A 324 53.15 -37.51 -19.81
C ASN A 324 53.05 -38.58 -18.73
N GLU A 325 53.50 -38.25 -17.53
CA GLU A 325 53.47 -39.15 -16.39
C GLU A 325 52.51 -38.68 -15.30
N GLN A 326 51.33 -39.31 -15.23
CA GLN A 326 50.32 -38.97 -14.24
C GLN A 326 50.82 -38.97 -12.81
N LYS A 327 51.73 -39.91 -12.50
CA LYS A 327 52.27 -40.03 -11.16
C LYS A 327 52.82 -38.70 -10.64
N TYR A 328 53.59 -38.00 -11.47
CA TYR A 328 54.18 -36.71 -11.07
C TYR A 328 53.09 -35.66 -10.92
N ILE A 329 52.08 -35.72 -11.76
CA ILE A 329 50.98 -34.78 -11.65
C ILE A 329 50.22 -35.03 -10.35
N ASP A 330 49.86 -36.29 -10.07
CA ASP A 330 49.14 -36.62 -8.84
C ASP A 330 49.91 -36.16 -7.61
N PHE A 331 51.21 -36.46 -7.59
CA PHE A 331 52.03 -36.09 -6.45
C PHE A 331 52.09 -34.57 -6.32
N GLY A 332 52.22 -33.87 -7.44
CA GLY A 332 52.25 -32.41 -7.40
C GLY A 332 50.95 -31.82 -6.87
N ILE A 333 49.82 -32.39 -7.28
CA ILE A 333 48.51 -31.93 -6.84
C ILE A 333 48.39 -32.08 -5.32
N LYS A 334 48.88 -33.20 -4.80
CA LYS A 334 48.84 -33.48 -3.38
C LYS A 334 49.69 -32.46 -2.63
N LEU A 335 50.83 -32.10 -3.24
CA LEU A 335 51.75 -31.16 -2.64
C LEU A 335 51.13 -29.76 -2.59
N ALA A 336 50.56 -29.33 -3.70
CA ALA A 336 49.95 -28.02 -3.77
C ALA A 336 48.85 -27.92 -2.72
N SER A 337 48.05 -28.98 -2.61
CA SER A 337 46.96 -29.06 -1.66
C SER A 337 47.42 -29.05 -0.22
N SER A 338 48.44 -29.85 0.08
CA SER A 338 48.96 -29.94 1.43
C SER A 338 49.54 -28.62 1.93
N TYR A 339 50.34 -27.99 1.09
CA TYR A 339 50.95 -26.72 1.45
C TYR A 339 49.92 -25.60 1.55
N PHE A 340 48.80 -25.74 0.84
CA PHE A 340 47.77 -24.72 0.95
C PHE A 340 47.11 -24.84 2.32
N GLY A 341 47.15 -26.05 2.88
CA GLY A 341 46.58 -26.30 4.19
C GLY A 341 47.28 -25.51 5.29
N THR A 342 48.50 -25.04 5.02
CA THR A 342 49.24 -24.24 6.02
C THR A 342 48.79 -22.79 5.90
N TYR A 343 48.06 -22.50 4.84
CA TYR A 343 47.52 -21.17 4.59
C TYR A 343 46.13 -21.10 5.24
N THR A 344 45.25 -21.99 4.78
CA THR A 344 43.87 -22.08 5.21
C THR A 344 43.63 -22.38 6.70
N GLN A 345 44.63 -22.91 7.39
CA GLN A 345 44.43 -23.22 8.80
C GLN A 345 44.97 -22.22 9.83
N THR A 346 45.69 -21.20 9.38
CA THR A 346 46.19 -20.20 10.33
C THR A 346 45.07 -19.20 10.58
N ALA A 347 45.27 -18.30 11.55
CA ALA A 347 44.27 -17.31 11.86
C ALA A 347 44.18 -16.28 10.73
N SER A 348 45.30 -15.95 10.11
CA SER A 348 45.26 -14.97 9.03
C SER A 348 44.90 -15.59 7.67
N GLY A 349 44.97 -16.91 7.58
CA GLY A 349 44.69 -17.56 6.32
C GLY A 349 45.91 -17.50 5.41
N ILE A 350 47.06 -17.11 5.97
CA ILE A 350 48.31 -17.02 5.22
C ILE A 350 49.31 -18.06 5.78
N GLY A 351 50.04 -18.72 4.88
CA GLY A 351 51.00 -19.74 5.29
C GLY A 351 52.24 -19.23 6.00
N PRO A 352 52.79 -20.00 6.95
CA PRO A 352 53.99 -19.62 7.70
C PRO A 352 55.28 -19.77 6.88
N GLU A 353 56.33 -19.09 7.30
CA GLU A 353 57.62 -19.13 6.62
C GLU A 353 58.27 -20.49 6.86
N GLY A 354 58.11 -20.98 8.07
CA GLY A 354 58.65 -22.28 8.44
C GLY A 354 57.68 -22.98 9.36
N PHE A 355 57.51 -24.29 9.16
CA PHE A 355 56.62 -25.09 9.98
C PHE A 355 57.16 -26.49 10.12
N ALA A 356 56.68 -27.23 11.12
CA ALA A 356 57.16 -28.59 11.36
C ALA A 356 56.05 -29.53 11.84
N TRP A 357 56.35 -30.83 11.85
CA TRP A 357 55.36 -31.80 12.29
C TRP A 357 56.06 -33.04 12.83
N VAL A 358 55.28 -34.07 13.13
CA VAL A 358 55.83 -35.32 13.62
C VAL A 358 55.63 -36.34 12.51
N ASP A 359 56.71 -36.92 12.01
CA ASP A 359 56.60 -37.91 10.94
C ASP A 359 55.73 -39.07 11.44
N SER A 360 54.65 -39.36 10.73
CA SER A 360 53.74 -40.43 11.15
C SER A 360 54.34 -41.83 11.08
N VAL A 361 55.38 -42.00 10.28
CA VAL A 361 56.00 -43.31 10.13
C VAL A 361 57.16 -43.53 11.08
N THR A 362 58.23 -42.77 10.92
CA THR A 362 59.39 -42.93 11.77
C THR A 362 59.25 -42.32 13.15
N GLY A 363 58.13 -41.66 13.41
CA GLY A 363 57.94 -41.04 14.72
C GLY A 363 58.89 -39.88 14.91
N ALA A 364 59.73 -39.61 13.91
CA ALA A 364 60.70 -38.52 13.98
C ALA A 364 60.02 -37.17 14.12
N GLY A 365 60.83 -36.13 14.28
CA GLY A 365 60.27 -34.81 14.42
C GLY A 365 60.21 -34.48 15.88
N GLY A 366 60.06 -33.21 16.21
CA GLY A 366 60.03 -32.85 17.60
C GLY A 366 58.71 -33.11 18.28
N SER A 367 58.27 -32.09 18.99
CA SER A 367 57.03 -32.12 19.70
C SER A 367 56.54 -30.68 19.67
N PRO A 368 55.26 -30.50 19.32
CA PRO A 368 54.67 -29.16 19.25
C PRO A 368 54.97 -28.33 20.50
N PRO A 369 55.35 -27.06 20.31
CA PRO A 369 55.62 -26.25 21.50
C PRO A 369 54.29 -26.16 22.26
N SER A 370 54.36 -26.14 23.59
CA SER A 370 53.16 -26.11 24.42
C SER A 370 52.03 -25.20 23.92
N SER A 371 52.36 -24.00 23.46
CA SER A 371 51.33 -23.07 22.99
C SER A 371 50.60 -23.55 21.73
N GLN A 372 51.24 -24.38 20.93
CA GLN A 372 50.64 -24.85 19.69
C GLN A 372 50.22 -26.32 19.78
N SER A 373 50.11 -26.83 20.99
CA SER A 373 49.74 -28.23 21.19
C SER A 373 48.41 -28.56 20.53
N GLY A 374 47.38 -27.80 20.88
CA GLY A 374 46.07 -28.05 20.29
C GLY A 374 46.03 -27.75 18.81
N PHE A 375 46.74 -26.70 18.39
CA PHE A 375 46.75 -26.33 16.98
C PHE A 375 47.28 -27.48 16.12
N TYR A 376 48.37 -28.12 16.55
CA TYR A 376 48.93 -29.24 15.78
C TYR A 376 47.96 -30.42 15.65
N SER A 377 47.24 -30.72 16.72
CA SER A 377 46.29 -31.82 16.69
C SER A 377 45.29 -31.76 15.54
N SER A 378 44.74 -30.57 15.28
CA SER A 378 43.78 -30.43 14.20
C SER A 378 44.36 -29.89 12.89
N ALA A 379 45.43 -29.11 12.96
CA ALA A 379 46.02 -28.54 11.75
C ALA A 379 47.02 -29.46 11.06
N GLY A 380 47.77 -30.24 11.84
CA GLY A 380 48.73 -31.14 11.24
C GLY A 380 50.13 -30.58 11.13
N PHE A 381 50.37 -29.43 11.77
CA PHE A 381 51.70 -28.82 11.74
C PHE A 381 51.77 -27.70 12.77
N TRP A 382 52.98 -27.27 13.12
CA TRP A 382 53.11 -26.14 14.03
C TRP A 382 54.08 -25.16 13.38
N VAL A 383 53.98 -23.90 13.74
CA VAL A 383 54.81 -22.85 13.17
C VAL A 383 56.15 -22.68 13.87
N THR A 384 57.20 -22.56 13.08
CA THR A 384 58.55 -22.36 13.60
C THR A 384 59.04 -20.97 13.19
N ALA A 385 58.51 -20.46 12.08
CA ALA A 385 58.86 -19.14 11.56
C ALA A 385 57.55 -18.54 11.10
N PRO A 386 56.94 -17.70 11.95
CA PRO A 386 55.66 -17.02 11.74
C PRO A 386 55.50 -15.94 10.67
N TYR A 387 56.59 -15.27 10.31
CA TYR A 387 56.45 -14.21 9.32
C TYR A 387 56.13 -14.63 7.90
N TYR A 388 55.71 -13.65 7.11
CA TYR A 388 55.37 -13.81 5.70
C TYR A 388 55.90 -12.55 4.98
N ILE A 389 56.72 -12.74 3.95
CA ILE A 389 57.27 -11.59 3.24
C ILE A 389 56.86 -11.52 1.78
N LEU A 390 55.58 -11.82 1.54
CA LEU A 390 55.01 -11.74 0.20
C LEU A 390 55.54 -12.79 -0.79
N ARG A 391 55.91 -13.97 -0.29
CA ARG A 391 56.42 -15.03 -1.18
C ARG A 391 55.34 -15.51 -2.15
N PRO A 392 55.75 -16.12 -3.26
CA PRO A 392 54.75 -16.59 -4.22
C PRO A 392 54.63 -18.09 -4.45
N GLU A 393 55.53 -18.87 -3.87
CA GLU A 393 55.54 -20.30 -4.09
C GLU A 393 54.22 -21.05 -4.05
N THR A 394 53.34 -20.71 -3.12
CA THR A 394 52.07 -21.40 -3.01
C THR A 394 51.11 -21.01 -4.12
N LEU A 395 51.03 -19.71 -4.42
CA LEU A 395 50.20 -19.22 -5.50
C LEU A 395 50.73 -19.85 -6.78
N GLU A 396 52.04 -20.07 -6.81
CA GLU A 396 52.68 -20.68 -7.96
C GLU A 396 52.16 -22.10 -8.13
N SER A 397 52.24 -22.90 -7.07
CA SER A 397 51.79 -24.28 -7.17
C SER A 397 50.29 -24.40 -7.46
N LEU A 398 49.48 -23.53 -6.85
CA LEU A 398 48.05 -23.56 -7.10
C LEU A 398 47.81 -23.27 -8.58
N TYR A 399 48.57 -22.33 -9.12
CA TYR A 399 48.44 -21.99 -10.53
C TYR A 399 48.66 -23.21 -11.41
N TYR A 400 49.77 -23.92 -11.21
CA TYR A 400 50.06 -25.12 -12.00
C TYR A 400 48.95 -26.17 -11.85
N ALA A 401 48.46 -26.35 -10.63
CA ALA A 401 47.40 -27.32 -10.35
C ALA A 401 46.17 -27.02 -11.22
N TYR A 402 45.82 -25.75 -11.33
CA TYR A 402 44.68 -25.34 -12.14
C TYR A 402 44.95 -25.56 -13.64
N ARG A 403 46.12 -25.15 -14.11
CA ARG A 403 46.48 -25.30 -15.53
C ARG A 403 46.49 -26.75 -15.97
N VAL A 404 46.77 -27.68 -15.05
CA VAL A 404 46.79 -29.10 -15.43
C VAL A 404 45.44 -29.79 -15.25
N THR A 405 44.58 -29.30 -14.36
CA THR A 405 43.28 -29.94 -14.14
C THR A 405 42.08 -29.23 -14.79
N GLY A 406 42.12 -27.90 -14.82
CA GLY A 406 41.01 -27.16 -15.36
C GLY A 406 39.88 -27.08 -14.34
N ASP A 407 40.19 -27.48 -13.11
CA ASP A 407 39.21 -27.47 -12.03
C ASP A 407 39.15 -26.08 -11.38
N SER A 408 38.00 -25.41 -11.48
CA SER A 408 37.82 -24.07 -10.92
C SER A 408 38.09 -24.03 -9.41
N LYS A 409 38.09 -25.20 -8.80
CA LYS A 409 38.33 -25.32 -7.37
C LYS A 409 39.69 -24.67 -7.05
N TRP A 410 40.66 -24.86 -7.93
CA TRP A 410 41.99 -24.32 -7.71
C TRP A 410 42.00 -22.81 -7.76
N GLN A 411 41.19 -22.24 -8.65
CA GLN A 411 41.11 -20.80 -8.73
C GLN A 411 40.53 -20.28 -7.43
N ASP A 412 39.59 -21.01 -6.85
CA ASP A 412 38.97 -20.58 -5.60
C ASP A 412 40.01 -20.57 -4.47
N LEU A 413 40.85 -21.60 -4.44
CA LEU A 413 41.88 -21.67 -3.40
C LEU A 413 42.85 -20.50 -3.56
N ALA A 414 43.28 -20.26 -4.79
CA ALA A 414 44.21 -19.15 -5.07
C ALA A 414 43.58 -17.82 -4.65
N TRP A 415 42.29 -17.68 -4.96
CA TRP A 415 41.54 -16.48 -4.63
C TRP A 415 41.51 -16.31 -3.11
N GLU A 416 41.30 -17.40 -2.40
CA GLU A 416 41.28 -17.35 -0.95
C GLU A 416 42.67 -16.93 -0.48
N ALA A 417 43.70 -17.39 -1.20
CA ALA A 417 45.08 -17.06 -0.86
C ALA A 417 45.37 -15.57 -1.10
N LEU A 418 45.04 -15.06 -2.30
CA LEU A 418 45.28 -13.64 -2.59
C LEU A 418 44.51 -12.78 -1.58
N SER A 419 43.23 -13.09 -1.37
CA SER A 419 42.39 -12.33 -0.44
C SER A 419 42.99 -12.26 0.98
N ALA A 420 43.42 -13.40 1.50
CA ALA A 420 44.01 -13.43 2.84
C ALA A 420 45.26 -12.55 2.85
N ILE A 421 46.06 -12.66 1.80
CA ILE A 421 47.29 -11.89 1.68
C ILE A 421 47.05 -10.37 1.67
N GLU A 422 46.14 -9.89 0.85
CA GLU A 422 45.91 -8.45 0.83
C GLU A 422 45.18 -7.90 2.04
N ASP A 423 44.33 -8.72 2.67
CA ASP A 423 43.61 -8.24 3.84
C ASP A 423 44.57 -8.02 5.02
N ALA A 424 45.63 -8.81 5.11
CA ALA A 424 46.58 -8.66 6.21
C ALA A 424 47.84 -7.91 5.82
N CYS A 425 48.27 -8.04 4.56
CA CYS A 425 49.48 -7.37 4.11
C CYS A 425 49.29 -5.95 3.59
N ARG A 426 48.03 -5.56 3.36
CA ARG A 426 47.72 -4.22 2.92
C ARG A 426 48.35 -3.33 4.00
N ALA A 427 49.26 -2.43 3.60
CA ALA A 427 49.92 -1.55 4.56
C ALA A 427 50.42 -0.26 3.92
N GLY A 428 50.26 0.85 4.65
CA GLY A 428 50.72 2.14 4.14
C GLY A 428 50.29 2.42 2.72
N SER A 429 51.25 2.68 1.83
CA SER A 429 50.95 2.97 0.43
C SER A 429 50.65 1.76 -0.44
N ALA A 430 51.03 0.57 0.01
CA ALA A 430 50.77 -0.65 -0.77
C ALA A 430 50.63 -1.91 0.07
N TYR A 431 51.60 -2.82 -0.05
CA TYR A 431 51.59 -4.07 0.69
C TYR A 431 52.95 -4.32 1.32
N SER A 432 52.96 -5.06 2.41
CA SER A 432 54.21 -5.30 3.11
C SER A 432 54.27 -6.66 3.79
N SER A 433 55.50 -7.05 4.13
CA SER A 433 55.74 -8.30 4.84
C SER A 433 55.07 -8.14 6.19
N ILE A 434 54.63 -9.25 6.76
CA ILE A 434 53.97 -9.25 8.06
C ILE A 434 54.70 -10.11 9.08
N ASN A 435 54.59 -9.73 10.36
CA ASN A 435 55.26 -10.43 11.44
C ASN A 435 54.72 -11.78 11.91
N ASP A 436 53.43 -11.86 12.22
CA ASP A 436 52.89 -13.11 12.72
C ASP A 436 51.68 -13.61 11.95
N VAL A 437 51.89 -14.67 11.20
CA VAL A 437 50.87 -15.27 10.38
C VAL A 437 49.80 -15.98 11.21
N THR A 438 50.18 -16.46 12.39
CA THR A 438 49.25 -17.15 13.27
C THR A 438 48.33 -16.13 13.95
N GLN A 439 48.53 -14.85 13.63
CA GLN A 439 47.71 -13.78 14.19
C GLN A 439 46.70 -13.33 13.13
N ALA A 440 45.43 -13.20 13.53
CA ALA A 440 44.37 -12.82 12.62
C ALA A 440 44.68 -11.62 11.71
N ASN A 441 45.16 -10.54 12.31
CA ASN A 441 45.50 -9.31 11.56
C ASN A 441 46.86 -9.34 10.87
N GLY A 442 47.63 -10.39 11.09
CA GLY A 442 48.94 -10.48 10.46
C GLY A 442 50.09 -10.17 11.40
N GLY A 443 49.77 -9.64 12.57
CA GLY A 443 50.78 -9.34 13.58
C GLY A 443 51.58 -8.06 13.39
N GLY A 444 51.22 -7.26 12.39
CA GLY A 444 51.94 -6.02 12.15
C GLY A 444 52.89 -6.16 10.98
N ALA A 445 52.95 -5.11 10.17
CA ALA A 445 53.79 -5.05 8.98
C ALA A 445 55.24 -4.78 9.35
N SER A 446 56.18 -5.39 8.63
CA SER A 446 57.60 -5.18 8.91
C SER A 446 58.18 -4.11 7.99
N ASP A 447 57.29 -3.42 7.29
CA ASP A 447 57.66 -2.33 6.38
C ASP A 447 58.63 -2.70 5.26
N ASP A 448 58.20 -3.56 4.35
CA ASP A 448 59.04 -3.97 3.23
C ASP A 448 58.21 -4.63 2.13
N MET A 449 58.55 -4.33 0.89
CA MET A 449 57.85 -4.87 -0.26
C MET A 449 58.88 -5.38 -1.26
N GLU A 450 59.21 -6.66 -1.14
CA GLU A 450 60.20 -7.30 -2.00
C GLU A 450 59.80 -7.26 -3.47
N SER A 451 60.80 -7.22 -4.34
CA SER A 451 60.55 -7.15 -5.78
C SER A 451 59.75 -8.36 -6.33
N PHE A 452 59.98 -9.56 -5.77
CA PHE A 452 59.25 -10.72 -6.26
C PHE A 452 57.73 -10.60 -6.05
N TRP A 453 57.31 -9.60 -5.28
CA TRP A 453 55.88 -9.37 -5.08
C TRP A 453 55.37 -8.99 -6.48
N PHE A 454 56.12 -8.10 -7.15
CA PHE A 454 55.78 -7.65 -8.50
C PHE A 454 55.93 -8.75 -9.55
N ALA A 455 57.07 -9.43 -9.51
CA ALA A 455 57.36 -10.46 -10.51
C ALA A 455 56.65 -11.80 -10.38
N GLU A 456 56.43 -12.24 -9.15
CA GLU A 456 55.86 -13.55 -8.94
C GLU A 456 54.47 -13.68 -8.34
N ALA A 457 54.31 -13.26 -7.09
CA ALA A 457 53.03 -13.37 -6.44
C ALA A 457 51.90 -12.78 -7.29
N LEU A 458 52.06 -11.54 -7.74
CA LEU A 458 51.02 -10.89 -8.53
C LEU A 458 50.88 -11.47 -9.95
N LYS A 459 51.97 -12.02 -10.46
CA LYS A 459 51.99 -12.63 -11.79
C LYS A 459 51.19 -13.94 -11.79
N TYR A 460 51.52 -14.87 -10.89
CA TYR A 460 50.79 -16.12 -10.85
C TYR A 460 49.33 -15.93 -10.47
N ALA A 461 49.07 -15.03 -9.52
CA ALA A 461 47.70 -14.75 -9.09
C ALA A 461 46.85 -14.27 -10.27
N TYR A 462 47.43 -13.38 -11.07
CA TYR A 462 46.75 -12.84 -12.23
C TYR A 462 46.50 -13.90 -13.32
N LEU A 463 47.54 -14.62 -13.70
CA LEU A 463 47.45 -15.63 -14.74
C LEU A 463 46.45 -16.73 -14.47
N ILE A 464 46.21 -17.04 -13.21
CA ILE A 464 45.26 -18.09 -12.90
C ILE A 464 43.80 -17.64 -13.15
N PHE A 465 43.58 -16.32 -13.20
CA PHE A 465 42.24 -15.76 -13.46
C PHE A 465 42.15 -15.14 -14.87
N ALA A 466 43.31 -14.88 -15.47
CA ALA A 466 43.43 -14.25 -16.79
C ALA A 466 43.01 -15.09 -17.98
N GLU A 467 42.98 -14.42 -19.14
CA GLU A 467 42.62 -15.04 -20.41
C GLU A 467 43.78 -15.85 -20.95
N GLU A 468 43.50 -16.76 -21.87
CA GLU A 468 44.54 -17.60 -22.47
C GLU A 468 45.59 -16.80 -23.24
N SER A 469 46.81 -17.34 -23.30
CA SER A 469 47.91 -16.74 -24.04
C SER A 469 49.03 -17.78 -24.10
N ASP A 470 50.10 -17.46 -24.80
CA ASP A 470 51.22 -18.39 -24.92
C ASP A 470 52.01 -18.53 -23.62
N VAL A 471 51.88 -17.55 -22.75
CA VAL A 471 52.59 -17.57 -21.48
C VAL A 471 51.99 -18.62 -20.53
N GLN A 472 50.69 -18.85 -20.64
CA GLN A 472 50.01 -19.84 -19.80
C GLN A 472 50.57 -21.23 -20.05
N VAL A 473 50.77 -22.02 -19.00
CA VAL A 473 51.30 -23.37 -19.20
C VAL A 473 50.19 -24.29 -19.76
N GLN A 474 50.49 -24.97 -20.87
CA GLN A 474 49.55 -25.88 -21.50
C GLN A 474 49.65 -27.29 -20.95
N ALA A 475 48.53 -27.80 -20.46
CA ALA A 475 48.46 -29.13 -19.87
C ALA A 475 48.72 -30.25 -20.87
N THR A 476 48.35 -30.03 -22.12
CA THR A 476 48.55 -31.04 -23.14
C THR A 476 49.76 -30.72 -24.02
N GLY A 477 50.80 -30.18 -23.41
CA GLY A 477 52.01 -29.87 -24.13
C GLY A 477 51.91 -28.75 -25.14
N GLY A 478 53.01 -28.55 -25.88
CA GLY A 478 53.03 -27.50 -26.89
C GLY A 478 53.35 -26.16 -26.25
N ASN A 479 54.05 -26.17 -25.13
CA ASN A 479 54.41 -24.92 -24.46
C ASN A 479 55.48 -24.17 -25.22
N LYS A 480 55.28 -22.87 -25.43
CA LYS A 480 56.26 -22.08 -26.13
C LYS A 480 57.05 -21.19 -25.19
N PHE A 481 56.68 -21.20 -23.91
CA PHE A 481 57.39 -20.40 -22.90
C PHE A 481 57.77 -21.22 -21.66
N VAL A 482 58.74 -20.71 -20.91
CA VAL A 482 59.18 -21.40 -19.69
C VAL A 482 59.49 -20.37 -18.62
N PHE A 483 58.89 -20.53 -17.45
CA PHE A 483 59.12 -19.60 -16.36
C PHE A 483 60.44 -19.88 -15.64
N ASN A 484 61.23 -18.84 -15.45
CA ASN A 484 62.50 -18.97 -14.75
C ASN A 484 62.10 -18.97 -13.28
N THR A 485 63.05 -19.11 -12.38
CA THR A 485 62.70 -19.17 -10.96
C THR A 485 62.05 -17.91 -10.37
N GLU A 486 62.19 -16.78 -11.06
CA GLU A 486 61.61 -15.53 -10.56
C GLU A 486 60.39 -15.17 -11.41
N ALA A 487 59.71 -16.21 -11.89
CA ALA A 487 58.51 -16.04 -12.69
C ALA A 487 58.71 -15.23 -13.97
N HIS A 488 59.91 -15.29 -14.55
CA HIS A 488 60.17 -14.58 -15.80
C HIS A 488 60.18 -15.61 -16.93
N PRO A 489 59.13 -15.58 -17.77
CA PRO A 489 58.98 -16.50 -18.90
C PRO A 489 59.88 -16.24 -20.11
N PHE A 490 60.62 -17.26 -20.54
CA PHE A 490 61.52 -17.15 -21.70
C PHE A 490 60.96 -18.00 -22.83
N SER A 491 61.16 -17.59 -24.09
CA SER A 491 60.69 -18.42 -25.21
C SER A 491 61.65 -19.60 -25.25
N ILE A 492 61.16 -20.78 -25.63
CA ILE A 492 62.01 -21.95 -25.71
C ILE A 492 62.84 -21.89 -27.00
N ARG A 493 63.99 -22.55 -26.99
CA ARG A 493 64.91 -22.54 -28.13
C ARG A 493 64.34 -22.49 -29.56
N SER A 494 63.32 -23.29 -29.87
CA SER A 494 62.78 -23.26 -31.22
C SER A 494 63.87 -23.66 -32.23
N THR B 6 -28.74 -27.92 14.95
CA THR B 6 -28.37 -27.92 13.51
C THR B 6 -28.86 -26.67 12.79
N LYS B 7 -29.53 -25.79 13.53
CA LYS B 7 -30.05 -24.55 12.96
C LYS B 7 -28.90 -23.65 12.50
N ARG B 8 -28.94 -23.24 11.24
CA ARG B 8 -27.90 -22.38 10.68
C ARG B 8 -28.13 -20.94 11.12
N GLY B 9 -27.07 -20.23 11.42
CA GLY B 9 -27.22 -18.86 11.86
C GLY B 9 -27.08 -17.84 10.75
N SER B 10 -27.30 -16.58 11.11
CA SER B 10 -27.19 -15.49 10.15
C SER B 10 -27.12 -14.20 10.93
N PRO B 11 -26.68 -13.12 10.28
CA PRO B 11 -26.59 -11.85 11.02
C PRO B 11 -27.92 -11.52 11.71
N ASN B 12 -27.82 -10.91 12.90
CA ASN B 12 -28.99 -10.54 13.67
C ASN B 12 -28.91 -9.04 13.94
N PRO B 13 -29.59 -8.24 13.10
CA PRO B 13 -29.58 -6.78 13.24
C PRO B 13 -30.07 -6.28 14.61
N THR B 14 -31.13 -6.86 15.14
CA THR B 14 -31.64 -6.43 16.43
C THR B 14 -30.62 -6.58 17.56
N ARG B 15 -29.95 -7.72 17.60
CA ARG B 15 -28.95 -7.95 18.63
C ARG B 15 -27.67 -7.16 18.35
N ALA B 16 -27.37 -6.95 17.08
CA ALA B 16 -26.19 -6.19 16.73
C ALA B 16 -26.37 -4.75 17.21
N ALA B 17 -27.58 -4.22 17.06
CA ALA B 17 -27.86 -2.85 17.47
C ALA B 17 -27.84 -2.76 18.99
N ALA B 18 -28.28 -3.83 19.66
CA ALA B 18 -28.28 -3.82 21.13
C ALA B 18 -26.84 -3.67 21.62
N VAL B 19 -25.88 -4.32 20.94
CA VAL B 19 -24.48 -4.23 21.33
C VAL B 19 -23.94 -2.82 21.02
N LYS B 20 -24.32 -2.27 19.88
CA LYS B 20 -23.89 -0.92 19.52
C LYS B 20 -24.44 0.06 20.54
N ALA B 21 -25.67 -0.18 20.98
CA ALA B 21 -26.31 0.68 21.95
C ALA B 21 -25.50 0.70 23.24
N ALA B 22 -25.04 -0.47 23.66
CA ALA B 22 -24.24 -0.59 24.87
C ALA B 22 -22.92 0.15 24.68
N PHE B 23 -22.40 0.10 23.46
CA PHE B 23 -21.13 0.76 23.16
C PHE B 23 -21.35 2.27 23.15
N GLN B 24 -22.45 2.70 22.55
CA GLN B 24 -22.77 4.12 22.47
C GLN B 24 -22.88 4.69 23.88
N THR B 25 -23.58 3.97 24.76
CA THR B 25 -23.76 4.41 26.13
C THR B 25 -22.40 4.51 26.82
N SER B 26 -21.56 3.49 26.62
CA SER B 26 -20.23 3.45 27.20
C SER B 26 -19.39 4.63 26.73
N TRP B 27 -19.43 4.89 25.43
CA TRP B 27 -18.65 5.99 24.87
C TRP B 27 -19.13 7.37 25.32
N ASN B 28 -20.45 7.56 25.36
CA ASN B 28 -21.01 8.83 25.79
C ASN B 28 -20.48 9.16 27.18
N ALA B 29 -20.57 8.18 28.08
CA ALA B 29 -20.11 8.35 29.46
C ALA B 29 -18.61 8.68 29.52
N TYR B 30 -17.77 7.83 28.93
CA TYR B 30 -16.34 8.05 28.93
C TYR B 30 -15.99 9.38 28.25
N HIS B 31 -16.57 9.62 27.09
CA HIS B 31 -16.28 10.86 26.40
C HIS B 31 -16.71 12.09 27.19
N HIS B 32 -17.71 11.90 28.05
CA HIS B 32 -18.21 13.00 28.85
C HIS B 32 -17.40 13.29 30.11
N PHE B 33 -17.14 12.26 30.92
CA PHE B 33 -16.42 12.46 32.17
C PHE B 33 -14.96 12.01 32.26
N ALA B 34 -14.40 11.42 31.19
CA ALA B 34 -13.02 10.94 31.29
C ALA B 34 -12.08 11.35 30.15
N PHE B 35 -12.57 11.34 28.93
CA PHE B 35 -11.77 11.71 27.76
C PHE B 35 -11.06 13.03 28.07
N PRO B 36 -9.77 13.15 27.71
CA PRO B 36 -8.92 12.15 27.06
C PRO B 36 -8.08 11.30 28.02
N HIS B 37 -8.59 11.08 29.22
CA HIS B 37 -7.86 10.26 30.19
C HIS B 37 -8.06 8.79 29.83
N ASP B 38 -7.28 7.92 30.46
CA ASP B 38 -7.32 6.50 30.17
C ASP B 38 -8.61 5.72 30.42
N ASP B 39 -9.05 5.68 31.68
CA ASP B 39 -10.26 4.91 32.00
C ASP B 39 -11.28 5.66 32.83
N LEU B 40 -12.54 5.36 32.58
CA LEU B 40 -13.61 5.98 33.31
C LEU B 40 -14.03 5.12 34.50
N HIS B 41 -14.48 5.78 35.57
CA HIS B 41 -14.99 5.11 36.75
C HIS B 41 -16.43 5.59 36.72
N PRO B 42 -17.30 4.80 36.10
CA PRO B 42 -18.73 5.02 35.89
C PRO B 42 -19.63 5.31 37.11
N VAL B 43 -19.24 4.84 38.30
CA VAL B 43 -20.06 5.06 39.48
C VAL B 43 -19.78 6.42 40.13
N SER B 44 -18.50 6.76 40.27
CA SER B 44 -18.10 8.04 40.84
C SER B 44 -17.92 9.08 39.75
N ASN B 45 -17.81 8.63 38.51
CA ASN B 45 -17.60 9.52 37.37
C ASN B 45 -16.19 10.11 37.41
N SER B 46 -15.28 9.38 38.06
CA SER B 46 -13.88 9.76 38.16
C SER B 46 -13.19 9.13 36.96
N PHE B 47 -11.87 9.15 36.99
CA PHE B 47 -11.10 8.54 35.92
C PHE B 47 -9.74 8.16 36.47
N ASP B 48 -9.02 7.31 35.74
CA ASP B 48 -7.67 6.93 36.13
C ASP B 48 -6.80 7.01 34.89
N ASP B 49 -5.48 7.02 35.09
CA ASP B 49 -4.53 7.05 34.00
C ASP B 49 -3.50 5.95 34.22
N GLU B 50 -4.00 4.73 34.39
CA GLU B 50 -3.14 3.58 34.62
C GLU B 50 -2.44 3.17 33.33
N ARG B 51 -2.82 3.83 32.24
CA ARG B 51 -2.25 3.54 30.94
C ARG B 51 -1.41 4.75 30.51
N ASN B 52 -0.77 5.38 31.49
CA ASN B 52 0.11 6.52 31.25
C ASN B 52 -0.54 7.81 30.71
N GLY B 53 -1.86 7.90 30.77
CA GLY B 53 -2.55 9.10 30.32
C GLY B 53 -2.54 9.46 28.84
N TRP B 54 -2.38 8.49 27.96
CA TRP B 54 -2.36 8.76 26.53
C TRP B 54 -3.76 8.64 25.92
N GLY B 55 -4.71 8.13 26.69
CA GLY B 55 -6.06 8.00 26.16
C GLY B 55 -6.41 6.56 25.82
N SER B 56 -6.10 5.68 26.76
CA SER B 56 -6.33 4.26 26.62
C SER B 56 -7.66 3.88 25.98
N SER B 57 -8.78 4.23 26.61
CA SER B 57 -10.09 3.86 26.06
C SER B 57 -10.35 4.45 24.67
N ALA B 58 -9.84 5.65 24.40
CA ALA B 58 -10.05 6.25 23.09
C ALA B 58 -9.37 5.46 21.98
N ILE B 59 -8.09 5.15 22.17
CA ILE B 59 -7.34 4.39 21.15
C ILE B 59 -7.85 2.95 21.02
N ASP B 60 -8.16 2.32 22.15
CA ASP B 60 -8.64 0.93 22.16
C ASP B 60 -10.05 0.78 21.56
N GLY B 61 -10.91 1.77 21.75
CA GLY B 61 -12.26 1.72 21.22
C GLY B 61 -12.44 2.29 19.82
N LEU B 62 -11.36 2.80 19.24
CA LEU B 62 -11.41 3.39 17.91
C LEU B 62 -11.80 2.40 16.81
N ASP B 63 -11.10 1.27 16.70
CA ASP B 63 -11.44 0.31 15.66
C ASP B 63 -12.81 -0.33 15.85
N THR B 64 -13.25 -0.44 17.10
CA THR B 64 -14.55 -1.02 17.39
C THR B 64 -15.63 -0.09 16.82
N ALA B 65 -15.41 1.22 16.95
CA ALA B 65 -16.36 2.20 16.44
C ALA B 65 -16.39 2.11 14.92
N ILE B 66 -15.22 1.87 14.33
CA ILE B 66 -15.12 1.76 12.88
C ILE B 66 -15.96 0.61 12.37
N LEU B 67 -15.80 -0.56 12.97
CA LEU B 67 -16.55 -1.74 12.56
C LEU B 67 -18.06 -1.57 12.73
N MET B 68 -18.47 -0.83 13.76
CA MET B 68 -19.89 -0.62 14.03
C MET B 68 -20.49 0.45 13.11
N GLY B 69 -19.62 1.17 12.42
CA GLY B 69 -20.09 2.22 11.54
C GLY B 69 -20.41 3.50 12.28
N ASP B 70 -19.77 3.74 13.42
CA ASP B 70 -19.98 4.96 14.22
C ASP B 70 -19.04 6.06 13.75
N ALA B 71 -19.39 6.69 12.62
CA ALA B 71 -18.59 7.75 12.04
C ALA B 71 -18.28 8.91 12.99
N ASP B 72 -19.27 9.33 13.78
CA ASP B 72 -19.08 10.43 14.70
C ASP B 72 -18.02 10.11 15.75
N ILE B 73 -18.11 8.93 16.36
CA ILE B 73 -17.13 8.54 17.36
C ILE B 73 -15.76 8.42 16.71
N VAL B 74 -15.71 7.78 15.54
CA VAL B 74 -14.46 7.63 14.81
C VAL B 74 -13.78 8.97 14.52
N ASN B 75 -14.55 9.94 14.06
CA ASN B 75 -13.99 11.25 13.75
C ASN B 75 -13.45 11.99 14.97
N THR B 76 -14.23 12.04 16.04
CA THR B 76 -13.78 12.74 17.24
C THR B 76 -12.49 12.11 17.78
N ILE B 77 -12.28 10.82 17.51
CA ILE B 77 -11.06 10.16 17.97
C ILE B 77 -9.88 10.45 17.04
N LEU B 78 -10.12 10.45 15.74
CA LEU B 78 -9.04 10.73 14.78
C LEU B 78 -8.51 12.15 14.96
N GLN B 79 -9.39 13.07 15.33
CA GLN B 79 -8.98 14.47 15.53
C GLN B 79 -8.12 14.61 16.77
N TYR B 80 -8.24 13.65 17.68
CA TYR B 80 -7.49 13.66 18.92
C TYR B 80 -6.12 12.98 18.82
N VAL B 81 -6.05 11.89 18.05
CA VAL B 81 -4.81 11.12 17.90
C VAL B 81 -3.55 11.96 17.70
N PRO B 82 -3.58 12.91 16.75
CA PRO B 82 -2.41 13.76 16.50
C PRO B 82 -2.01 14.60 17.72
N GLN B 83 -2.96 14.83 18.63
CA GLN B 83 -2.69 15.62 19.84
C GLN B 83 -1.89 14.87 20.90
N ILE B 84 -1.97 13.55 20.88
CA ILE B 84 -1.27 12.72 21.86
C ILE B 84 0.25 12.85 21.76
N ASN B 85 0.90 13.14 22.89
CA ASN B 85 2.35 13.28 22.91
C ASN B 85 2.96 11.96 23.43
N PHE B 86 3.25 11.05 22.50
CA PHE B 86 3.81 9.74 22.82
C PHE B 86 5.30 9.76 23.12
N THR B 87 5.92 10.94 23.05
CA THR B 87 7.36 11.05 23.29
C THR B 87 7.63 11.32 24.77
N THR B 88 6.58 11.38 25.57
CA THR B 88 6.75 11.65 27.00
C THR B 88 5.53 11.17 27.80
N THR B 89 5.62 11.28 29.12
CA THR B 89 4.49 10.90 29.98
C THR B 89 4.23 12.09 30.89
N ALA B 90 2.94 12.39 31.10
CA ALA B 90 2.53 13.51 31.94
C ALA B 90 3.30 13.45 33.26
N VAL B 91 3.32 12.27 33.87
CA VAL B 91 4.02 12.09 35.14
C VAL B 91 5.50 11.78 34.95
N ALA B 92 6.33 12.49 35.70
CA ALA B 92 7.78 12.33 35.63
C ALA B 92 8.22 10.95 36.12
N ASN B 93 9.13 10.32 35.38
CA ASN B 93 9.63 9.02 35.77
C ASN B 93 8.54 7.97 35.98
N GLN B 94 7.47 8.07 35.22
CA GLN B 94 6.40 7.10 35.34
C GLN B 94 6.76 5.86 34.55
N GLY B 95 6.58 4.69 35.16
CA GLY B 95 6.89 3.46 34.48
C GLY B 95 5.90 3.14 33.39
N SER B 96 6.40 2.67 32.25
CA SER B 96 5.54 2.31 31.13
C SER B 96 5.65 0.82 30.87
N SER B 97 4.52 0.13 30.92
CA SER B 97 4.49 -1.30 30.66
C SER B 97 4.59 -1.51 29.16
N VAL B 98 5.66 -2.16 28.72
CA VAL B 98 5.84 -2.42 27.30
C VAL B 98 4.70 -3.26 26.75
N PHE B 99 4.33 -4.30 27.49
CA PHE B 99 3.26 -5.22 27.09
C PHE B 99 1.89 -4.56 26.92
N GLU B 100 1.40 -3.94 28.00
CA GLU B 100 0.10 -3.27 28.01
C GLU B 100 0.01 -2.11 27.01
N THR B 101 1.15 -1.46 26.74
CA THR B 101 1.20 -0.35 25.81
C THR B 101 1.23 -0.81 24.37
N ASN B 102 1.95 -1.90 24.12
CA ASN B 102 2.06 -2.45 22.78
C ASN B 102 0.71 -2.96 22.26
N ILE B 103 0.05 -3.82 23.04
CA ILE B 103 -1.22 -4.38 22.61
C ILE B 103 -2.39 -3.43 22.48
N ARG B 104 -2.41 -2.37 23.30
CA ARG B 104 -3.50 -1.40 23.26
C ARG B 104 -3.25 -0.24 22.30
N TYR B 105 -2.17 0.50 22.54
CA TYR B 105 -1.84 1.65 21.71
C TYR B 105 -1.29 1.32 20.33
N LEU B 106 -0.21 0.56 20.28
CA LEU B 106 0.36 0.18 18.99
C LEU B 106 -0.66 -0.65 18.21
N GLY B 107 -1.36 -1.53 18.91
CA GLY B 107 -2.36 -2.35 18.23
C GLY B 107 -3.53 -1.53 17.70
N GLY B 108 -4.16 -0.77 18.58
CA GLY B 108 -5.30 0.05 18.22
C GLY B 108 -5.04 1.03 17.08
N LEU B 109 -3.84 1.59 17.08
CA LEU B 109 -3.42 2.54 16.06
C LEU B 109 -3.26 1.86 14.69
N LEU B 110 -2.56 0.74 14.66
CA LEU B 110 -2.32 0.00 13.43
C LEU B 110 -3.60 -0.60 12.85
N SER B 111 -4.42 -1.21 13.70
CA SER B 111 -5.66 -1.81 13.22
C SER B 111 -6.57 -0.72 12.64
N ALA B 112 -6.67 0.39 13.35
CA ALA B 112 -7.49 1.51 12.88
C ALA B 112 -6.95 1.91 11.51
N TYR B 113 -5.62 2.00 11.42
CA TYR B 113 -4.98 2.38 10.16
C TYR B 113 -5.27 1.38 9.04
N ASP B 114 -5.16 0.09 9.35
CA ASP B 114 -5.41 -0.94 8.35
C ASP B 114 -6.87 -0.95 7.91
N LEU B 115 -7.78 -0.72 8.86
CA LEU B 115 -9.19 -0.69 8.53
C LEU B 115 -9.54 0.52 7.67
N LEU B 116 -9.16 1.70 8.14
CA LEU B 116 -9.48 2.92 7.38
C LEU B 116 -8.81 2.99 6.02
N ARG B 117 -7.71 2.26 5.86
CA ARG B 117 -6.98 2.24 4.60
C ARG B 117 -7.56 1.13 3.72
N GLY B 118 -8.31 0.23 4.34
CA GLY B 118 -8.87 -0.88 3.60
C GLY B 118 -10.37 -0.89 3.40
N PRO B 119 -11.03 -1.97 3.83
CA PRO B 119 -12.49 -2.18 3.71
C PRO B 119 -13.39 -1.15 4.37
N PHE B 120 -12.83 -0.32 5.26
CA PHE B 120 -13.62 0.69 5.94
C PHE B 120 -13.12 2.08 5.63
N SER B 121 -12.50 2.23 4.46
CA SER B 121 -11.95 3.51 4.03
C SER B 121 -12.97 4.64 3.98
N SER B 122 -14.20 4.31 3.58
CA SER B 122 -15.27 5.29 3.46
C SER B 122 -15.51 6.13 4.74
N LEU B 123 -15.30 5.54 5.91
CA LEU B 123 -15.52 6.27 7.16
C LEU B 123 -14.67 7.54 7.29
N ALA B 124 -13.36 7.38 7.31
CA ALA B 124 -12.47 8.54 7.44
C ALA B 124 -12.31 9.26 6.10
N THR B 125 -12.49 10.57 6.13
CA THR B 125 -12.35 11.37 4.92
C THR B 125 -11.04 12.14 4.95
N ASN B 126 -10.60 12.54 6.14
CA ASN B 126 -9.36 13.28 6.24
C ASN B 126 -8.19 12.30 6.29
N GLN B 127 -7.54 12.10 5.15
CA GLN B 127 -6.41 11.17 5.09
C GLN B 127 -5.20 11.59 5.92
N THR B 128 -5.10 12.87 6.24
CA THR B 128 -4.00 13.35 7.06
C THR B 128 -4.15 12.78 8.46
N LEU B 129 -5.40 12.69 8.93
CA LEU B 129 -5.66 12.15 10.27
C LEU B 129 -5.40 10.66 10.26
N VAL B 130 -5.74 10.01 9.15
CA VAL B 130 -5.54 8.58 9.02
C VAL B 130 -4.05 8.26 9.01
N ASN B 131 -3.27 9.08 8.31
CA ASN B 131 -1.83 8.84 8.26
C ASN B 131 -1.17 9.07 9.61
N SER B 132 -1.78 9.91 10.44
CA SER B 132 -1.25 10.20 11.76
C SER B 132 -1.22 8.95 12.63
N LEU B 133 -2.20 8.07 12.41
CA LEU B 133 -2.27 6.83 13.20
C LEU B 133 -0.94 6.11 13.11
N LEU B 134 -0.42 5.95 11.90
CA LEU B 134 0.85 5.29 11.69
C LEU B 134 2.04 6.10 12.24
N ARG B 135 2.03 7.42 12.05
CA ARG B 135 3.13 8.27 12.55
C ARG B 135 3.24 8.20 14.07
N GLN B 136 2.09 8.24 14.74
CA GLN B 136 2.07 8.17 16.19
C GLN B 136 2.53 6.79 16.64
N ALA B 137 2.16 5.74 15.89
CA ALA B 137 2.58 4.40 16.28
C ALA B 137 4.10 4.31 16.21
N GLN B 138 4.66 4.82 15.12
CA GLN B 138 6.10 4.79 14.93
C GLN B 138 6.84 5.58 16.03
N THR B 139 6.28 6.72 16.41
CA THR B 139 6.87 7.57 17.45
C THR B 139 6.85 6.85 18.81
N LEU B 140 5.75 6.17 19.12
CA LEU B 140 5.61 5.44 20.38
C LEU B 140 6.62 4.30 20.42
N ALA B 141 6.69 3.54 19.33
CA ALA B 141 7.61 2.42 19.24
C ALA B 141 9.05 2.87 19.38
N ASN B 142 9.35 4.04 18.82
CA ASN B 142 10.72 4.55 18.88
C ASN B 142 11.20 4.77 20.30
N GLY B 143 10.27 5.01 21.21
CA GLY B 143 10.64 5.21 22.60
C GLY B 143 10.64 3.88 23.34
N LEU B 144 9.65 3.05 23.00
CA LEU B 144 9.45 1.71 23.57
C LEU B 144 10.60 0.75 23.28
N LYS B 145 11.22 0.95 22.11
CA LYS B 145 12.30 0.07 21.67
C LYS B 145 13.54 0.03 22.57
N VAL B 146 13.63 0.96 23.52
CA VAL B 146 14.77 0.98 24.44
C VAL B 146 14.72 -0.28 25.32
N ALA B 147 13.55 -0.90 25.40
CA ALA B 147 13.40 -2.11 26.20
C ALA B 147 14.23 -3.27 25.68
N PHE B 148 14.58 -3.21 24.40
CA PHE B 148 15.36 -4.30 23.81
C PHE B 148 16.86 -4.15 23.99
N THR B 149 17.28 -3.13 24.73
CA THR B 149 18.71 -2.91 24.94
C THR B 149 19.25 -3.72 26.13
N THR B 150 18.72 -4.93 26.32
CA THR B 150 19.17 -5.82 27.38
C THR B 150 20.34 -6.64 26.84
N PRO B 151 21.16 -7.21 27.73
CA PRO B 151 22.32 -8.01 27.30
C PRO B 151 21.99 -9.14 26.32
N SER B 152 20.74 -9.63 26.35
CA SER B 152 20.30 -10.74 25.49
C SER B 152 19.40 -10.31 24.34
N GLY B 153 18.71 -9.19 24.52
CA GLY B 153 17.80 -8.74 23.48
C GLY B 153 16.36 -9.04 23.91
N VAL B 154 16.21 -9.75 25.01
CA VAL B 154 14.88 -10.07 25.55
C VAL B 154 14.37 -8.73 26.07
N PRO B 155 13.15 -8.36 25.69
CA PRO B 155 12.58 -7.08 26.14
C PRO B 155 12.53 -6.90 27.66
N ASP B 156 12.86 -5.67 28.08
CA ASP B 156 12.80 -5.29 29.49
C ASP B 156 11.30 -4.97 29.60
N PRO B 157 10.63 -5.45 30.66
CA PRO B 157 9.20 -5.16 30.81
C PRO B 157 8.78 -3.72 31.08
N THR B 158 9.67 -2.93 31.66
CA THR B 158 9.35 -1.55 32.00
C THR B 158 10.30 -0.52 31.42
N VAL B 159 9.76 0.53 30.81
CA VAL B 159 10.59 1.60 30.28
C VAL B 159 10.06 2.96 30.77
N PHE B 160 10.79 4.03 30.45
CA PHE B 160 10.43 5.39 30.85
C PHE B 160 10.77 6.38 29.71
N PHE B 161 9.98 7.45 29.61
CA PHE B 161 10.22 8.48 28.59
C PHE B 161 10.60 9.82 29.24
N ASN B 162 9.98 10.12 30.38
CA ASN B 162 10.20 11.36 31.11
C ASN B 162 11.02 11.16 32.38
N PRO B 163 12.12 11.90 32.54
CA PRO B 163 12.69 12.93 31.67
C PRO B 163 13.59 12.40 30.54
N THR B 164 13.91 11.10 30.58
CA THR B 164 14.74 10.49 29.55
C THR B 164 14.21 9.09 29.22
N VAL B 165 14.59 8.58 28.05
CA VAL B 165 14.17 7.24 27.63
C VAL B 165 15.11 6.26 28.33
N ARG B 166 14.57 5.49 29.28
CA ARG B 166 15.33 4.50 30.05
C ARG B 166 14.65 3.14 30.15
N ARG B 167 15.46 2.16 30.55
CA ARG B 167 15.06 0.76 30.77
C ARG B 167 15.05 0.63 32.28
N SER B 168 14.22 -0.26 32.83
CA SER B 168 14.17 -0.45 34.26
C SER B 168 15.39 -1.21 34.77
N GLY B 169 15.85 -2.19 34.01
CA GLY B 169 16.99 -2.98 34.43
C GLY B 169 16.53 -4.27 35.09
N ALA B 170 15.29 -4.67 34.84
CA ALA B 170 14.72 -5.88 35.42
C ALA B 170 15.54 -7.12 35.08
N SER B 171 15.56 -8.08 36.00
CA SER B 171 16.30 -9.33 35.82
C SER B 171 15.58 -10.33 34.94
N SER B 172 14.27 -10.26 34.90
CA SER B 172 13.53 -11.19 34.06
C SER B 172 12.22 -10.64 33.57
N ASN B 173 11.56 -11.40 32.71
CA ASN B 173 10.27 -11.00 32.17
C ASN B 173 9.50 -12.31 31.98
N ASN B 174 8.18 -12.21 31.85
CA ASN B 174 7.40 -13.43 31.64
C ASN B 174 7.19 -13.62 30.15
N VAL B 175 7.01 -14.86 29.77
CA VAL B 175 6.79 -15.28 28.39
C VAL B 175 5.66 -14.55 27.68
N ALA B 176 4.60 -14.25 28.40
CA ALA B 176 3.49 -13.55 27.77
C ALA B 176 3.92 -12.17 27.29
N GLU B 177 4.55 -11.40 28.16
CA GLU B 177 4.99 -10.04 27.80
C GLU B 177 6.13 -10.02 26.78
N ILE B 178 6.91 -11.09 26.71
CA ILE B 178 8.02 -11.14 25.76
C ILE B 178 7.49 -11.53 24.39
N GLY B 179 6.63 -12.55 24.41
CA GLY B 179 6.06 -13.09 23.19
C GLY B 179 4.80 -12.47 22.61
N SER B 180 4.38 -11.32 23.12
CA SER B 180 3.19 -10.65 22.60
C SER B 180 3.54 -9.33 21.93
N LEU B 181 4.69 -9.29 21.26
CA LEU B 181 5.13 -8.07 20.60
C LEU B 181 5.39 -8.25 19.11
N VAL B 182 5.75 -9.46 18.70
CA VAL B 182 6.07 -9.75 17.31
C VAL B 182 5.05 -9.31 16.27
N LEU B 183 3.77 -9.50 16.55
CA LEU B 183 2.74 -9.13 15.58
C LEU B 183 2.68 -7.63 15.35
N GLU B 184 2.57 -6.87 16.42
CA GLU B 184 2.49 -5.41 16.30
C GLU B 184 3.78 -4.84 15.71
N TRP B 185 4.92 -5.33 16.19
CA TRP B 185 6.17 -4.80 15.68
C TRP B 185 6.50 -5.21 14.27
N THR B 186 6.15 -6.43 13.90
CA THR B 186 6.42 -6.86 12.53
C THR B 186 5.52 -6.06 11.59
N ARG B 187 4.28 -5.86 12.01
CA ARG B 187 3.31 -5.11 11.24
C ARG B 187 3.83 -3.69 11.02
N LEU B 188 4.37 -3.10 12.07
CA LEU B 188 4.91 -1.74 11.98
C LEU B 188 6.04 -1.68 10.97
N SER B 189 6.91 -2.69 10.96
CA SER B 189 8.02 -2.72 10.02
C SER B 189 7.52 -2.78 8.59
N ASP B 190 6.55 -3.64 8.34
CA ASP B 190 6.00 -3.81 7.02
C ASP B 190 5.33 -2.52 6.55
N LEU B 191 4.65 -1.84 7.46
CA LEU B 191 3.93 -0.62 7.14
C LEU B 191 4.79 0.64 7.00
N THR B 192 5.92 0.69 7.69
CA THR B 192 6.80 1.86 7.64
C THR B 192 8.05 1.67 6.78
N GLY B 193 8.38 0.43 6.47
CA GLY B 193 9.55 0.16 5.66
C GLY B 193 10.83 0.11 6.50
N ASN B 194 10.67 0.29 7.82
CA ASN B 194 11.77 0.26 8.77
C ASN B 194 11.78 -1.14 9.40
N PRO B 195 12.75 -1.97 9.01
CA PRO B 195 12.90 -3.34 9.49
C PRO B 195 13.38 -3.52 10.93
N GLN B 196 13.84 -2.44 11.56
CA GLN B 196 14.36 -2.54 12.92
C GLN B 196 13.34 -3.09 13.94
N TYR B 197 12.11 -2.60 13.89
CA TYR B 197 11.08 -3.03 14.83
C TYR B 197 10.87 -4.54 14.86
N ALA B 198 10.75 -5.14 13.69
CA ALA B 198 10.53 -6.58 13.58
C ALA B 198 11.74 -7.36 14.06
N GLN B 199 12.92 -6.87 13.67
CA GLN B 199 14.17 -7.49 14.07
C GLN B 199 14.27 -7.58 15.59
N LEU B 200 13.99 -6.45 16.24
CA LEU B 200 14.06 -6.39 17.70
C LEU B 200 13.05 -7.30 18.38
N ALA B 201 11.82 -7.30 17.88
CA ALA B 201 10.78 -8.13 18.46
C ALA B 201 11.03 -9.62 18.22
N GLN B 202 11.46 -9.98 17.02
CA GLN B 202 11.72 -11.38 16.71
C GLN B 202 12.93 -11.90 17.47
N LYS B 203 13.88 -11.02 17.74
CA LYS B 203 15.09 -11.38 18.49
C LYS B 203 14.66 -11.90 19.86
N GLY B 204 13.89 -11.11 20.59
CA GLY B 204 13.42 -11.51 21.90
C GLY B 204 12.60 -12.79 21.86
N GLU B 205 11.82 -12.97 20.81
CA GLU B 205 10.97 -14.15 20.62
C GLU B 205 11.81 -15.42 20.38
N SER B 206 12.95 -15.27 19.73
CA SER B 206 13.85 -16.40 19.43
C SER B 206 14.07 -17.34 20.60
N TYR B 207 14.48 -16.78 21.71
CA TYR B 207 14.76 -17.53 22.91
C TYR B 207 13.61 -18.44 23.32
N LEU B 208 12.39 -17.99 23.05
CA LEU B 208 11.18 -18.73 23.40
C LEU B 208 10.84 -19.87 22.45
N LEU B 209 11.40 -19.81 21.24
CA LEU B 209 11.14 -20.83 20.23
C LEU B 209 12.11 -22.01 20.35
N ASN B 210 13.21 -21.80 21.07
CA ASN B 210 14.19 -22.85 21.30
C ASN B 210 14.65 -22.72 22.74
N PRO B 211 13.73 -22.97 23.68
CA PRO B 211 13.97 -22.88 25.12
C PRO B 211 15.25 -23.53 25.64
N LYS B 212 15.97 -22.79 26.48
CA LYS B 212 17.17 -23.27 27.11
C LYS B 212 17.11 -22.88 28.58
N GLY B 213 17.82 -23.64 29.41
CA GLY B 213 17.78 -23.40 30.83
C GLY B 213 16.83 -24.42 31.41
N SER B 214 15.96 -23.99 32.32
CA SER B 214 15.00 -24.91 32.91
C SER B 214 14.25 -25.63 31.79
N PRO B 215 14.20 -26.97 31.83
CA PRO B 215 13.52 -27.82 30.83
C PRO B 215 12.04 -27.55 30.60
N GLU B 216 11.59 -27.72 29.37
CA GLU B 216 10.17 -27.49 29.08
C GLU B 216 9.38 -28.68 29.64
N ALA B 217 8.23 -28.41 30.25
CA ALA B 217 7.43 -29.48 30.84
C ALA B 217 7.14 -30.58 29.84
N TRP B 218 6.67 -30.19 28.67
CA TRP B 218 6.37 -31.10 27.59
C TRP B 218 6.79 -30.37 26.33
N PRO B 219 7.00 -31.10 25.23
CA PRO B 219 7.41 -30.37 24.03
C PRO B 219 6.44 -29.25 23.65
N GLY B 220 6.95 -28.03 23.63
CA GLY B 220 6.12 -26.87 23.29
C GLY B 220 5.57 -26.13 24.49
N LEU B 221 5.52 -26.78 25.66
CA LEU B 221 5.02 -26.13 26.87
C LEU B 221 6.19 -25.67 27.70
N ILE B 222 6.60 -24.43 27.45
CA ILE B 222 7.74 -23.79 28.10
C ILE B 222 7.44 -23.18 29.48
N GLY B 223 8.48 -22.61 30.08
CA GLY B 223 8.34 -22.01 31.39
C GLY B 223 7.77 -20.61 31.35
N THR B 224 7.52 -20.05 32.52
CA THR B 224 6.93 -18.72 32.62
C THR B 224 7.94 -17.57 32.59
N PHE B 225 8.99 -17.66 33.40
CA PHE B 225 9.96 -16.57 33.46
C PHE B 225 11.27 -16.78 32.73
N VAL B 226 11.74 -15.73 32.08
CA VAL B 226 12.97 -15.77 31.29
C VAL B 226 13.95 -14.68 31.74
N SER B 227 15.23 -15.04 31.74
CA SER B 227 16.31 -14.14 32.11
C SER B 227 16.56 -13.08 31.03
N THR B 228 16.57 -11.81 31.41
CA THR B 228 16.79 -10.74 30.44
C THR B 228 18.27 -10.65 30.07
N SER B 229 19.12 -11.20 30.94
CA SER B 229 20.55 -11.17 30.67
C SER B 229 20.98 -12.20 29.63
N ASN B 230 20.31 -13.36 29.57
CA ASN B 230 20.67 -14.38 28.58
C ASN B 230 19.51 -15.12 27.93
N GLY B 231 18.28 -14.69 28.21
CA GLY B 231 17.12 -15.33 27.62
C GLY B 231 16.93 -16.81 27.92
N THR B 232 17.41 -17.24 29.08
CA THR B 232 17.27 -18.64 29.46
C THR B 232 16.04 -18.76 30.36
N PHE B 233 15.43 -19.94 30.39
CA PHE B 233 14.23 -20.17 31.22
C PHE B 233 14.58 -20.44 32.68
N GLN B 234 13.79 -19.86 33.59
CA GLN B 234 14.03 -20.00 35.01
C GLN B 234 13.10 -20.96 35.76
N ASP B 235 12.15 -21.55 35.05
CA ASP B 235 11.23 -22.54 35.62
C ASP B 235 10.57 -23.35 34.51
N SER B 236 9.81 -24.36 34.90
CA SER B 236 9.13 -25.22 33.96
C SER B 236 7.63 -25.23 34.22
N SER B 237 7.10 -24.09 34.65
CA SER B 237 5.68 -23.96 34.96
C SER B 237 4.96 -23.07 33.95
N GLY B 238 3.66 -23.29 33.76
CA GLY B 238 2.94 -22.47 32.82
C GLY B 238 1.49 -22.85 32.70
N SER B 239 0.83 -22.25 31.72
CA SER B 239 -0.58 -22.49 31.51
C SER B 239 -1.06 -21.62 30.36
N TRP B 240 -2.35 -21.66 30.10
CA TRP B 240 -2.92 -20.84 29.05
C TRP B 240 -3.57 -19.62 29.69
N SER B 241 -3.12 -19.24 30.88
CA SER B 241 -3.64 -18.08 31.59
C SER B 241 -2.62 -16.95 31.66
N GLY B 242 -2.85 -16.03 32.60
CA GLY B 242 -1.97 -14.89 32.79
C GLY B 242 -0.50 -15.24 32.91
N LEU B 243 0.34 -14.43 32.26
CA LEU B 243 1.79 -14.58 32.24
C LEU B 243 2.29 -15.49 31.12
N MET B 244 1.38 -16.14 30.40
CA MET B 244 1.77 -17.04 29.31
C MET B 244 0.75 -17.05 28.15
N ASP B 245 -0.54 -17.00 28.47
CA ASP B 245 -1.60 -17.03 27.44
C ASP B 245 -1.26 -16.54 26.03
N SER B 246 -1.21 -15.21 25.84
CA SER B 246 -0.96 -14.63 24.51
C SER B 246 0.32 -15.00 23.79
N PHE B 247 1.24 -15.69 24.48
CA PHE B 247 2.47 -16.12 23.82
C PHE B 247 2.12 -17.24 22.84
N TYR B 248 1.31 -18.18 23.28
CA TYR B 248 0.88 -19.28 22.41
C TYR B 248 -0.03 -18.68 21.34
N GLU B 249 -0.94 -17.82 21.77
CA GLU B 249 -1.87 -17.16 20.86
C GLU B 249 -1.16 -16.59 19.63
N TYR B 250 -0.14 -15.77 19.88
CA TYR B 250 0.61 -15.14 18.80
C TYR B 250 1.44 -16.08 17.93
N LEU B 251 1.64 -17.30 18.39
CA LEU B 251 2.42 -18.26 17.62
C LEU B 251 1.68 -18.61 16.33
N ILE B 252 0.42 -18.98 16.48
CA ILE B 252 -0.38 -19.35 15.33
C ILE B 252 -0.83 -18.11 14.58
N LYS B 253 -1.00 -17.00 15.27
CA LYS B 253 -1.43 -15.79 14.58
C LYS B 253 -0.33 -15.23 13.69
N MET B 254 0.92 -15.48 14.04
CA MET B 254 2.01 -15.00 13.19
C MET B 254 1.98 -15.84 11.91
N TYR B 255 1.64 -17.12 12.05
CA TYR B 255 1.57 -18.01 10.90
C TYR B 255 0.52 -17.49 9.92
N LEU B 256 -0.54 -16.89 10.45
CA LEU B 256 -1.59 -16.34 9.62
C LEU B 256 -1.04 -15.07 8.96
N TYR B 257 -0.31 -14.26 9.74
CA TYR B 257 0.27 -13.03 9.21
C TYR B 257 1.11 -13.28 7.96
N ASP B 258 1.94 -14.31 8.00
CA ASP B 258 2.78 -14.70 6.85
C ASP B 258 3.19 -16.17 7.03
N PRO B 259 2.47 -17.09 6.37
CA PRO B 259 2.71 -18.54 6.43
C PRO B 259 4.16 -18.99 6.17
N VAL B 260 4.84 -18.32 5.25
CA VAL B 260 6.21 -18.67 4.90
C VAL B 260 7.23 -18.19 5.92
N ALA B 261 7.25 -16.89 6.18
CA ALA B 261 8.17 -16.29 7.13
C ALA B 261 8.08 -16.86 8.54
N PHE B 262 6.88 -17.25 8.96
CA PHE B 262 6.74 -17.77 10.32
C PHE B 262 6.28 -19.22 10.41
N ALA B 263 6.76 -20.04 9.49
CA ALA B 263 6.42 -21.44 9.47
C ALA B 263 6.91 -22.10 10.75
N HIS B 264 8.01 -21.59 11.29
CA HIS B 264 8.57 -22.16 12.49
C HIS B 264 7.69 -21.84 13.70
N TYR B 265 7.04 -20.68 13.69
CA TYR B 265 6.16 -20.33 14.80
C TYR B 265 5.01 -21.32 14.81
N LYS B 266 4.50 -21.63 13.63
CA LYS B 266 3.40 -22.57 13.50
C LYS B 266 3.78 -23.91 14.14
N ASP B 267 5.00 -24.37 13.86
CA ASP B 267 5.47 -25.63 14.39
C ASP B 267 5.54 -25.66 15.91
N ARG B 268 5.96 -24.54 16.50
CA ARG B 268 6.04 -24.46 17.96
C ARG B 268 4.64 -24.46 18.55
N TRP B 269 3.67 -23.94 17.80
CA TRP B 269 2.30 -23.90 18.27
C TRP B 269 1.72 -25.30 18.29
N VAL B 270 1.98 -26.06 17.22
CA VAL B 270 1.50 -27.43 17.14
C VAL B 270 2.01 -28.28 18.31
N LEU B 271 3.27 -28.08 18.69
CA LEU B 271 3.82 -28.84 19.81
C LEU B 271 3.01 -28.45 21.06
N GLY B 272 2.88 -27.15 21.31
CA GLY B 272 2.11 -26.69 22.44
C GLY B 272 0.68 -27.20 22.40
N ALA B 273 0.05 -27.10 21.23
CA ALA B 273 -1.33 -27.54 21.09
C ALA B 273 -1.50 -29.03 21.31
N ASP B 274 -0.70 -29.87 20.64
CA ASP B 274 -0.84 -31.31 20.83
C ASP B 274 -0.50 -31.70 22.27
N SER B 275 0.41 -31.00 22.92
CA SER B 275 0.77 -31.33 24.31
C SER B 275 -0.34 -30.96 25.28
N THR B 276 -0.98 -29.81 25.07
CA THR B 276 -2.03 -29.44 26.01
C THR B 276 -3.23 -30.36 25.83
N ILE B 277 -3.48 -30.77 24.59
CA ILE B 277 -4.60 -31.67 24.35
C ILE B 277 -4.33 -33.00 25.05
N GLY B 278 -3.08 -33.45 25.00
CA GLY B 278 -2.74 -34.73 25.60
C GLY B 278 -2.48 -34.74 27.11
N HIS B 279 -1.98 -33.64 27.65
CA HIS B 279 -1.69 -33.61 29.07
C HIS B 279 -2.41 -32.56 29.90
N LEU B 280 -2.85 -31.48 29.28
CA LEU B 280 -3.55 -30.42 30.01
C LEU B 280 -5.08 -30.55 30.05
N GLY B 281 -5.66 -31.25 29.08
CA GLY B 281 -7.10 -31.43 29.07
C GLY B 281 -7.55 -32.17 30.32
N SER B 282 -8.50 -31.60 31.05
CA SER B 282 -8.97 -32.23 32.29
C SER B 282 -10.48 -32.17 32.45
N HIS B 283 -11.07 -33.24 32.95
CA HIS B 283 -12.51 -33.29 33.15
C HIS B 283 -12.85 -33.25 34.64
N PRO B 284 -13.79 -32.37 35.04
CA PRO B 284 -14.16 -32.30 36.46
C PRO B 284 -14.68 -33.68 36.88
N SER B 285 -14.40 -34.09 38.11
CA SER B 285 -14.85 -35.38 38.60
C SER B 285 -16.36 -35.56 38.64
N THR B 286 -17.09 -34.44 38.72
CA THR B 286 -18.55 -34.43 38.79
C THR B 286 -19.27 -34.05 37.48
N ARG B 287 -18.51 -33.63 36.47
CA ARG B 287 -19.09 -33.22 35.19
C ARG B 287 -18.11 -33.61 34.09
N LYS B 288 -18.06 -34.90 33.76
CA LYS B 288 -17.14 -35.38 32.73
C LYS B 288 -17.45 -34.86 31.33
N ASP B 289 -18.58 -34.17 31.20
CA ASP B 289 -18.98 -33.61 29.92
C ASP B 289 -18.25 -32.27 29.71
N LEU B 290 -17.61 -31.78 30.78
CA LEU B 290 -16.88 -30.52 30.74
C LEU B 290 -15.37 -30.73 30.55
N THR B 291 -14.74 -29.85 29.79
CA THR B 291 -13.29 -29.95 29.57
C THR B 291 -12.60 -28.60 29.80
N PHE B 292 -11.74 -28.55 30.82
CA PHE B 292 -11.00 -27.35 31.18
C PHE B 292 -9.50 -27.55 30.96
N LEU B 293 -8.73 -26.47 31.03
CA LEU B 293 -7.29 -26.53 30.86
C LEU B 293 -6.58 -26.36 32.20
N SER B 294 -5.87 -27.40 32.62
CA SER B 294 -5.12 -27.39 33.88
C SER B 294 -3.82 -26.63 33.66
N SER B 295 -3.22 -26.14 34.74
CA SER B 295 -1.93 -25.46 34.65
C SER B 295 -0.91 -26.58 34.84
N TYR B 296 0.38 -26.27 34.67
CA TYR B 296 1.40 -27.31 34.83
C TYR B 296 2.67 -26.84 35.50
N ASN B 297 3.27 -27.74 36.28
CA ASN B 297 4.52 -27.49 37.00
C ASN B 297 5.35 -28.73 36.68
N GLY B 298 6.16 -28.65 35.62
CA GLY B 298 6.93 -29.80 35.21
C GLY B 298 5.91 -30.76 34.63
N GLN B 299 6.10 -32.06 34.80
CA GLN B 299 5.16 -33.02 34.25
C GLN B 299 4.03 -33.39 35.23
N SER B 300 3.50 -32.39 35.91
CA SER B 300 2.41 -32.60 36.85
C SER B 300 1.44 -31.44 36.62
N THR B 301 0.15 -31.76 36.54
CA THR B 301 -0.85 -30.73 36.27
C THR B 301 -1.68 -30.36 37.49
N SER B 302 -2.22 -29.15 37.45
CA SER B 302 -3.03 -28.65 38.56
C SER B 302 -4.40 -28.24 38.02
N PRO B 303 -5.47 -28.87 38.52
CA PRO B 303 -6.83 -28.55 38.07
C PRO B 303 -7.35 -27.17 38.45
N ASN B 304 -6.67 -26.11 38.01
CA ASN B 304 -7.12 -24.75 38.30
C ASN B 304 -7.06 -23.94 37.02
N SER B 305 -8.01 -23.03 36.82
CA SER B 305 -8.02 -22.23 35.62
C SER B 305 -8.74 -20.92 35.85
N GLY B 306 -9.24 -20.29 34.79
CA GLY B 306 -9.93 -19.03 34.98
C GLY B 306 -10.32 -18.34 33.69
N HIS B 307 -10.97 -17.19 33.83
CA HIS B 307 -11.44 -16.41 32.69
C HIS B 307 -10.36 -16.14 31.63
N LEU B 308 -9.13 -15.87 32.05
CA LEU B 308 -8.07 -15.57 31.08
C LEU B 308 -7.81 -16.72 30.13
N ALA B 309 -7.87 -17.94 30.64
CA ALA B 309 -7.63 -19.13 29.83
C ALA B 309 -8.78 -19.46 28.88
N SER B 310 -9.97 -18.90 29.15
CA SER B 310 -11.13 -19.19 28.30
C SER B 310 -10.92 -18.80 26.83
N PHE B 311 -9.86 -18.04 26.55
CA PHE B 311 -9.60 -17.65 25.18
C PHE B 311 -9.06 -18.84 24.38
N GLY B 312 -8.62 -19.87 25.10
CA GLY B 312 -8.05 -21.06 24.45
C GLY B 312 -8.93 -21.66 23.36
N GLY B 313 -10.23 -21.75 23.62
CA GLY B 313 -11.15 -22.31 22.65
C GLY B 313 -11.03 -21.70 21.26
N GLY B 314 -11.01 -20.36 21.21
CA GLY B 314 -10.91 -19.67 19.94
C GLY B 314 -9.57 -19.83 19.25
N ASN B 315 -8.50 -19.87 20.03
CA ASN B 315 -7.16 -20.02 19.50
C ASN B 315 -6.98 -21.39 18.85
N PHE B 316 -7.54 -22.44 19.46
CA PHE B 316 -7.45 -23.79 18.87
C PHE B 316 -8.28 -23.87 17.59
N ILE B 317 -9.41 -23.18 17.57
CA ILE B 317 -10.30 -23.15 16.40
C ILE B 317 -9.58 -22.42 15.26
N LEU B 318 -8.87 -21.35 15.58
CA LEU B 318 -8.15 -20.59 14.56
C LEU B 318 -7.10 -21.51 13.95
N GLY B 319 -6.37 -22.23 14.80
CA GLY B 319 -5.35 -23.14 14.33
C GLY B 319 -5.97 -24.22 13.46
N GLY B 320 -7.16 -24.69 13.86
CA GLY B 320 -7.83 -25.72 13.10
C GLY B 320 -8.10 -25.24 11.69
N ILE B 321 -8.49 -23.97 11.59
CA ILE B 321 -8.78 -23.35 10.31
C ILE B 321 -7.52 -23.16 9.47
N LEU B 322 -6.50 -22.59 10.10
CA LEU B 322 -5.25 -22.31 9.42
C LEU B 322 -4.50 -23.60 9.00
N LEU B 323 -4.63 -24.65 9.81
CA LEU B 323 -3.95 -25.90 9.50
C LEU B 323 -4.85 -26.95 8.86
N ASN B 324 -6.13 -26.61 8.69
CA ASN B 324 -7.08 -27.54 8.09
C ASN B 324 -7.09 -28.85 8.88
N GLU B 325 -7.28 -28.75 10.20
CA GLU B 325 -7.30 -29.91 11.08
C GLU B 325 -8.52 -29.87 12.00
N GLN B 326 -9.48 -30.76 11.76
CA GLN B 326 -10.70 -30.84 12.55
C GLN B 326 -10.41 -31.12 14.02
N LYS B 327 -9.28 -31.74 14.30
CA LYS B 327 -8.90 -32.06 15.66
C LYS B 327 -8.87 -30.81 16.55
N TYR B 328 -8.18 -29.77 16.10
CA TYR B 328 -8.09 -28.53 16.89
C TYR B 328 -9.44 -27.82 16.97
N ILE B 329 -10.23 -27.91 15.91
CA ILE B 329 -11.55 -27.29 15.88
C ILE B 329 -12.45 -27.97 16.90
N ASP B 330 -12.48 -29.29 16.89
CA ASP B 330 -13.32 -30.04 17.83
C ASP B 330 -12.92 -29.72 19.27
N PHE B 331 -11.62 -29.68 19.54
CA PHE B 331 -11.12 -29.39 20.87
C PHE B 331 -11.48 -27.96 21.29
N GLY B 332 -11.35 -27.01 20.36
CA GLY B 332 -11.69 -25.64 20.67
C GLY B 332 -13.16 -25.47 21.01
N ILE B 333 -14.02 -26.21 20.30
CA ILE B 333 -15.46 -26.19 20.51
C ILE B 333 -15.74 -26.66 21.92
N LYS B 334 -15.05 -27.72 22.32
CA LYS B 334 -15.21 -28.27 23.66
C LYS B 334 -14.83 -27.26 24.72
N LEU B 335 -13.74 -26.53 24.49
CA LEU B 335 -13.30 -25.53 25.47
C LEU B 335 -14.25 -24.34 25.51
N ALA B 336 -14.65 -23.88 24.33
CA ALA B 336 -15.56 -22.74 24.27
C ALA B 336 -16.84 -23.07 25.03
N SER B 337 -17.35 -24.27 24.78
CA SER B 337 -18.56 -24.75 25.43
C SER B 337 -18.37 -24.93 26.94
N SER B 338 -17.24 -25.51 27.32
CA SER B 338 -16.97 -25.76 28.73
C SER B 338 -16.75 -24.47 29.54
N TYR B 339 -15.98 -23.53 29.01
CA TYR B 339 -15.75 -22.30 29.75
C TYR B 339 -17.05 -21.48 29.87
N PHE B 340 -17.92 -21.57 28.86
CA PHE B 340 -19.20 -20.86 28.91
C PHE B 340 -20.01 -21.48 30.05
N GLY B 341 -19.72 -22.73 30.35
CA GLY B 341 -20.42 -23.40 31.44
C GLY B 341 -20.16 -22.71 32.77
N THR B 342 -19.06 -21.97 32.90
CA THR B 342 -18.77 -21.28 34.17
C THR B 342 -19.54 -19.97 34.25
N TYR B 343 -20.11 -19.58 33.12
CA TYR B 343 -20.94 -18.38 33.00
C TYR B 343 -22.39 -18.73 33.33
N THR B 344 -22.95 -19.66 32.55
CA THR B 344 -24.34 -20.10 32.69
C THR B 344 -24.77 -20.74 34.03
N GLN B 345 -23.80 -21.16 34.86
CA GLN B 345 -24.11 -21.80 36.14
C GLN B 345 -23.99 -20.94 37.40
N THR B 346 -23.57 -19.68 37.25
CA THR B 346 -23.47 -18.83 38.43
C THR B 346 -24.78 -18.05 38.56
N ALA B 347 -24.98 -17.43 39.72
CA ALA B 347 -26.20 -16.67 39.97
C ALA B 347 -26.37 -15.49 39.01
N SER B 348 -25.26 -14.82 38.70
CA SER B 348 -25.26 -13.66 37.81
C SER B 348 -25.22 -14.05 36.33
N GLY B 349 -24.90 -15.31 36.05
CA GLY B 349 -24.82 -15.74 34.67
C GLY B 349 -23.50 -15.31 34.05
N ILE B 350 -22.55 -14.92 34.90
CA ILE B 350 -21.22 -14.48 34.44
C ILE B 350 -20.14 -15.40 35.02
N GLY B 351 -19.10 -15.67 34.24
CA GLY B 351 -18.04 -16.54 34.71
C GLY B 351 -17.07 -15.87 35.67
N PRO B 352 -16.51 -16.62 36.63
CA PRO B 352 -15.56 -16.08 37.61
C PRO B 352 -14.15 -15.91 37.05
N GLU B 353 -13.34 -15.08 37.72
CA GLU B 353 -11.96 -14.84 37.30
C GLU B 353 -11.09 -16.08 37.47
N GLY B 354 -11.39 -16.84 38.52
CA GLY B 354 -10.64 -18.05 38.79
C GLY B 354 -11.50 -19.14 39.39
N PHE B 355 -11.25 -20.38 38.97
CA PHE B 355 -11.99 -21.53 39.47
C PHE B 355 -11.12 -22.80 39.47
N ALA B 356 -11.58 -23.84 40.14
CA ALA B 356 -10.84 -25.10 40.23
C ALA B 356 -11.75 -26.32 40.26
N TRP B 357 -11.17 -27.52 40.21
CA TRP B 357 -11.95 -28.74 40.22
C TRP B 357 -11.10 -29.94 40.62
N VAL B 358 -11.68 -31.13 40.60
CA VAL B 358 -10.94 -32.34 40.94
C VAL B 358 -10.82 -33.15 39.65
N ASP B 359 -9.60 -33.50 39.25
CA ASP B 359 -9.40 -34.27 38.02
C ASP B 359 -10.16 -35.60 38.11
N SER B 360 -10.92 -35.94 37.08
CA SER B 360 -11.72 -37.16 37.06
C SER B 360 -10.95 -38.46 37.10
N VAL B 361 -9.74 -38.48 36.54
CA VAL B 361 -8.96 -39.70 36.52
C VAL B 361 -7.89 -39.76 37.61
N THR B 362 -7.27 -38.62 37.87
CA THR B 362 -6.19 -38.51 38.86
C THR B 362 -6.66 -38.21 40.29
N GLY B 363 -7.70 -37.40 40.42
CA GLY B 363 -8.18 -37.03 41.74
C GLY B 363 -7.41 -35.81 42.22
N ALA B 364 -6.58 -35.25 41.35
CA ALA B 364 -5.80 -34.06 41.70
C ALA B 364 -6.75 -32.93 42.06
N GLY B 365 -6.38 -32.16 43.07
CA GLY B 365 -7.23 -31.06 43.51
C GLY B 365 -7.85 -31.46 44.82
N GLY B 366 -7.89 -32.77 45.06
CA GLY B 366 -8.44 -33.29 46.29
C GLY B 366 -9.94 -33.22 46.43
N SER B 367 -10.44 -32.06 46.84
CA SER B 367 -11.87 -31.87 47.05
C SER B 367 -12.18 -30.39 47.15
N PRO B 368 -13.43 -30.03 46.86
CA PRO B 368 -13.81 -28.62 46.94
C PRO B 368 -13.96 -28.19 48.38
N PRO B 369 -13.93 -26.89 48.65
CA PRO B 369 -14.11 -26.51 50.05
C PRO B 369 -15.55 -26.91 50.40
N SER B 370 -15.77 -27.34 51.63
CA SER B 370 -17.11 -27.79 52.04
C SER B 370 -18.21 -26.78 51.72
N SER B 371 -17.90 -25.50 51.87
CA SER B 371 -18.88 -24.43 51.60
C SER B 371 -19.31 -24.37 50.14
N GLN B 372 -18.57 -25.01 49.24
CA GLN B 372 -18.93 -25.00 47.82
C GLN B 372 -19.08 -26.42 47.29
N SER B 373 -19.11 -27.38 48.21
CA SER B 373 -19.24 -28.79 47.86
C SER B 373 -20.55 -29.05 47.10
N GLY B 374 -21.63 -28.44 47.56
CA GLY B 374 -22.90 -28.62 46.90
C GLY B 374 -22.87 -28.12 45.46
N PHE B 375 -22.38 -26.90 45.28
CA PHE B 375 -22.29 -26.29 43.96
C PHE B 375 -21.40 -27.09 43.02
N TYR B 376 -20.32 -27.65 43.55
CA TYR B 376 -19.41 -28.44 42.72
C TYR B 376 -20.04 -29.72 42.19
N SER B 377 -20.76 -30.43 43.05
CA SER B 377 -21.37 -31.70 42.67
C SER B 377 -22.28 -31.58 41.45
N SER B 378 -22.78 -30.38 41.19
CA SER B 378 -23.63 -30.18 40.03
C SER B 378 -23.03 -29.25 38.98
N ALA B 379 -22.20 -28.28 39.38
CA ALA B 379 -21.60 -27.34 38.42
C ALA B 379 -20.31 -27.80 37.73
N GLY B 380 -19.47 -28.56 38.45
CA GLY B 380 -18.23 -29.04 37.86
C GLY B 380 -17.03 -28.18 38.21
N PHE B 381 -17.20 -27.30 39.18
CA PHE B 381 -16.11 -26.44 39.56
C PHE B 381 -16.49 -25.59 40.77
N TRP B 382 -15.48 -25.00 41.40
CA TRP B 382 -15.74 -24.10 42.51
C TRP B 382 -14.98 -22.82 42.20
N VAL B 383 -15.49 -21.71 42.75
CA VAL B 383 -14.92 -20.37 42.54
C VAL B 383 -13.82 -20.02 43.53
N THR B 384 -12.67 -19.58 42.99
CA THR B 384 -11.53 -19.17 43.79
C THR B 384 -11.32 -17.66 43.77
N ALA B 385 -11.78 -17.00 42.72
CA ALA B 385 -11.68 -15.55 42.58
C ALA B 385 -13.02 -15.20 41.90
N PRO B 386 -13.97 -14.67 42.68
CA PRO B 386 -15.33 -14.28 42.28
C PRO B 386 -15.57 -13.04 41.42
N TYR B 387 -14.59 -12.15 41.31
CA TYR B 387 -14.80 -10.93 40.53
C TYR B 387 -14.78 -11.07 39.00
N TYR B 388 -15.34 -10.06 38.34
CA TYR B 388 -15.37 -10.01 36.88
C TYR B 388 -15.11 -8.56 36.48
N ILE B 389 -14.12 -8.34 35.62
CA ILE B 389 -13.76 -6.98 35.21
C ILE B 389 -14.03 -6.63 33.75
N LEU B 390 -15.14 -7.13 33.22
CA LEU B 390 -15.53 -6.86 31.84
C LEU B 390 -14.57 -7.49 30.82
N ARG B 391 -14.03 -8.66 31.16
CA ARG B 391 -13.12 -9.36 30.24
C ARG B 391 -13.93 -9.98 29.11
N PRO B 392 -13.30 -10.11 27.93
CA PRO B 392 -13.88 -10.65 26.69
C PRO B 392 -13.58 -12.10 26.29
N GLU B 393 -12.56 -12.68 26.90
CA GLU B 393 -12.09 -14.03 26.59
C GLU B 393 -13.17 -15.06 26.25
N THR B 394 -14.26 -15.09 27.00
CA THR B 394 -15.32 -16.05 26.73
C THR B 394 -16.18 -15.63 25.51
N LEU B 395 -16.48 -14.35 25.38
CA LEU B 395 -17.26 -13.89 24.25
C LEU B 395 -16.41 -14.12 23.00
N GLU B 396 -15.10 -14.12 23.21
CA GLU B 396 -14.12 -14.31 22.13
C GLU B 396 -14.16 -15.72 21.56
N SER B 397 -14.14 -16.72 22.43
CA SER B 397 -14.16 -18.10 21.98
C SER B 397 -15.53 -18.49 21.41
N LEU B 398 -16.61 -17.97 22.00
CA LEU B 398 -17.95 -18.23 21.48
C LEU B 398 -17.99 -17.70 20.04
N TYR B 399 -17.45 -16.49 19.83
CA TYR B 399 -17.42 -15.90 18.50
C TYR B 399 -16.71 -16.82 17.51
N TYR B 400 -15.53 -17.31 17.87
CA TYR B 400 -14.79 -18.22 16.97
C TYR B 400 -15.63 -19.47 16.69
N ALA B 401 -16.31 -19.98 17.71
CA ALA B 401 -17.13 -21.18 17.52
C ALA B 401 -18.22 -20.95 16.48
N TYR B 402 -18.88 -19.79 16.54
CA TYR B 402 -19.93 -19.50 15.56
C TYR B 402 -19.38 -19.41 14.15
N ARG B 403 -18.24 -18.76 14.02
CA ARG B 403 -17.58 -18.55 12.75
C ARG B 403 -17.10 -19.84 12.10
N VAL B 404 -16.73 -20.82 12.91
CA VAL B 404 -16.25 -22.06 12.35
C VAL B 404 -17.35 -23.10 12.07
N THR B 405 -18.49 -22.98 12.77
CA THR B 405 -19.61 -23.93 12.60
C THR B 405 -20.84 -23.34 11.92
N GLY B 406 -21.08 -22.05 12.12
CA GLY B 406 -22.25 -21.42 11.54
C GLY B 406 -23.53 -21.82 12.28
N ASP B 407 -23.38 -22.43 13.46
CA ASP B 407 -24.51 -22.87 14.28
C ASP B 407 -25.06 -21.72 15.13
N SER B 408 -26.31 -21.35 14.90
CA SER B 408 -26.93 -20.25 15.63
C SER B 408 -26.82 -20.42 17.13
N LYS B 409 -26.73 -21.66 17.60
CA LYS B 409 -26.62 -21.90 19.02
C LYS B 409 -25.55 -21.02 19.65
N TRP B 410 -24.43 -20.84 18.94
CA TRP B 410 -23.33 -20.03 19.45
C TRP B 410 -23.72 -18.56 19.61
N GLN B 411 -24.54 -18.05 18.70
CA GLN B 411 -25.00 -16.69 18.78
C GLN B 411 -25.87 -16.53 20.03
N ASP B 412 -26.70 -17.54 20.29
CA ASP B 412 -27.58 -17.52 21.46
C ASP B 412 -26.81 -17.51 22.78
N LEU B 413 -25.80 -18.38 22.86
CA LEU B 413 -25.00 -18.46 24.07
C LEU B 413 -24.30 -17.13 24.29
N ALA B 414 -23.69 -16.57 23.25
CA ALA B 414 -23.01 -15.29 23.38
C ALA B 414 -24.02 -14.22 23.81
N TRP B 415 -25.20 -14.23 23.20
CA TRP B 415 -26.21 -13.23 23.56
C TRP B 415 -26.57 -13.35 25.05
N GLU B 416 -26.49 -14.56 25.59
CA GLU B 416 -26.80 -14.77 27.00
C GLU B 416 -25.70 -14.15 27.84
N ALA B 417 -24.47 -14.32 27.38
CA ALA B 417 -23.31 -13.77 28.07
C ALA B 417 -23.35 -12.25 28.09
N LEU B 418 -23.60 -11.63 26.93
CA LEU B 418 -23.67 -10.17 26.87
C LEU B 418 -24.83 -9.65 27.72
N SER B 419 -25.96 -10.34 27.66
CA SER B 419 -27.14 -9.94 28.43
C SER B 419 -26.88 -10.02 29.93
N ALA B 420 -26.33 -11.14 30.38
CA ALA B 420 -26.03 -11.30 31.79
C ALA B 420 -25.02 -10.22 32.20
N ILE B 421 -23.99 -10.04 31.38
CA ILE B 421 -22.96 -9.05 31.68
C ILE B 421 -23.59 -7.68 31.81
N GLU B 422 -24.32 -7.28 30.78
CA GLU B 422 -24.97 -5.99 30.78
C GLU B 422 -25.99 -5.79 31.93
N ASP B 423 -26.73 -6.83 32.30
CA ASP B 423 -27.69 -6.71 33.39
C ASP B 423 -27.03 -6.44 34.75
N ALA B 424 -25.99 -7.21 35.08
CA ALA B 424 -25.33 -7.02 36.36
C ALA B 424 -24.29 -5.90 36.38
N CYS B 425 -23.66 -5.65 35.23
CA CYS B 425 -22.62 -4.65 35.17
C CYS B 425 -23.03 -3.21 34.94
N ARG B 426 -24.25 -2.99 34.46
CA ARG B 426 -24.73 -1.63 34.25
C ARG B 426 -24.57 -0.95 35.60
N ALA B 427 -23.89 0.18 35.62
CA ALA B 427 -23.67 0.92 36.86
C ALA B 427 -23.30 2.37 36.56
N GLY B 428 -23.90 3.28 37.34
CA GLY B 428 -23.63 4.69 37.16
C GLY B 428 -23.90 5.11 35.73
N SER B 429 -23.01 5.91 35.17
CA SER B 429 -23.19 6.37 33.81
C SER B 429 -22.94 5.31 32.72
N ALA B 430 -22.37 4.16 33.09
CA ALA B 430 -22.08 3.13 32.07
C ALA B 430 -22.03 1.68 32.58
N TYR B 431 -20.86 1.04 32.47
CA TYR B 431 -20.68 -0.33 32.94
C TYR B 431 -19.39 -0.43 33.76
N SER B 432 -19.43 -1.27 34.78
CA SER B 432 -18.30 -1.43 35.69
C SER B 432 -17.99 -2.87 36.07
N SER B 433 -16.78 -3.08 36.58
CA SER B 433 -16.35 -4.39 37.04
C SER B 433 -17.21 -4.70 38.27
N ILE B 434 -17.37 -5.97 38.58
CA ILE B 434 -18.16 -6.39 39.73
C ILE B 434 -17.37 -7.28 40.69
N ASN B 435 -17.77 -7.29 41.95
CA ASN B 435 -17.04 -8.05 42.97
C ASN B 435 -17.33 -9.54 43.13
N ASP B 436 -18.59 -9.93 42.99
CA ASP B 436 -18.92 -11.32 43.19
C ASP B 436 -19.92 -11.88 42.17
N VAL B 437 -19.37 -12.66 41.25
CA VAL B 437 -20.14 -13.27 40.19
C VAL B 437 -21.14 -14.34 40.69
N THR B 438 -20.92 -14.83 41.91
CA THR B 438 -21.81 -15.83 42.49
C THR B 438 -23.01 -15.19 43.17
N GLN B 439 -23.12 -13.87 43.04
CA GLN B 439 -24.22 -13.09 43.60
C GLN B 439 -25.14 -12.71 42.45
N ALA B 440 -26.42 -13.04 42.57
CA ALA B 440 -27.41 -12.77 41.53
C ALA B 440 -27.27 -11.45 40.79
N ASN B 441 -26.97 -10.37 41.52
CA ASN B 441 -26.87 -9.10 40.84
C ASN B 441 -25.46 -8.54 40.72
N GLY B 442 -24.47 -9.43 40.83
CA GLY B 442 -23.08 -9.01 40.69
C GLY B 442 -22.33 -8.72 41.97
N GLY B 443 -23.05 -8.55 43.07
CA GLY B 443 -22.39 -8.28 44.34
C GLY B 443 -21.75 -6.90 44.47
N GLY B 444 -22.27 -5.91 43.74
CA GLY B 444 -21.72 -4.57 43.82
C GLY B 444 -20.67 -4.23 42.77
N ALA B 445 -20.71 -2.99 42.29
CA ALA B 445 -19.79 -2.51 41.28
C ALA B 445 -18.52 -1.96 41.94
N SER B 446 -17.37 -2.37 41.44
CA SER B 446 -16.10 -1.91 41.98
C SER B 446 -15.66 -0.59 41.32
N ASP B 447 -16.59 0.07 40.64
CA ASP B 447 -16.36 1.37 40.00
C ASP B 447 -15.15 1.47 39.06
N ASP B 448 -15.25 0.84 37.90
CA ASP B 448 -14.16 0.88 36.92
C ASP B 448 -14.59 0.27 35.58
N MET B 449 -14.19 0.93 34.50
CA MET B 449 -14.50 0.44 33.16
C MET B 449 -13.20 0.41 32.34
N GLU B 450 -12.56 -0.76 32.35
CA GLU B 450 -11.31 -1.00 31.64
C GLU B 450 -11.45 -0.78 30.13
N SER B 451 -10.37 -0.37 29.47
CA SER B 451 -10.40 -0.10 28.05
C SER B 451 -10.71 -1.32 27.16
N PHE B 452 -10.37 -2.52 27.62
CA PHE B 452 -10.66 -3.70 26.79
C PHE B 452 -12.16 -3.98 26.67
N TRP B 453 -12.97 -3.25 27.44
CA TRP B 453 -14.42 -3.40 27.37
C TRP B 453 -14.81 -2.85 25.99
N PHE B 454 -14.24 -1.69 25.64
CA PHE B 454 -14.47 -1.04 24.35
C PHE B 454 -13.85 -1.81 23.18
N ALA B 455 -12.60 -2.24 23.35
CA ALA B 455 -11.86 -2.93 22.30
C ALA B 455 -12.20 -4.38 22.04
N GLU B 456 -12.51 -5.12 23.10
CA GLU B 456 -12.77 -6.55 22.98
C GLU B 456 -14.17 -7.09 23.26
N ALA B 457 -14.64 -6.96 24.49
CA ALA B 457 -15.96 -7.47 24.85
C ALA B 457 -17.05 -7.03 23.88
N LEU B 458 -17.11 -5.73 23.59
CA LEU B 458 -18.13 -5.23 22.70
C LEU B 458 -17.80 -5.51 21.23
N LYS B 459 -16.52 -5.63 20.89
CA LYS B 459 -16.20 -5.93 19.49
C LYS B 459 -16.63 -7.35 19.13
N TYR B 460 -16.20 -8.34 19.91
CA TYR B 460 -16.59 -9.73 19.60
C TYR B 460 -18.09 -9.95 19.68
N ALA B 461 -18.72 -9.41 20.72
CA ALA B 461 -20.16 -9.57 20.88
C ALA B 461 -20.89 -8.98 19.67
N TYR B 462 -20.39 -7.85 19.18
CA TYR B 462 -21.02 -7.23 18.04
C TYR B 462 -20.85 -8.05 16.76
N LEU B 463 -19.61 -8.41 16.47
CA LEU B 463 -19.30 -9.18 15.27
C LEU B 463 -20.03 -10.49 15.14
N ILE B 464 -20.36 -11.13 16.26
CA ILE B 464 -21.05 -12.41 16.18
C ILE B 464 -22.47 -12.26 15.61
N PHE B 465 -23.02 -11.06 15.73
CA PHE B 465 -24.37 -10.77 15.23
C PHE B 465 -24.33 -9.87 13.97
N ALA B 466 -23.17 -9.24 13.74
CA ALA B 466 -22.97 -8.34 12.61
C ALA B 466 -22.92 -9.01 11.23
N GLU B 467 -22.96 -8.18 10.20
CA GLU B 467 -22.92 -8.66 8.83
C GLU B 467 -21.54 -9.16 8.44
N GLU B 468 -21.50 -9.88 7.33
CA GLU B 468 -20.26 -10.44 6.82
C GLU B 468 -19.31 -9.33 6.37
N SER B 469 -18.02 -9.61 6.46
CA SER B 469 -16.99 -8.66 6.03
C SER B 469 -15.66 -9.40 6.13
N ASP B 470 -14.66 -8.93 5.39
CA ASP B 470 -13.33 -9.55 5.41
C ASP B 470 -12.76 -9.63 6.82
N VAL B 471 -13.03 -8.62 7.64
CA VAL B 471 -12.52 -8.60 9.00
C VAL B 471 -13.00 -9.79 9.82
N GLN B 472 -14.16 -10.34 9.46
CA GLN B 472 -14.71 -11.50 10.18
C GLN B 472 -13.83 -12.73 9.90
N VAL B 473 -13.74 -13.64 10.88
CA VAL B 473 -12.93 -14.85 10.72
C VAL B 473 -13.58 -15.80 9.71
N GLN B 474 -12.83 -16.15 8.67
CA GLN B 474 -13.30 -17.04 7.61
C GLN B 474 -13.02 -18.50 7.96
N ALA B 475 -14.05 -19.33 7.91
CA ALA B 475 -13.93 -20.75 8.23
C ALA B 475 -13.21 -21.58 7.17
N THR B 476 -13.44 -21.25 5.90
CA THR B 476 -12.79 -22.00 4.82
C THR B 476 -11.48 -21.34 4.40
N GLY B 477 -10.85 -20.62 5.33
CA GLY B 477 -9.59 -19.98 5.05
C GLY B 477 -9.70 -18.74 4.20
N GLY B 478 -8.56 -18.20 3.78
CA GLY B 478 -8.55 -17.00 2.97
C GLY B 478 -8.69 -15.76 3.83
N ASN B 479 -8.29 -15.88 5.09
CA ASN B 479 -8.37 -14.76 6.02
C ASN B 479 -7.38 -13.64 5.64
N LYS B 480 -7.89 -12.43 5.46
CA LYS B 480 -7.03 -11.30 5.10
C LYS B 480 -6.74 -10.45 6.34
N PHE B 481 -7.33 -10.86 7.46
CA PHE B 481 -7.11 -10.16 8.72
C PHE B 481 -6.77 -11.13 9.85
N VAL B 482 -6.07 -10.60 10.84
CA VAL B 482 -5.67 -11.36 12.02
C VAL B 482 -5.85 -10.43 13.23
N PHE B 483 -6.51 -10.93 14.27
CA PHE B 483 -6.78 -10.15 15.47
C PHE B 483 -5.60 -10.18 16.44
N ASN B 484 -5.24 -9.02 16.99
CA ASN B 484 -4.14 -8.99 17.95
C ASN B 484 -4.82 -9.38 19.26
N THR B 485 -4.04 -9.51 20.33
CA THR B 485 -4.60 -9.95 21.60
C THR B 485 -5.54 -8.96 22.29
N GLU B 486 -5.69 -7.76 21.72
CA GLU B 486 -6.59 -6.77 22.30
C GLU B 486 -7.72 -6.58 21.28
N ALA B 487 -8.03 -7.64 20.54
CA ALA B 487 -9.08 -7.61 19.53
C ALA B 487 -8.88 -6.55 18.44
N HIS B 488 -7.62 -6.25 18.11
CA HIS B 488 -7.34 -5.27 17.05
C HIS B 488 -6.93 -6.01 15.78
N PRO B 489 -7.75 -5.93 14.74
CA PRO B 489 -7.44 -6.60 13.47
C PRO B 489 -6.41 -5.93 12.59
N PHE B 490 -5.43 -6.70 12.15
CA PHE B 490 -4.42 -6.14 11.27
C PHE B 490 -4.57 -6.83 9.93
N SER B 491 -4.14 -6.17 8.86
CA SER B 491 -4.19 -6.78 7.54
C SER B 491 -2.94 -7.65 7.49
N ILE B 492 -3.06 -8.88 6.95
CA ILE B 492 -1.87 -9.75 6.87
C ILE B 492 -0.91 -9.19 5.81
N ARG B 493 0.31 -9.71 5.80
CA ARG B 493 1.35 -9.26 4.86
C ARG B 493 1.05 -9.53 3.39
N SER B 494 1.66 -8.73 2.52
CA SER B 494 1.53 -8.86 1.06
C SER B 494 2.59 -8.03 0.34
N GLY C 9 1.93 1.89 -8.26
CA GLY C 9 0.64 2.47 -8.74
C GLY C 9 -0.38 2.58 -7.62
N SER C 10 -1.17 3.65 -7.65
CA SER C 10 -2.18 3.88 -6.62
C SER C 10 -3.39 4.58 -7.21
N PRO C 11 -4.51 4.62 -6.46
CA PRO C 11 -5.74 5.28 -6.92
C PRO C 11 -5.51 6.75 -7.25
N ASN C 12 -6.28 7.26 -8.20
CA ASN C 12 -6.19 8.65 -8.59
C ASN C 12 -7.57 9.27 -8.46
N PRO C 13 -7.82 9.95 -7.33
CA PRO C 13 -9.08 10.61 -7.01
C PRO C 13 -9.57 11.63 -8.05
N THR C 14 -8.66 12.40 -8.62
CA THR C 14 -9.03 13.40 -9.61
C THR C 14 -9.65 12.74 -10.86
N ARG C 15 -8.94 11.74 -11.39
CA ARG C 15 -9.41 11.02 -12.56
C ARG C 15 -10.67 10.23 -12.23
N ALA C 16 -10.71 9.68 -11.03
CA ALA C 16 -11.86 8.91 -10.60
C ALA C 16 -13.10 9.81 -10.58
N ALA C 17 -12.95 10.99 -9.99
CA ALA C 17 -14.06 11.94 -9.90
C ALA C 17 -14.52 12.37 -11.28
N ALA C 18 -13.60 12.48 -12.22
CA ALA C 18 -13.95 12.88 -13.58
C ALA C 18 -14.88 11.83 -14.21
N VAL C 19 -14.54 10.55 -14.05
CA VAL C 19 -15.36 9.47 -14.60
C VAL C 19 -16.71 9.46 -13.88
N LYS C 20 -16.69 9.82 -12.61
CA LYS C 20 -17.91 9.90 -11.80
C LYS C 20 -18.84 10.97 -12.36
N ALA C 21 -18.27 12.10 -12.76
CA ALA C 21 -19.05 13.22 -13.30
C ALA C 21 -19.69 12.89 -14.64
N ALA C 22 -18.96 12.12 -15.44
CA ALA C 22 -19.48 11.73 -16.74
C ALA C 22 -20.69 10.84 -16.53
N PHE C 23 -20.61 9.97 -15.53
CA PHE C 23 -21.71 9.07 -15.23
C PHE C 23 -22.89 9.88 -14.70
N GLN C 24 -22.61 10.86 -13.85
CA GLN C 24 -23.65 11.71 -13.28
C GLN C 24 -24.36 12.41 -14.43
N THR C 25 -23.58 13.08 -15.28
CA THR C 25 -24.16 13.77 -16.43
C THR C 25 -25.00 12.80 -17.26
N SER C 26 -24.40 11.66 -17.61
CA SER C 26 -25.10 10.66 -18.39
C SER C 26 -26.42 10.25 -17.75
N TRP C 27 -26.39 9.98 -16.45
CA TRP C 27 -27.59 9.56 -15.74
C TRP C 27 -28.69 10.62 -15.69
N ASN C 28 -28.32 11.87 -15.40
CA ASN C 28 -29.29 12.95 -15.33
C ASN C 28 -29.99 13.09 -16.69
N ALA C 29 -29.22 12.92 -17.75
CA ALA C 29 -29.77 13.02 -19.09
C ALA C 29 -30.80 11.92 -19.29
N TYR C 30 -30.35 10.69 -19.08
CA TYR C 30 -31.22 9.52 -19.25
C TYR C 30 -32.46 9.56 -18.39
N HIS C 31 -32.28 9.86 -17.11
CA HIS C 31 -33.40 9.92 -16.17
C HIS C 31 -34.42 10.99 -16.53
N HIS C 32 -33.92 12.15 -16.96
CA HIS C 32 -34.79 13.27 -17.31
C HIS C 32 -35.49 13.16 -18.67
N PHE C 33 -34.89 12.46 -19.63
CA PHE C 33 -35.49 12.35 -20.95
C PHE C 33 -35.96 10.97 -21.44
N ALA C 34 -35.34 9.90 -20.96
CA ALA C 34 -35.73 8.57 -21.43
C ALA C 34 -36.36 7.66 -20.37
N PHE C 35 -35.76 7.58 -19.19
CA PHE C 35 -36.28 6.72 -18.13
C PHE C 35 -37.81 6.80 -18.02
N PRO C 36 -38.49 5.64 -17.86
CA PRO C 36 -37.96 4.26 -17.77
C PRO C 36 -37.74 3.55 -19.11
N HIS C 37 -37.65 4.29 -20.19
CA HIS C 37 -37.41 3.71 -21.51
C HIS C 37 -36.00 3.13 -21.57
N ASP C 38 -35.74 2.26 -22.54
CA ASP C 38 -34.44 1.60 -22.64
C ASP C 38 -33.22 2.51 -22.83
N ASP C 39 -33.17 3.26 -23.91
CA ASP C 39 -32.00 4.11 -24.13
C ASP C 39 -32.32 5.55 -24.44
N LEU C 40 -31.31 6.39 -24.33
CA LEU C 40 -31.47 7.81 -24.60
C LEU C 40 -30.72 8.20 -25.86
N HIS C 41 -31.29 9.16 -26.58
CA HIS C 41 -30.68 9.72 -27.78
C HIS C 41 -30.42 11.14 -27.33
N PRO C 42 -29.23 11.39 -26.77
CA PRO C 42 -28.74 12.67 -26.26
C PRO C 42 -28.79 13.91 -27.14
N VAL C 43 -28.72 13.75 -28.47
CA VAL C 43 -28.76 14.90 -29.35
C VAL C 43 -30.18 15.42 -29.57
N SER C 44 -31.11 14.48 -29.78
CA SER C 44 -32.50 14.83 -29.99
C SER C 44 -33.30 14.67 -28.71
N ASN C 45 -32.64 14.25 -27.64
CA ASN C 45 -33.28 14.00 -26.35
C ASN C 45 -34.49 13.07 -26.50
N SER C 46 -34.40 12.18 -27.48
CA SER C 46 -35.45 11.19 -27.72
C SER C 46 -34.97 9.89 -27.07
N PHE C 47 -35.66 8.79 -27.32
CA PHE C 47 -35.28 7.53 -26.72
C PHE C 47 -35.67 6.36 -27.60
N ASP C 48 -35.44 5.16 -27.10
CA ASP C 48 -35.80 3.94 -27.82
C ASP C 48 -36.04 2.80 -26.82
N ASP C 49 -36.64 1.72 -27.31
CA ASP C 49 -36.91 0.55 -26.50
C ASP C 49 -36.45 -0.70 -27.27
N GLU C 50 -35.18 -0.69 -27.67
CA GLU C 50 -34.61 -1.81 -28.42
C GLU C 50 -34.29 -2.98 -27.50
N ARG C 51 -34.54 -2.80 -26.21
CA ARG C 51 -34.27 -3.82 -25.23
C ARG C 51 -35.58 -4.29 -24.60
N ASN C 52 -36.64 -4.28 -25.42
CA ASN C 52 -37.97 -4.70 -25.01
C ASN C 52 -38.69 -3.83 -23.98
N GLY C 53 -38.26 -2.58 -23.83
CA GLY C 53 -38.90 -1.67 -22.91
C GLY C 53 -38.89 -2.01 -21.43
N TRP C 54 -37.84 -2.66 -20.97
CA TRP C 54 -37.74 -2.99 -19.55
C TRP C 54 -36.84 -2.01 -18.84
N GLY C 55 -36.27 -1.07 -19.60
CA GLY C 55 -35.39 -0.06 -19.03
C GLY C 55 -33.96 -0.54 -18.85
N SER C 56 -33.35 -0.98 -19.94
CA SER C 56 -31.99 -1.48 -19.90
C SER C 56 -30.93 -0.56 -19.28
N SER C 57 -30.91 0.71 -19.68
CA SER C 57 -29.91 1.64 -19.14
C SER C 57 -29.94 1.71 -17.61
N ALA C 58 -31.14 1.66 -17.03
CA ALA C 58 -31.30 1.70 -15.58
C ALA C 58 -30.74 0.45 -14.91
N ILE C 59 -31.06 -0.72 -15.45
CA ILE C 59 -30.56 -1.95 -14.86
C ILE C 59 -29.09 -2.19 -15.17
N ASP C 60 -28.64 -1.75 -16.34
CA ASP C 60 -27.26 -1.93 -16.74
C ASP C 60 -26.33 -0.99 -15.95
N GLY C 61 -26.83 0.19 -15.57
CA GLY C 61 -26.00 1.13 -14.83
C GLY C 61 -26.14 1.04 -13.31
N LEU C 62 -27.10 0.27 -12.85
CA LEU C 62 -27.35 0.11 -11.43
C LEU C 62 -26.09 -0.23 -10.63
N ASP C 63 -25.40 -1.30 -11.00
CA ASP C 63 -24.22 -1.66 -10.24
C ASP C 63 -23.08 -0.64 -10.33
N THR C 64 -22.92 0.00 -11.49
CA THR C 64 -21.86 0.98 -11.66
C THR C 64 -22.12 2.12 -10.66
N ALA C 65 -23.39 2.46 -10.47
CA ALA C 65 -23.77 3.51 -9.54
C ALA C 65 -23.46 3.04 -8.11
N ILE C 66 -23.62 1.74 -7.86
CA ILE C 66 -23.33 1.21 -6.54
C ILE C 66 -21.84 1.36 -6.25
N LEU C 67 -21.01 0.91 -7.18
CA LEU C 67 -19.56 1.02 -7.01
C LEU C 67 -19.07 2.47 -6.87
N MET C 68 -19.73 3.41 -7.53
CA MET C 68 -19.32 4.80 -7.44
C MET C 68 -19.84 5.48 -6.18
N GLY C 69 -20.80 4.84 -5.51
CA GLY C 69 -21.35 5.41 -4.29
C GLY C 69 -22.48 6.39 -4.54
N ASP C 70 -23.24 6.19 -5.60
CA ASP C 70 -24.37 7.07 -5.93
C ASP C 70 -25.63 6.52 -5.24
N ALA C 71 -25.76 6.83 -3.96
CA ALA C 71 -26.89 6.37 -3.18
C ALA C 71 -28.24 6.68 -3.78
N ASP C 72 -28.46 7.93 -4.17
CA ASP C 72 -29.74 8.32 -4.74
C ASP C 72 -30.01 7.65 -6.08
N ILE C 73 -28.99 7.59 -6.94
CA ILE C 73 -29.19 6.95 -8.23
C ILE C 73 -29.57 5.50 -8.00
N VAL C 74 -28.91 4.87 -7.03
CA VAL C 74 -29.19 3.48 -6.71
C VAL C 74 -30.61 3.32 -6.16
N ASN C 75 -31.03 4.22 -5.28
CA ASN C 75 -32.36 4.13 -4.72
C ASN C 75 -33.47 4.37 -5.73
N THR C 76 -33.26 5.31 -6.65
CA THR C 76 -34.28 5.57 -7.66
C THR C 76 -34.46 4.33 -8.53
N ILE C 77 -33.36 3.66 -8.85
CA ILE C 77 -33.43 2.47 -9.68
C ILE C 77 -34.07 1.31 -8.92
N LEU C 78 -33.67 1.13 -7.66
CA LEU C 78 -34.24 0.06 -6.85
C LEU C 78 -35.74 0.25 -6.67
N GLN C 79 -36.18 1.50 -6.58
CA GLN C 79 -37.60 1.78 -6.41
C GLN C 79 -38.39 1.42 -7.66
N TYR C 80 -37.69 1.30 -8.78
CA TYR C 80 -38.34 0.97 -10.04
C TYR C 80 -38.32 -0.52 -10.37
N VAL C 81 -37.23 -1.20 -10.02
CA VAL C 81 -37.08 -2.64 -10.30
C VAL C 81 -38.35 -3.47 -10.08
N PRO C 82 -39.00 -3.33 -8.92
CA PRO C 82 -40.22 -4.10 -8.65
C PRO C 82 -41.38 -3.82 -9.62
N GLN C 83 -41.37 -2.64 -10.23
CA GLN C 83 -42.43 -2.24 -11.15
C GLN C 83 -42.37 -2.93 -12.51
N ILE C 84 -41.17 -3.31 -12.95
CA ILE C 84 -41.00 -3.97 -14.24
C ILE C 84 -41.80 -5.26 -14.32
N ASN C 85 -42.43 -5.49 -15.47
CA ASN C 85 -43.21 -6.71 -15.68
C ASN C 85 -42.47 -7.61 -16.68
N PHE C 86 -41.61 -8.47 -16.16
CA PHE C 86 -40.82 -9.36 -17.00
C PHE C 86 -41.59 -10.57 -17.50
N THR C 87 -42.87 -10.66 -17.16
CA THR C 87 -43.69 -11.78 -17.60
C THR C 87 -44.29 -11.52 -18.98
N THR C 88 -44.15 -10.31 -19.48
CA THR C 88 -44.68 -9.96 -20.79
C THR C 88 -43.87 -8.87 -21.43
N THR C 89 -44.38 -8.33 -22.53
CA THR C 89 -43.74 -7.25 -23.25
C THR C 89 -44.83 -6.27 -23.69
N ALA C 90 -44.52 -4.98 -23.64
CA ALA C 90 -45.47 -3.95 -24.02
C ALA C 90 -45.98 -4.26 -25.43
N VAL C 91 -45.05 -4.51 -26.35
CA VAL C 91 -45.37 -4.81 -27.73
C VAL C 91 -45.72 -6.29 -27.91
N ALA C 92 -46.92 -6.54 -28.41
CA ALA C 92 -47.39 -7.91 -28.64
C ALA C 92 -46.49 -8.62 -29.64
N ASN C 93 -46.25 -9.90 -29.39
CA ASN C 93 -45.40 -10.73 -30.25
C ASN C 93 -44.04 -10.13 -30.55
N GLN C 94 -43.51 -9.37 -29.60
CA GLN C 94 -42.22 -8.76 -29.79
C GLN C 94 -41.10 -9.76 -29.52
N GLY C 95 -40.13 -9.79 -30.43
CA GLY C 95 -39.01 -10.70 -30.28
C GLY C 95 -38.11 -10.31 -29.13
N SER C 96 -37.61 -11.31 -28.41
CA SER C 96 -36.73 -11.08 -27.28
C SER C 96 -35.44 -11.87 -27.47
N SER C 97 -34.32 -11.14 -27.55
CA SER C 97 -33.02 -11.76 -27.72
C SER C 97 -32.55 -12.34 -26.38
N VAL C 98 -32.39 -13.65 -26.35
CA VAL C 98 -31.96 -14.35 -25.14
C VAL C 98 -30.61 -13.83 -24.67
N PHE C 99 -29.65 -13.75 -25.59
CA PHE C 99 -28.31 -13.27 -25.30
C PHE C 99 -28.30 -11.85 -24.75
N GLU C 100 -28.85 -10.91 -25.51
CA GLU C 100 -28.88 -9.52 -25.09
C GLU C 100 -29.63 -9.34 -23.77
N THR C 101 -30.68 -10.13 -23.59
CA THR C 101 -31.46 -10.01 -22.37
C THR C 101 -30.72 -10.60 -21.18
N ASN C 102 -30.00 -11.71 -21.42
CA ASN C 102 -29.25 -12.39 -20.37
C ASN C 102 -28.11 -11.58 -19.76
N ILE C 103 -27.18 -11.14 -20.61
CA ILE C 103 -26.01 -10.40 -20.14
C ILE C 103 -26.33 -9.04 -19.51
N ARG C 104 -27.38 -8.40 -20.02
CA ARG C 104 -27.80 -7.08 -19.52
C ARG C 104 -28.74 -7.12 -18.32
N TYR C 105 -29.93 -7.67 -18.51
CA TYR C 105 -30.92 -7.74 -17.44
C TYR C 105 -30.62 -8.76 -16.34
N LEU C 106 -30.46 -10.03 -16.69
CA LEU C 106 -30.19 -11.04 -15.68
C LEU C 106 -28.88 -10.72 -14.96
N GLY C 107 -27.84 -10.43 -15.74
CA GLY C 107 -26.56 -10.09 -15.15
C GLY C 107 -26.61 -8.85 -14.29
N GLY C 108 -27.28 -7.81 -14.78
CA GLY C 108 -27.39 -6.58 -14.03
C GLY C 108 -28.10 -6.75 -12.70
N LEU C 109 -29.22 -7.45 -12.73
CA LEU C 109 -30.00 -7.72 -11.53
C LEU C 109 -29.23 -8.56 -10.51
N LEU C 110 -28.55 -9.60 -10.98
CA LEU C 110 -27.78 -10.47 -10.07
C LEU C 110 -26.56 -9.76 -9.49
N SER C 111 -25.85 -9.00 -10.31
CA SER C 111 -24.67 -8.28 -9.87
C SER C 111 -25.04 -7.28 -8.76
N ALA C 112 -26.10 -6.51 -8.99
CA ALA C 112 -26.55 -5.54 -8.00
C ALA C 112 -26.92 -6.26 -6.72
N TYR C 113 -27.57 -7.41 -6.86
CA TYR C 113 -27.97 -8.22 -5.72
C TYR C 113 -26.75 -8.65 -4.90
N ASP C 114 -25.79 -9.31 -5.56
CA ASP C 114 -24.59 -9.77 -4.86
C ASP C 114 -23.86 -8.62 -4.14
N LEU C 115 -23.76 -7.47 -4.80
CA LEU C 115 -23.09 -6.30 -4.22
C LEU C 115 -23.84 -5.77 -3.00
N LEU C 116 -25.14 -5.53 -3.16
CA LEU C 116 -25.94 -5.00 -2.06
C LEU C 116 -26.10 -5.98 -0.90
N ARG C 117 -25.81 -7.26 -1.16
CA ARG C 117 -25.90 -8.29 -0.14
C ARG C 117 -24.53 -8.55 0.46
N GLY C 118 -23.48 -8.19 -0.29
CA GLY C 118 -22.12 -8.40 0.18
C GLY C 118 -21.38 -7.14 0.59
N PRO C 119 -20.27 -6.82 -0.10
CA PRO C 119 -19.40 -5.66 0.12
C PRO C 119 -19.99 -4.25 0.01
N PHE C 120 -21.22 -4.12 -0.46
CA PHE C 120 -21.82 -2.79 -0.60
C PHE C 120 -23.19 -2.67 0.02
N SER C 121 -23.50 -3.52 0.99
CA SER C 121 -24.80 -3.50 1.64
C SER C 121 -25.26 -2.10 2.10
N SER C 122 -24.32 -1.29 2.54
CA SER C 122 -24.60 0.06 3.03
C SER C 122 -25.41 1.00 2.13
N LEU C 123 -25.26 0.90 0.81
CA LEU C 123 -25.99 1.79 -0.09
C LEU C 123 -27.49 1.56 -0.21
N ALA C 124 -27.98 0.41 0.26
CA ALA C 124 -29.40 0.11 0.21
C ALA C 124 -29.90 -0.38 1.56
N THR C 125 -30.97 0.25 2.06
CA THR C 125 -31.55 -0.13 3.33
C THR C 125 -32.74 -1.07 3.16
N ASN C 126 -33.72 -0.65 2.35
CA ASN C 126 -34.91 -1.46 2.11
C ASN C 126 -34.50 -2.82 1.57
N GLN C 127 -34.62 -3.86 2.40
CA GLN C 127 -34.24 -5.19 1.97
C GLN C 127 -35.26 -5.88 1.07
N THR C 128 -36.48 -5.38 1.05
CA THR C 128 -37.49 -5.97 0.19
C THR C 128 -37.18 -5.55 -1.24
N LEU C 129 -36.59 -4.37 -1.39
CA LEU C 129 -36.21 -3.86 -2.71
C LEU C 129 -35.01 -4.67 -3.18
N VAL C 130 -34.08 -4.92 -2.26
CA VAL C 130 -32.89 -5.70 -2.57
C VAL C 130 -33.30 -7.11 -3.00
N ASN C 131 -34.32 -7.66 -2.35
CA ASN C 131 -34.77 -9.00 -2.68
C ASN C 131 -35.53 -9.02 -4.01
N SER C 132 -36.08 -7.88 -4.41
CA SER C 132 -36.81 -7.82 -5.68
C SER C 132 -35.88 -8.08 -6.85
N LEU C 133 -34.60 -7.76 -6.66
CA LEU C 133 -33.60 -7.98 -7.70
C LEU C 133 -33.58 -9.45 -8.11
N LEU C 134 -33.31 -10.32 -7.14
CA LEU C 134 -33.26 -11.75 -7.38
C LEU C 134 -34.60 -12.30 -7.85
N ARG C 135 -35.68 -11.89 -7.19
CA ARG C 135 -37.01 -12.34 -7.54
C ARG C 135 -37.34 -12.04 -9.01
N GLN C 136 -37.10 -10.81 -9.43
CA GLN C 136 -37.37 -10.43 -10.83
C GLN C 136 -36.48 -11.19 -11.80
N ALA C 137 -35.22 -11.41 -11.39
CA ALA C 137 -34.25 -12.14 -12.20
C ALA C 137 -34.79 -13.54 -12.49
N GLN C 138 -35.28 -14.21 -11.44
CA GLN C 138 -35.82 -15.55 -11.59
C GLN C 138 -37.07 -15.55 -12.46
N THR C 139 -37.89 -14.51 -12.33
CA THR C 139 -39.12 -14.39 -13.11
C THR C 139 -38.80 -14.26 -14.60
N LEU C 140 -37.79 -13.45 -14.92
CA LEU C 140 -37.36 -13.25 -16.30
C LEU C 140 -36.88 -14.59 -16.87
N ALA C 141 -36.07 -15.28 -16.09
CA ALA C 141 -35.53 -16.56 -16.51
C ALA C 141 -36.62 -17.60 -16.77
N ASN C 142 -37.64 -17.63 -15.91
CA ASN C 142 -38.74 -18.59 -16.08
C ASN C 142 -39.45 -18.46 -17.42
N GLY C 143 -39.31 -17.30 -18.05
CA GLY C 143 -39.90 -17.07 -19.35
C GLY C 143 -38.82 -17.34 -20.38
N LEU C 144 -37.60 -16.89 -20.09
CA LEU C 144 -36.48 -17.09 -21.01
C LEU C 144 -36.18 -18.58 -21.25
N LYS C 145 -36.25 -19.38 -20.20
CA LYS C 145 -35.96 -20.82 -20.28
C LYS C 145 -36.60 -21.55 -21.45
N VAL C 146 -37.70 -21.03 -21.99
CA VAL C 146 -38.36 -21.69 -23.11
C VAL C 146 -37.40 -21.84 -24.31
N ALA C 147 -36.36 -21.03 -24.34
CA ALA C 147 -35.36 -21.08 -25.42
C ALA C 147 -34.64 -22.42 -25.47
N PHE C 148 -34.56 -23.11 -24.34
CA PHE C 148 -33.88 -24.40 -24.32
C PHE C 148 -34.76 -25.58 -24.71
N THR C 149 -36.02 -25.32 -25.03
CA THR C 149 -36.94 -26.38 -25.42
C THR C 149 -36.73 -26.87 -26.87
N THR C 150 -35.50 -26.76 -27.37
CA THR C 150 -35.19 -27.22 -28.72
C THR C 150 -34.93 -28.72 -28.68
N PRO C 151 -34.81 -29.37 -29.85
CA PRO C 151 -34.56 -30.81 -29.94
C PRO C 151 -33.22 -31.25 -29.35
N SER C 152 -32.26 -30.33 -29.27
CA SER C 152 -30.94 -30.67 -28.74
C SER C 152 -30.64 -30.03 -27.39
N GLY C 153 -31.43 -29.03 -27.01
CA GLY C 153 -31.15 -28.37 -25.74
C GLY C 153 -30.39 -27.08 -25.97
N VAL C 154 -29.79 -26.94 -27.17
CA VAL C 154 -29.07 -25.73 -27.54
C VAL C 154 -30.10 -24.61 -27.54
N PRO C 155 -29.81 -23.49 -26.86
CA PRO C 155 -30.75 -22.38 -26.80
C PRO C 155 -31.17 -21.75 -28.13
N ASP C 156 -32.46 -21.42 -28.22
CA ASP C 156 -33.03 -20.76 -29.38
C ASP C 156 -32.74 -19.28 -29.11
N PRO C 157 -32.10 -18.59 -30.06
CA PRO C 157 -31.74 -17.17 -29.92
C PRO C 157 -32.87 -16.16 -29.66
N THR C 158 -34.10 -16.50 -30.04
CA THR C 158 -35.22 -15.58 -29.87
C THR C 158 -36.48 -16.21 -29.25
N VAL C 159 -37.10 -15.49 -28.33
CA VAL C 159 -38.31 -15.97 -27.67
C VAL C 159 -39.33 -14.84 -27.63
N PHE C 160 -40.53 -15.15 -27.16
CA PHE C 160 -41.63 -14.19 -27.05
C PHE C 160 -42.36 -14.41 -25.72
N PHE C 161 -42.97 -13.36 -25.17
CA PHE C 161 -43.71 -13.44 -23.90
C PHE C 161 -45.19 -13.07 -24.04
N ASN C 162 -45.47 -12.06 -24.86
CA ASN C 162 -46.82 -11.58 -25.12
C ASN C 162 -47.15 -12.05 -26.53
N PRO C 163 -48.25 -12.80 -26.72
CA PRO C 163 -49.31 -13.34 -25.84
C PRO C 163 -48.92 -14.55 -24.99
N THR C 164 -48.06 -15.41 -25.52
CA THR C 164 -47.63 -16.58 -24.77
C THR C 164 -46.12 -16.75 -24.85
N VAL C 165 -45.57 -17.54 -23.94
CA VAL C 165 -44.14 -17.82 -23.91
C VAL C 165 -43.85 -18.92 -24.91
N ARG C 166 -42.97 -18.61 -25.86
CA ARG C 166 -42.57 -19.55 -26.92
C ARG C 166 -41.23 -19.11 -27.51
N ARG C 167 -40.61 -20.02 -28.27
CA ARG C 167 -39.34 -19.74 -28.93
C ARG C 167 -39.60 -19.51 -30.42
N SER C 168 -38.61 -18.95 -31.13
CA SER C 168 -38.77 -18.65 -32.56
C SER C 168 -38.74 -19.85 -33.49
N GLY C 169 -38.00 -20.89 -33.12
CA GLY C 169 -37.93 -22.05 -33.97
C GLY C 169 -36.77 -21.94 -34.94
N ALA C 170 -35.87 -21.00 -34.67
CA ALA C 170 -34.70 -20.79 -35.52
C ALA C 170 -33.91 -22.07 -35.77
N SER C 171 -33.32 -22.14 -36.96
CA SER C 171 -32.54 -23.28 -37.38
C SER C 171 -31.17 -23.41 -36.70
N SER C 172 -30.60 -22.29 -36.28
CA SER C 172 -29.29 -22.30 -35.63
C SER C 172 -29.03 -21.06 -34.79
N ASN C 173 -27.90 -21.05 -34.10
CA ASN C 173 -27.52 -19.93 -33.24
C ASN C 173 -25.99 -19.81 -33.29
N ASN C 174 -25.45 -18.69 -32.85
CA ASN C 174 -24.00 -18.54 -32.87
C ASN C 174 -23.38 -18.85 -31.51
N VAL C 175 -22.14 -19.31 -31.53
CA VAL C 175 -21.41 -19.70 -30.33
C VAL C 175 -21.40 -18.70 -29.17
N ALA C 176 -21.36 -17.40 -29.46
CA ALA C 176 -21.33 -16.42 -28.38
C ALA C 176 -22.69 -16.33 -27.67
N GLU C 177 -23.77 -16.29 -28.44
CA GLU C 177 -25.09 -16.21 -27.82
C GLU C 177 -25.43 -17.51 -27.09
N ILE C 178 -24.77 -18.59 -27.49
CA ILE C 178 -25.00 -19.88 -26.84
C ILE C 178 -24.08 -20.04 -25.63
N GLY C 179 -22.83 -19.60 -25.79
CA GLY C 179 -21.85 -19.74 -24.72
C GLY C 179 -21.72 -18.59 -23.74
N SER C 180 -22.68 -17.68 -23.76
CA SER C 180 -22.64 -16.53 -22.85
C SER C 180 -23.87 -16.55 -21.94
N LEU C 181 -24.29 -17.75 -21.56
CA LEU C 181 -25.45 -17.92 -20.70
C LEU C 181 -25.08 -18.64 -19.42
N VAL C 182 -24.10 -19.53 -19.49
CA VAL C 182 -23.71 -20.32 -18.33
C VAL C 182 -23.46 -19.60 -17.02
N LEU C 183 -22.70 -18.51 -17.04
CA LEU C 183 -22.41 -17.80 -15.80
C LEU C 183 -23.68 -17.32 -15.10
N GLU C 184 -24.51 -16.59 -15.84
CA GLU C 184 -25.74 -16.03 -15.29
C GLU C 184 -26.72 -17.07 -14.75
N TRP C 185 -27.01 -18.09 -15.55
CA TRP C 185 -27.93 -19.13 -15.12
C TRP C 185 -27.39 -19.99 -13.99
N THR C 186 -26.07 -20.24 -13.99
CA THR C 186 -25.48 -21.04 -12.92
C THR C 186 -25.56 -20.24 -11.62
N ARG C 187 -25.25 -18.95 -11.71
CA ARG C 187 -25.31 -18.06 -10.56
C ARG C 187 -26.72 -18.03 -9.99
N LEU C 188 -27.70 -17.98 -10.89
CA LEU C 188 -29.10 -17.95 -10.51
C LEU C 188 -29.50 -19.23 -9.76
N SER C 189 -29.04 -20.38 -10.24
CA SER C 189 -29.36 -21.63 -9.56
C SER C 189 -28.79 -21.65 -8.13
N ASP C 190 -27.59 -21.08 -7.95
CA ASP C 190 -26.98 -21.06 -6.62
C ASP C 190 -27.73 -20.12 -5.68
N LEU C 191 -28.16 -18.98 -6.20
CA LEU C 191 -28.87 -18.02 -5.39
C LEU C 191 -30.30 -18.43 -5.10
N THR C 192 -30.92 -19.19 -6.00
CA THR C 192 -32.30 -19.59 -5.78
C THR C 192 -32.45 -20.99 -5.19
N GLY C 193 -31.45 -21.83 -5.43
CA GLY C 193 -31.50 -23.18 -4.92
C GLY C 193 -32.17 -24.12 -5.92
N ASN C 194 -32.53 -23.59 -7.08
CA ASN C 194 -33.16 -24.37 -8.14
C ASN C 194 -32.13 -24.70 -9.21
N PRO C 195 -31.71 -25.98 -9.28
CA PRO C 195 -30.72 -26.49 -10.24
C PRO C 195 -31.08 -26.37 -11.73
N GLN C 196 -32.37 -26.30 -12.03
CA GLN C 196 -32.85 -26.23 -13.41
C GLN C 196 -32.09 -25.25 -14.32
N TYR C 197 -32.04 -23.98 -13.91
CA TYR C 197 -31.37 -22.92 -14.68
C TYR C 197 -29.96 -23.30 -15.10
N ALA C 198 -29.13 -23.64 -14.13
CA ALA C 198 -27.76 -24.01 -14.43
C ALA C 198 -27.70 -25.24 -15.33
N GLN C 199 -28.68 -26.13 -15.20
CA GLN C 199 -28.72 -27.35 -16.01
C GLN C 199 -29.03 -27.10 -17.48
N LEU C 200 -30.04 -26.29 -17.76
CA LEU C 200 -30.42 -25.96 -19.14
C LEU C 200 -29.27 -25.25 -19.87
N ALA C 201 -28.70 -24.22 -19.24
CA ALA C 201 -27.61 -23.47 -19.86
C ALA C 201 -26.37 -24.31 -20.11
N GLN C 202 -25.95 -25.10 -19.11
CA GLN C 202 -24.77 -25.93 -19.26
C GLN C 202 -24.96 -27.05 -20.27
N LYS C 203 -26.21 -27.44 -20.53
CA LYS C 203 -26.48 -28.49 -21.52
C LYS C 203 -26.30 -27.89 -22.91
N GLY C 204 -26.64 -26.62 -23.06
CA GLY C 204 -26.47 -25.97 -24.35
C GLY C 204 -24.99 -25.74 -24.59
N GLU C 205 -24.27 -25.45 -23.52
CA GLU C 205 -22.85 -25.20 -23.58
C GLU C 205 -22.04 -26.45 -23.92
N SER C 206 -22.48 -27.60 -23.41
CA SER C 206 -21.77 -28.87 -23.62
C SER C 206 -21.42 -29.16 -25.07
N TYR C 207 -22.33 -28.82 -25.98
CA TYR C 207 -22.09 -29.08 -27.40
C TYR C 207 -20.88 -28.29 -27.92
N LEU C 208 -20.51 -27.22 -27.21
CA LEU C 208 -19.38 -26.38 -27.59
C LEU C 208 -18.03 -26.87 -27.06
N LEU C 209 -18.09 -27.68 -26.01
CA LEU C 209 -16.90 -28.22 -25.37
C LEU C 209 -16.40 -29.50 -26.03
N ASN C 210 -17.27 -30.14 -26.82
CA ASN C 210 -16.92 -31.38 -27.54
C ASN C 210 -17.56 -31.29 -28.92
N PRO C 211 -17.09 -30.33 -29.73
CA PRO C 211 -17.57 -30.06 -31.08
C PRO C 211 -17.66 -31.25 -32.05
N LYS C 212 -18.75 -31.28 -32.80
CA LYS C 212 -19.01 -32.30 -33.81
C LYS C 212 -19.59 -31.62 -35.06
N GLY C 213 -19.41 -32.26 -36.21
CA GLY C 213 -19.89 -31.71 -37.46
C GLY C 213 -18.72 -31.11 -38.20
N SER C 214 -18.83 -29.84 -38.59
CA SER C 214 -17.75 -29.17 -39.28
C SER C 214 -16.52 -29.26 -38.39
N PRO C 215 -15.41 -29.77 -38.93
CA PRO C 215 -14.16 -29.92 -38.18
C PRO C 215 -13.58 -28.65 -37.61
N GLU C 216 -13.05 -28.80 -36.40
CA GLU C 216 -12.41 -27.74 -35.63
C GLU C 216 -11.18 -27.23 -36.40
N ALA C 217 -11.05 -25.91 -36.53
CA ALA C 217 -9.92 -25.33 -37.26
C ALA C 217 -8.60 -25.74 -36.57
N TRP C 218 -8.55 -25.54 -35.26
CA TRP C 218 -7.39 -25.87 -34.45
C TRP C 218 -7.96 -26.27 -33.10
N PRO C 219 -7.20 -27.04 -32.30
CA PRO C 219 -7.70 -27.43 -30.99
C PRO C 219 -8.26 -26.23 -30.23
N GLY C 220 -9.52 -26.36 -29.80
CA GLY C 220 -10.16 -25.28 -29.05
C GLY C 220 -10.72 -24.11 -29.84
N LEU C 221 -10.35 -23.99 -31.11
CA LEU C 221 -10.87 -22.91 -31.95
C LEU C 221 -12.03 -23.48 -32.78
N ILE C 222 -13.23 -23.35 -32.24
CA ILE C 222 -14.44 -23.88 -32.85
C ILE C 222 -15.08 -22.98 -33.92
N GLY C 223 -16.12 -23.51 -34.56
CA GLY C 223 -16.85 -22.79 -35.60
C GLY C 223 -17.76 -21.71 -35.07
N THR C 224 -18.46 -20.99 -35.96
CA THR C 224 -19.33 -19.91 -35.54
C THR C 224 -20.79 -20.28 -35.28
N PHE C 225 -21.41 -20.98 -36.23
CA PHE C 225 -22.81 -21.35 -36.09
C PHE C 225 -23.05 -22.80 -35.69
N VAL C 226 -24.04 -23.00 -34.82
CA VAL C 226 -24.42 -24.33 -34.35
C VAL C 226 -25.90 -24.61 -34.63
N SER C 227 -26.19 -25.82 -35.10
CA SER C 227 -27.58 -26.19 -35.40
C SER C 227 -28.33 -26.40 -34.09
N THR C 228 -29.59 -25.97 -34.04
CA THR C 228 -30.39 -26.12 -32.84
C THR C 228 -31.09 -27.48 -32.75
N SER C 229 -31.08 -28.22 -33.85
CA SER C 229 -31.72 -29.52 -33.90
C SER C 229 -30.84 -30.62 -33.29
N ASN C 230 -29.54 -30.57 -33.55
CA ASN C 230 -28.64 -31.57 -32.99
C ASN C 230 -27.36 -31.00 -32.39
N GLY C 231 -27.26 -29.68 -32.31
CA GLY C 231 -26.09 -29.05 -31.73
C GLY C 231 -24.75 -29.25 -32.43
N THR C 232 -24.75 -29.56 -33.74
CA THR C 232 -23.49 -29.76 -34.46
C THR C 232 -23.01 -28.46 -35.14
N PHE C 233 -21.69 -28.32 -35.32
CA PHE C 233 -21.11 -27.13 -35.96
C PHE C 233 -21.30 -27.13 -37.47
N GLN C 234 -21.65 -25.96 -38.00
CA GLN C 234 -21.92 -25.83 -39.43
C GLN C 234 -20.83 -25.12 -40.23
N ASP C 235 -19.73 -24.77 -39.57
CA ASP C 235 -18.58 -24.14 -40.23
C ASP C 235 -17.34 -24.21 -39.36
N SER C 236 -16.19 -23.87 -39.94
CA SER C 236 -14.94 -23.91 -39.20
C SER C 236 -14.28 -22.53 -39.15
N SER C 237 -15.10 -21.49 -39.12
CA SER C 237 -14.63 -20.10 -39.05
C SER C 237 -14.89 -19.49 -37.68
N GLY C 238 -14.03 -18.56 -37.30
CA GLY C 238 -14.21 -17.92 -36.02
C GLY C 238 -13.17 -16.84 -35.74
N SER C 239 -13.28 -16.25 -34.56
CA SER C 239 -12.34 -15.21 -34.15
C SER C 239 -12.65 -14.87 -32.71
N TRP C 240 -11.99 -13.82 -32.23
CA TRP C 240 -12.20 -13.33 -30.88
C TRP C 240 -13.10 -12.10 -30.93
N SER C 241 -13.86 -11.96 -32.03
CA SER C 241 -14.75 -10.81 -32.19
C SER C 241 -16.22 -11.23 -32.10
N GLY C 242 -17.09 -10.37 -32.65
CA GLY C 242 -18.51 -10.63 -32.64
C GLY C 242 -18.90 -12.03 -33.09
N LEU C 243 -19.93 -12.58 -32.44
CA LEU C 243 -20.46 -13.92 -32.70
C LEU C 243 -19.69 -15.06 -32.03
N MET C 244 -18.53 -14.77 -31.45
CA MET C 244 -17.76 -15.83 -30.79
C MET C 244 -17.01 -15.34 -29.55
N ASP C 245 -16.64 -14.07 -29.55
CA ASP C 245 -15.90 -13.46 -28.44
C ASP C 245 -16.26 -13.95 -27.02
N SER C 246 -17.46 -13.60 -26.53
CA SER C 246 -17.87 -13.98 -25.20
C SER C 246 -17.93 -15.47 -24.87
N PHE C 247 -17.85 -16.33 -25.89
CA PHE C 247 -17.83 -17.78 -25.63
C PHE C 247 -16.50 -18.12 -24.96
N TYR C 248 -15.38 -17.81 -25.61
CA TYR C 248 -14.07 -18.07 -25.03
C TYR C 248 -13.91 -17.35 -23.68
N GLU C 249 -14.45 -16.14 -23.60
CA GLU C 249 -14.38 -15.34 -22.39
C GLU C 249 -14.93 -16.07 -21.15
N TYR C 250 -16.12 -16.64 -21.31
CA TYR C 250 -16.79 -17.34 -20.22
C TYR C 250 -16.15 -18.67 -19.84
N LEU C 251 -15.20 -19.14 -20.64
CA LEU C 251 -14.52 -20.38 -20.34
C LEU C 251 -13.69 -20.24 -19.07
N ILE C 252 -12.86 -19.20 -18.97
CA ILE C 252 -12.06 -19.03 -17.76
C ILE C 252 -12.84 -18.38 -16.64
N LYS C 253 -13.89 -17.64 -16.98
CA LYS C 253 -14.68 -17.00 -15.93
C LYS C 253 -15.47 -18.05 -15.15
N MET C 254 -15.85 -19.13 -15.83
CA MET C 254 -16.55 -20.22 -15.17
C MET C 254 -15.55 -20.89 -14.25
N TYR C 255 -14.30 -20.95 -14.70
CA TYR C 255 -13.25 -21.57 -13.90
C TYR C 255 -13.06 -20.78 -12.62
N LEU C 256 -13.10 -19.45 -12.74
CA LEU C 256 -12.97 -18.57 -11.58
C LEU C 256 -14.22 -18.72 -10.71
N TYR C 257 -15.39 -18.87 -11.34
CA TYR C 257 -16.64 -19.03 -10.60
C TYR C 257 -16.56 -20.27 -9.69
N ASP C 258 -16.01 -21.37 -10.21
CA ASP C 258 -15.83 -22.63 -9.47
C ASP C 258 -14.84 -23.52 -10.23
N PRO C 259 -13.56 -23.53 -9.79
CA PRO C 259 -12.44 -24.29 -10.38
C PRO C 259 -12.66 -25.81 -10.45
N VAL C 260 -13.46 -26.32 -9.51
CA VAL C 260 -13.74 -27.75 -9.44
C VAL C 260 -14.83 -28.11 -10.45
N ALA C 261 -16.02 -27.57 -10.25
CA ALA C 261 -17.14 -27.84 -11.14
C ALA C 261 -16.88 -27.48 -12.61
N PHE C 262 -16.05 -26.47 -12.86
CA PHE C 262 -15.81 -26.08 -14.26
C PHE C 262 -14.36 -26.17 -14.70
N ALA C 263 -13.70 -27.25 -14.30
CA ALA C 263 -12.31 -27.45 -14.67
C ALA C 263 -12.23 -27.78 -16.14
N HIS C 264 -13.25 -28.44 -16.66
CA HIS C 264 -13.25 -28.81 -18.07
C HIS C 264 -13.35 -27.56 -18.95
N TYR C 265 -14.04 -26.54 -18.46
CA TYR C 265 -14.18 -25.29 -19.22
C TYR C 265 -12.80 -24.70 -19.36
N LYS C 266 -12.03 -24.76 -18.27
CA LYS C 266 -10.68 -24.25 -18.22
C LYS C 266 -9.81 -24.97 -19.26
N ASP C 267 -9.98 -26.28 -19.37
CA ASP C 267 -9.18 -27.02 -20.34
C ASP C 267 -9.45 -26.58 -21.76
N ARG C 268 -10.72 -26.35 -22.09
CA ARG C 268 -11.07 -25.91 -23.44
C ARG C 268 -10.48 -24.52 -23.73
N TRP C 269 -10.40 -23.69 -22.69
CA TRP C 269 -9.84 -22.35 -22.83
C TRP C 269 -8.35 -22.42 -23.16
N VAL C 270 -7.61 -23.26 -22.43
CA VAL C 270 -6.16 -23.44 -22.63
C VAL C 270 -5.87 -23.79 -24.08
N LEU C 271 -6.67 -24.67 -24.66
CA LEU C 271 -6.50 -25.07 -26.06
C LEU C 271 -6.78 -23.84 -26.92
N GLY C 272 -7.85 -23.13 -26.57
CA GLY C 272 -8.21 -21.93 -27.32
C GLY C 272 -7.09 -20.91 -27.24
N ALA C 273 -6.63 -20.63 -26.01
CA ALA C 273 -5.56 -19.67 -25.78
C ALA C 273 -4.25 -20.06 -26.46
N ASP C 274 -3.83 -21.31 -26.31
CA ASP C 274 -2.58 -21.73 -26.92
C ASP C 274 -2.65 -21.68 -28.45
N SER C 275 -3.77 -22.14 -29.01
CA SER C 275 -3.91 -22.13 -30.45
C SER C 275 -3.89 -20.71 -31.00
N THR C 276 -4.53 -19.76 -30.30
CA THR C 276 -4.55 -18.41 -30.80
C THR C 276 -3.16 -17.79 -30.75
N ILE C 277 -2.45 -17.99 -29.64
CA ILE C 277 -1.08 -17.46 -29.52
C ILE C 277 -0.20 -18.05 -30.62
N GLY C 278 -0.42 -19.31 -30.96
CA GLY C 278 0.38 -19.97 -31.97
C GLY C 278 -0.01 -19.75 -33.43
N HIS C 279 -1.30 -19.46 -33.70
CA HIS C 279 -1.76 -19.27 -35.07
C HIS C 279 -2.50 -17.96 -35.37
N LEU C 280 -3.16 -17.37 -34.38
CA LEU C 280 -3.89 -16.12 -34.61
C LEU C 280 -3.04 -14.84 -34.39
N GLY C 281 -2.02 -14.91 -33.55
CA GLY C 281 -1.18 -13.73 -33.32
C GLY C 281 -0.57 -13.27 -34.64
N SER C 282 -0.73 -12.00 -34.97
CA SER C 282 -0.20 -11.51 -36.24
C SER C 282 0.41 -10.12 -36.10
N HIS C 283 1.53 -9.90 -36.79
CA HIS C 283 2.21 -8.61 -36.74
C HIS C 283 2.03 -7.86 -38.05
N PRO C 284 1.65 -6.58 -37.97
CA PRO C 284 1.45 -5.77 -39.19
C PRO C 284 2.82 -5.72 -39.88
N SER C 285 2.82 -5.75 -41.19
CA SER C 285 4.05 -5.74 -41.97
C SER C 285 4.87 -4.47 -41.75
N THR C 286 4.19 -3.35 -41.51
CA THR C 286 4.89 -2.09 -41.32
C THR C 286 5.02 -1.72 -39.85
N ARG C 287 4.49 -2.56 -38.97
CA ARG C 287 4.55 -2.27 -37.55
C ARG C 287 4.74 -3.59 -36.80
N LYS C 288 5.90 -4.19 -37.00
CA LYS C 288 6.21 -5.48 -36.38
C LYS C 288 6.18 -5.50 -34.86
N ASP C 289 6.22 -4.32 -34.26
CA ASP C 289 6.18 -4.22 -32.80
C ASP C 289 4.74 -4.38 -32.30
N LEU C 290 3.78 -4.43 -33.21
CA LEU C 290 2.39 -4.56 -32.83
C LEU C 290 1.89 -5.99 -32.99
N THR C 291 0.97 -6.40 -32.11
CA THR C 291 0.41 -7.74 -32.18
C THR C 291 -1.12 -7.68 -32.12
N PHE C 292 -1.77 -8.16 -33.18
CA PHE C 292 -3.22 -8.18 -33.26
C PHE C 292 -3.66 -9.63 -33.49
N LEU C 293 -4.93 -9.91 -33.21
CA LEU C 293 -5.48 -11.25 -33.41
C LEU C 293 -6.22 -11.34 -34.75
N SER C 294 -5.84 -12.32 -35.56
CA SER C 294 -6.47 -12.55 -36.85
C SER C 294 -7.70 -13.42 -36.68
N SER C 295 -8.59 -13.40 -37.67
CA SER C 295 -9.78 -14.25 -37.65
C SER C 295 -9.34 -15.51 -38.40
N TYR C 296 -10.08 -16.59 -38.28
CA TYR C 296 -9.66 -17.82 -38.99
C TYR C 296 -10.77 -18.52 -39.75
N ASN C 297 -10.40 -19.10 -40.88
CA ASN C 297 -11.33 -19.85 -41.72
C ASN C 297 -10.62 -21.15 -41.94
N GLY C 298 -10.98 -22.14 -41.14
CA GLY C 298 -10.31 -23.42 -41.25
C GLY C 298 -8.91 -23.10 -40.74
N GLN C 299 -7.89 -23.64 -41.41
CA GLN C 299 -6.52 -23.39 -41.01
C GLN C 299 -5.89 -22.30 -41.86
N SER C 300 -6.62 -21.20 -41.99
CA SER C 300 -6.18 -20.02 -42.74
C SER C 300 -6.55 -18.83 -41.88
N THR C 301 -5.66 -17.86 -41.79
CA THR C 301 -5.94 -16.67 -40.99
C THR C 301 -6.06 -15.42 -41.87
N SER C 302 -6.93 -14.51 -41.45
CA SER C 302 -7.15 -13.26 -42.19
C SER C 302 -6.77 -12.09 -41.29
N PRO C 303 -5.84 -11.25 -41.75
CA PRO C 303 -5.36 -10.08 -41.01
C PRO C 303 -6.42 -8.99 -40.80
N ASN C 304 -7.52 -9.32 -40.11
CA ASN C 304 -8.54 -8.31 -39.83
C ASN C 304 -9.03 -8.48 -38.40
N SER C 305 -9.37 -7.37 -37.76
CA SER C 305 -9.86 -7.41 -36.37
C SER C 305 -10.72 -6.18 -36.06
N GLY C 306 -10.86 -5.85 -34.78
CA GLY C 306 -11.67 -4.70 -34.43
C GLY C 306 -11.75 -4.42 -32.94
N HIS C 307 -12.65 -3.51 -32.58
CA HIS C 307 -12.84 -3.08 -31.20
C HIS C 307 -13.40 -4.19 -30.29
N LEU C 308 -14.22 -5.08 -30.84
CA LEU C 308 -14.80 -6.15 -30.07
C LEU C 308 -13.74 -7.16 -29.64
N ALA C 309 -12.84 -7.51 -30.55
CA ALA C 309 -11.78 -8.46 -30.23
C ALA C 309 -10.80 -7.85 -29.24
N SER C 310 -10.90 -6.54 -29.05
CA SER C 310 -10.03 -5.79 -28.14
C SER C 310 -10.06 -6.28 -26.69
N PHE C 311 -11.10 -7.04 -26.32
CA PHE C 311 -11.21 -7.53 -24.95
C PHE C 311 -10.21 -8.67 -24.70
N GLY C 312 -9.78 -9.33 -25.77
CA GLY C 312 -8.85 -10.44 -25.66
C GLY C 312 -7.70 -10.25 -24.68
N GLY C 313 -7.10 -9.06 -24.72
CA GLY C 313 -5.99 -8.77 -23.83
C GLY C 313 -6.31 -9.05 -22.38
N GLY C 314 -7.42 -8.51 -21.90
CA GLY C 314 -7.81 -8.71 -20.52
C GLY C 314 -8.13 -10.16 -20.19
N ASN C 315 -8.74 -10.87 -21.14
CA ASN C 315 -9.11 -12.27 -20.90
C ASN C 315 -7.85 -13.13 -20.70
N PHE C 316 -6.81 -12.85 -21.49
CA PHE C 316 -5.56 -13.61 -21.36
C PHE C 316 -4.89 -13.29 -20.02
N ILE C 317 -4.95 -12.03 -19.61
CA ILE C 317 -4.37 -11.61 -18.34
C ILE C 317 -5.11 -12.34 -17.20
N LEU C 318 -6.43 -12.47 -17.35
CA LEU C 318 -7.25 -13.15 -16.35
C LEU C 318 -6.88 -14.63 -16.31
N GLY C 319 -6.65 -15.21 -17.48
CA GLY C 319 -6.27 -16.60 -17.57
C GLY C 319 -4.91 -16.82 -16.93
N GLY C 320 -3.99 -15.90 -17.21
CA GLY C 320 -2.66 -16.01 -16.64
C GLY C 320 -2.74 -15.96 -15.13
N ILE C 321 -3.59 -15.08 -14.60
CA ILE C 321 -3.75 -14.96 -13.16
C ILE C 321 -4.35 -16.21 -12.53
N LEU C 322 -5.44 -16.70 -13.11
CA LEU C 322 -6.11 -17.90 -12.58
C LEU C 322 -5.28 -19.18 -12.73
N LEU C 323 -4.35 -19.21 -13.67
CA LEU C 323 -3.53 -20.40 -13.88
C LEU C 323 -2.08 -20.22 -13.47
N ASN C 324 -1.73 -19.03 -12.99
CA ASN C 324 -0.37 -18.74 -12.58
C ASN C 324 0.58 -19.01 -13.73
N GLU C 325 0.20 -18.54 -14.92
CA GLU C 325 1.00 -18.70 -16.14
C GLU C 325 1.37 -17.32 -16.68
N GLN C 326 2.61 -16.92 -16.48
CA GLN C 326 3.06 -15.61 -16.95
C GLN C 326 2.92 -15.48 -18.45
N LYS C 327 3.03 -16.60 -19.15
CA LYS C 327 2.92 -16.66 -20.59
C LYS C 327 1.65 -15.93 -21.07
N TYR C 328 0.50 -16.32 -20.51
CA TYR C 328 -0.77 -15.71 -20.86
C TYR C 328 -0.82 -14.23 -20.49
N ILE C 329 -0.25 -13.87 -19.34
CA ILE C 329 -0.24 -12.49 -18.91
C ILE C 329 0.60 -11.62 -19.85
N ASP C 330 1.74 -12.12 -20.28
CA ASP C 330 2.61 -11.37 -21.19
C ASP C 330 1.92 -11.13 -22.52
N PHE C 331 1.24 -12.15 -23.03
CA PHE C 331 0.54 -12.04 -24.30
C PHE C 331 -0.61 -11.04 -24.18
N GLY C 332 -1.29 -11.09 -23.04
CA GLY C 332 -2.41 -10.18 -22.82
C GLY C 332 -1.93 -8.74 -22.78
N ILE C 333 -0.75 -8.53 -22.19
CA ILE C 333 -0.17 -7.19 -22.11
C ILE C 333 0.05 -6.65 -23.52
N LYS C 334 0.68 -7.47 -24.37
CA LYS C 334 0.93 -7.07 -25.75
C LYS C 334 -0.36 -6.73 -26.49
N LEU C 335 -1.42 -7.50 -26.23
CA LEU C 335 -2.70 -7.28 -26.88
C LEU C 335 -3.34 -5.98 -26.36
N ALA C 336 -3.12 -5.70 -25.08
CA ALA C 336 -3.68 -4.50 -24.48
C ALA C 336 -3.00 -3.26 -25.07
N SER C 337 -1.68 -3.30 -25.26
CA SER C 337 -1.01 -2.14 -25.81
C SER C 337 -1.22 -2.00 -27.33
N SER C 338 -1.19 -3.12 -28.04
CA SER C 338 -1.37 -3.11 -29.49
C SER C 338 -2.73 -2.56 -29.88
N TYR C 339 -3.79 -3.05 -29.25
CA TYR C 339 -5.12 -2.55 -29.57
C TYR C 339 -5.28 -1.10 -29.13
N PHE C 340 -4.56 -0.70 -28.09
CA PHE C 340 -4.64 0.69 -27.64
C PHE C 340 -3.94 1.55 -28.72
N GLY C 341 -3.06 0.91 -29.49
CA GLY C 341 -2.36 1.60 -30.54
C GLY C 341 -3.33 2.11 -31.62
N THR C 342 -4.49 1.45 -31.76
CA THR C 342 -5.46 1.90 -32.76
C THR C 342 -6.27 3.03 -32.17
N TYR C 343 -5.97 3.35 -30.92
CA TYR C 343 -6.62 4.45 -30.22
C TYR C 343 -5.75 5.71 -30.33
N THR C 344 -4.50 5.59 -29.89
CA THR C 344 -3.56 6.71 -29.87
C THR C 344 -3.03 7.15 -31.24
N GLN C 345 -3.43 6.46 -32.29
CA GLN C 345 -2.94 6.83 -33.61
C GLN C 345 -3.98 7.42 -34.56
N THR C 346 -5.23 7.55 -34.12
CA THR C 346 -6.27 8.14 -34.97
C THR C 346 -6.37 9.63 -34.63
N ALA C 347 -6.91 10.42 -35.54
CA ALA C 347 -7.05 11.85 -35.33
C ALA C 347 -7.88 12.19 -34.10
N SER C 348 -8.79 11.30 -33.73
CA SER C 348 -9.64 11.56 -32.58
C SER C 348 -9.10 10.95 -31.29
N GLY C 349 -8.19 10.00 -31.43
CA GLY C 349 -7.62 9.36 -30.25
C GLY C 349 -8.49 8.20 -29.83
N ILE C 350 -9.45 7.83 -30.67
CA ILE C 350 -10.35 6.73 -30.37
C ILE C 350 -10.15 5.65 -31.43
N GLY C 351 -10.31 4.38 -31.04
CA GLY C 351 -10.12 3.27 -31.97
C GLY C 351 -11.31 2.99 -32.88
N PRO C 352 -11.08 2.41 -34.06
CA PRO C 352 -12.15 2.08 -35.01
C PRO C 352 -12.88 0.77 -34.67
N GLU C 353 -14.12 0.64 -35.14
CA GLU C 353 -14.88 -0.58 -34.86
C GLU C 353 -14.19 -1.75 -35.52
N GLY C 354 -13.62 -1.51 -36.70
CA GLY C 354 -12.92 -2.54 -37.43
C GLY C 354 -11.69 -1.99 -38.14
N PHE C 355 -10.67 -2.81 -38.27
CA PHE C 355 -9.45 -2.40 -38.96
C PHE C 355 -8.77 -3.64 -39.49
N ALA C 356 -7.73 -3.44 -40.30
CA ALA C 356 -7.00 -4.56 -40.88
C ALA C 356 -5.54 -4.22 -41.15
N TRP C 357 -4.76 -5.21 -41.60
CA TRP C 357 -3.35 -5.01 -41.86
C TRP C 357 -2.83 -6.10 -42.79
N VAL C 358 -1.53 -6.11 -43.02
CA VAL C 358 -0.88 -7.11 -43.86
C VAL C 358 0.00 -7.95 -42.93
N ASP C 359 -0.18 -9.26 -42.93
CA ASP C 359 0.62 -10.14 -42.07
C ASP C 359 2.10 -10.05 -42.46
N SER C 360 2.94 -9.73 -41.48
CA SER C 360 4.39 -9.59 -41.70
C SER C 360 5.08 -10.86 -42.19
N VAL C 361 4.52 -12.02 -41.85
CA VAL C 361 5.13 -13.28 -42.27
C VAL C 361 4.55 -13.80 -43.56
N THR C 362 3.22 -13.97 -43.58
CA THR C 362 2.48 -14.49 -44.71
C THR C 362 2.29 -13.51 -45.88
N GLY C 363 2.10 -12.24 -45.58
CA GLY C 363 1.87 -11.28 -46.64
C GLY C 363 0.36 -11.22 -46.89
N ALA C 364 -0.38 -12.00 -46.13
CA ALA C 364 -1.84 -12.06 -46.23
C ALA C 364 -2.45 -10.68 -46.05
N GLY C 365 -3.52 -10.40 -46.80
CA GLY C 365 -4.15 -9.10 -46.72
C GLY C 365 -3.78 -8.31 -47.96
N GLY C 366 -2.71 -8.77 -48.62
CA GLY C 366 -2.26 -8.12 -49.84
C GLY C 366 -1.66 -6.74 -49.64
N SER C 367 -2.51 -5.74 -49.60
CA SER C 367 -2.09 -4.36 -49.43
C SER C 367 -3.23 -3.55 -48.90
N PRO C 368 -2.94 -2.40 -48.29
CA PRO C 368 -4.00 -1.54 -47.76
C PRO C 368 -4.67 -0.81 -48.92
N PRO C 369 -5.83 -0.22 -48.69
CA PRO C 369 -6.47 0.50 -49.80
C PRO C 369 -5.58 1.71 -50.09
N SER C 370 -5.46 2.08 -51.37
CA SER C 370 -4.63 3.21 -51.78
C SER C 370 -4.82 4.46 -50.91
N SER C 371 -6.07 4.79 -50.63
CA SER C 371 -6.41 5.96 -49.83
C SER C 371 -5.84 5.94 -48.43
N GLN C 372 -5.39 4.77 -47.96
CA GLN C 372 -4.82 4.68 -46.62
C GLN C 372 -3.42 4.09 -46.61
N SER C 373 -2.79 3.98 -47.78
CA SER C 373 -1.43 3.42 -47.83
C SER C 373 -0.49 4.24 -46.93
N GLY C 374 -0.65 5.55 -46.97
CA GLY C 374 0.17 6.44 -46.16
C GLY C 374 -0.03 6.19 -44.67
N PHE C 375 -1.27 6.24 -44.22
CA PHE C 375 -1.57 6.00 -42.81
C PHE C 375 -1.07 4.63 -42.37
N TYR C 376 -1.23 3.62 -43.21
CA TYR C 376 -0.78 2.26 -42.88
C TYR C 376 0.74 2.13 -42.72
N SER C 377 1.49 2.76 -43.61
CA SER C 377 2.95 2.67 -43.53
C SER C 377 3.49 3.10 -42.16
N SER C 378 2.76 3.93 -41.43
CA SER C 378 3.23 4.38 -40.12
C SER C 378 2.43 3.84 -38.93
N ALA C 379 1.14 3.58 -39.12
CA ALA C 379 0.28 3.11 -38.04
C ALA C 379 0.24 1.59 -37.88
N GLY C 380 0.40 0.87 -38.98
CA GLY C 380 0.37 -0.57 -38.90
C GLY C 380 -1.02 -1.14 -39.06
N PHE C 381 -1.94 -0.35 -39.61
CA PHE C 381 -3.29 -0.81 -39.84
C PHE C 381 -4.07 0.23 -40.62
N TRP C 382 -5.21 -0.18 -41.15
CA TRP C 382 -6.09 0.74 -41.87
C TRP C 382 -7.50 0.46 -41.35
N VAL C 383 -8.35 1.48 -41.43
CA VAL C 383 -9.72 1.38 -40.93
C VAL C 383 -10.75 0.90 -41.95
N THR C 384 -11.51 -0.12 -41.56
CA THR C 384 -12.55 -0.67 -42.42
C THR C 384 -13.94 -0.28 -41.89
N ALA C 385 -14.01 0.11 -40.62
CA ALA C 385 -15.26 0.56 -39.99
C ALA C 385 -14.78 1.66 -39.05
N PRO C 386 -15.02 2.94 -39.41
CA PRO C 386 -14.62 4.11 -38.63
C PRO C 386 -15.43 4.56 -37.42
N TYR C 387 -16.66 4.08 -37.29
CA TYR C 387 -17.49 4.53 -36.19
C TYR C 387 -17.13 4.00 -34.81
N TYR C 388 -17.66 4.65 -33.78
CA TYR C 388 -17.44 4.27 -32.39
C TYR C 388 -18.72 4.48 -31.60
N ILE C 389 -19.22 3.41 -30.99
CA ILE C 389 -20.47 3.48 -30.24
C ILE C 389 -20.35 3.32 -28.72
N LEU C 390 -19.32 3.95 -28.15
CA LEU C 390 -19.10 3.92 -26.72
C LEU C 390 -18.79 2.51 -26.15
N ARG C 391 -18.05 1.70 -26.91
CA ARG C 391 -17.68 0.36 -26.45
C ARG C 391 -16.60 0.45 -25.37
N PRO C 392 -16.56 -0.52 -24.44
CA PRO C 392 -15.58 -0.55 -23.34
C PRO C 392 -14.39 -1.48 -23.53
N GLU C 393 -14.45 -2.33 -24.54
CA GLU C 393 -13.41 -3.31 -24.82
C GLU C 393 -11.97 -2.86 -24.49
N THR C 394 -11.53 -1.75 -25.06
CA THR C 394 -10.17 -1.30 -24.83
C THR C 394 -9.94 -0.80 -23.40
N LEU C 395 -10.93 -0.13 -22.83
CA LEU C 395 -10.83 0.35 -21.46
C LEU C 395 -10.78 -0.85 -20.50
N GLU C 396 -11.44 -1.93 -20.93
CA GLU C 396 -11.50 -3.18 -20.17
C GLU C 396 -10.13 -3.86 -20.08
N SER C 397 -9.44 -3.99 -21.21
CA SER C 397 -8.13 -4.63 -21.20
C SER C 397 -7.07 -3.78 -20.49
N LEU C 398 -7.12 -2.46 -20.63
CA LEU C 398 -6.17 -1.59 -19.95
C LEU C 398 -6.37 -1.75 -18.44
N TYR C 399 -7.63 -1.90 -18.03
CA TYR C 399 -7.95 -2.09 -16.62
C TYR C 399 -7.28 -3.37 -16.10
N TYR C 400 -7.46 -4.48 -16.83
CA TYR C 400 -6.83 -5.74 -16.42
C TYR C 400 -5.32 -5.62 -16.45
N ALA C 401 -4.78 -4.91 -17.44
CA ALA C 401 -3.33 -4.75 -17.54
C ALA C 401 -2.76 -4.05 -16.31
N TYR C 402 -3.46 -3.03 -15.84
CA TYR C 402 -3.03 -2.28 -14.66
C TYR C 402 -3.21 -3.13 -13.41
N ARG C 403 -4.33 -3.83 -13.33
CA ARG C 403 -4.63 -4.68 -12.20
C ARG C 403 -3.56 -5.76 -12.00
N VAL C 404 -3.01 -6.28 -13.10
CA VAL C 404 -2.02 -7.33 -13.00
C VAL C 404 -0.57 -6.87 -12.80
N THR C 405 -0.27 -5.64 -13.21
CA THR C 405 1.09 -5.11 -13.10
C THR C 405 1.23 -4.02 -12.04
N GLY C 406 0.14 -3.31 -11.75
CA GLY C 406 0.19 -2.25 -10.77
C GLY C 406 1.05 -1.11 -11.29
N ASP C 407 1.29 -1.10 -12.60
CA ASP C 407 2.11 -0.07 -13.23
C ASP C 407 1.28 1.14 -13.64
N SER C 408 1.60 2.27 -13.01
CA SER C 408 0.91 3.52 -13.27
C SER C 408 0.76 3.85 -14.76
N LYS C 409 1.59 3.22 -15.60
CA LYS C 409 1.55 3.43 -17.04
C LYS C 409 0.14 3.20 -17.61
N TRP C 410 -0.44 2.05 -17.28
CA TRP C 410 -1.76 1.70 -17.78
C TRP C 410 -2.85 2.65 -17.33
N GLN C 411 -2.68 3.31 -16.19
CA GLN C 411 -3.68 4.25 -15.74
C GLN C 411 -3.67 5.47 -16.66
N ASP C 412 -2.48 5.86 -17.09
CA ASP C 412 -2.31 7.01 -17.99
C ASP C 412 -2.84 6.68 -19.39
N LEU C 413 -2.63 5.45 -19.82
CA LEU C 413 -3.12 5.04 -21.13
C LEU C 413 -4.65 5.09 -21.11
N ALA C 414 -5.24 4.56 -20.03
CA ALA C 414 -6.69 4.55 -19.87
C ALA C 414 -7.23 5.98 -19.76
N TRP C 415 -6.45 6.86 -19.13
CA TRP C 415 -6.88 8.24 -19.00
C TRP C 415 -6.94 8.87 -20.39
N GLU C 416 -5.94 8.61 -21.22
CA GLU C 416 -5.94 9.16 -22.57
C GLU C 416 -7.17 8.69 -23.31
N ALA C 417 -7.49 7.41 -23.15
CA ALA C 417 -8.64 6.82 -23.80
C ALA C 417 -9.93 7.47 -23.35
N LEU C 418 -10.12 7.58 -22.03
CA LEU C 418 -11.34 8.19 -21.47
C LEU C 418 -11.48 9.64 -21.89
N SER C 419 -10.38 10.38 -21.86
CA SER C 419 -10.37 11.78 -22.24
C SER C 419 -10.73 11.95 -23.70
N ALA C 420 -10.11 11.13 -24.56
CA ALA C 420 -10.38 11.20 -25.98
C ALA C 420 -11.85 10.94 -26.25
N ILE C 421 -12.40 9.91 -25.61
CA ILE C 421 -13.81 9.57 -25.77
C ILE C 421 -14.71 10.70 -25.30
N GLU C 422 -14.39 11.28 -24.15
CA GLU C 422 -15.17 12.39 -23.61
C GLU C 422 -15.22 13.57 -24.57
N ASP C 423 -14.06 14.00 -25.02
CA ASP C 423 -13.94 15.14 -25.92
C ASP C 423 -14.69 15.01 -27.25
N ALA C 424 -14.63 13.83 -27.86
CA ALA C 424 -15.28 13.63 -29.14
C ALA C 424 -16.74 13.22 -29.05
N CYS C 425 -17.05 12.38 -28.08
CA CYS C 425 -18.42 11.88 -27.91
C CYS C 425 -19.38 12.76 -27.15
N ARG C 426 -18.86 13.75 -26.44
CA ARG C 426 -19.73 14.65 -25.69
C ARG C 426 -20.70 15.31 -26.68
N ALA C 427 -22.00 15.03 -26.52
CA ALA C 427 -23.00 15.58 -27.41
C ALA C 427 -24.37 15.72 -26.74
N GLY C 428 -25.07 16.80 -27.06
CA GLY C 428 -26.38 17.03 -26.49
C GLY C 428 -26.37 17.06 -24.97
N SER C 429 -27.31 16.34 -24.36
CA SER C 429 -27.41 16.31 -22.91
C SER C 429 -26.47 15.31 -22.24
N ALA C 430 -25.75 14.54 -23.04
CA ALA C 430 -24.82 13.55 -22.49
C ALA C 430 -23.74 13.15 -23.49
N TYR C 431 -23.66 11.86 -23.80
CA TYR C 431 -22.66 11.36 -24.75
C TYR C 431 -23.32 10.49 -25.82
N SER C 432 -22.73 10.47 -27.01
CA SER C 432 -23.27 9.69 -28.11
C SER C 432 -22.22 8.98 -28.95
N SER C 433 -22.68 8.02 -29.75
CA SER C 433 -21.79 7.29 -30.64
C SER C 433 -21.35 8.30 -31.69
N ILE C 434 -20.26 8.01 -32.38
CA ILE C 434 -19.76 8.91 -33.41
C ILE C 434 -19.55 8.16 -34.73
N ASN C 435 -19.57 8.91 -35.83
CA ASN C 435 -19.43 8.32 -37.17
C ASN C 435 -18.01 8.00 -37.63
N ASP C 436 -17.07 8.88 -37.36
CA ASP C 436 -15.71 8.67 -37.83
C ASP C 436 -14.62 8.90 -36.80
N VAL C 437 -13.85 7.85 -36.55
CA VAL C 437 -12.77 7.90 -35.58
C VAL C 437 -11.52 8.55 -36.21
N THR C 438 -11.43 8.46 -37.53
CA THR C 438 -10.30 9.02 -38.27
C THR C 438 -10.43 10.52 -38.47
N GLN C 439 -11.28 11.16 -37.69
CA GLN C 439 -11.48 12.60 -37.75
C GLN C 439 -11.30 13.15 -36.35
N ALA C 440 -10.53 14.23 -36.25
CA ALA C 440 -10.24 14.88 -34.98
C ALA C 440 -11.46 15.16 -34.10
N ASN C 441 -12.52 15.66 -34.71
CA ASN C 441 -13.74 16.00 -33.98
C ASN C 441 -14.67 14.82 -33.76
N GLY C 442 -14.35 13.68 -34.38
CA GLY C 442 -15.18 12.50 -34.23
C GLY C 442 -16.11 12.22 -35.40
N GLY C 443 -16.19 13.15 -36.35
CA GLY C 443 -17.03 12.99 -37.51
C GLY C 443 -18.52 13.23 -37.29
N GLY C 444 -18.91 13.66 -36.10
CA GLY C 444 -20.31 13.92 -35.83
C GLY C 444 -20.96 12.82 -35.02
N ALA C 445 -21.93 13.20 -34.21
CA ALA C 445 -22.66 12.26 -33.36
C ALA C 445 -23.77 11.59 -34.14
N SER C 446 -24.02 10.33 -33.82
CA SER C 446 -25.09 9.59 -34.49
C SER C 446 -26.31 9.54 -33.57
N ASP C 447 -26.29 10.39 -32.55
CA ASP C 447 -27.39 10.50 -31.59
C ASP C 447 -27.86 9.19 -30.95
N ASP C 448 -27.04 8.60 -30.09
CA ASP C 448 -27.40 7.37 -29.41
C ASP C 448 -26.44 7.04 -28.25
N MET C 449 -27.01 6.65 -27.12
CA MET C 449 -26.20 6.31 -25.96
C MET C 449 -26.55 4.91 -25.45
N GLU C 450 -25.88 3.90 -26.01
CA GLU C 450 -26.11 2.51 -25.61
C GLU C 450 -25.94 2.27 -24.11
N SER C 451 -26.70 1.33 -23.59
CA SER C 451 -26.67 0.99 -22.17
C SER C 451 -25.30 0.56 -21.65
N PHE C 452 -24.48 -0.08 -22.47
CA PHE C 452 -23.18 -0.51 -21.97
C PHE C 452 -22.23 0.65 -21.66
N TRP C 453 -22.68 1.87 -21.96
CA TRP C 453 -21.88 3.06 -21.65
C TRP C 453 -21.92 3.21 -20.13
N PHE C 454 -23.10 2.92 -19.56
CA PHE C 454 -23.30 3.00 -18.12
C PHE C 454 -22.69 1.80 -17.39
N ALA C 455 -22.89 0.61 -17.96
CA ALA C 455 -22.43 -0.63 -17.35
C ALA C 455 -20.95 -0.99 -17.49
N GLU C 456 -20.34 -0.63 -18.62
CA GLU C 456 -18.96 -1.00 -18.87
C GLU C 456 -17.90 0.09 -19.01
N ALA C 457 -18.05 0.92 -20.05
CA ALA C 457 -17.09 1.98 -20.30
C ALA C 457 -16.80 2.80 -19.04
N LEU C 458 -17.84 3.41 -18.47
CA LEU C 458 -17.68 4.20 -17.27
C LEU C 458 -17.30 3.37 -16.05
N LYS C 459 -17.60 2.06 -16.07
CA LYS C 459 -17.27 1.19 -14.94
C LYS C 459 -15.79 0.84 -14.89
N TYR C 460 -15.28 0.29 -15.99
CA TYR C 460 -13.87 -0.07 -16.03
C TYR C 460 -13.02 1.18 -15.95
N ALA C 461 -13.46 2.26 -16.61
CA ALA C 461 -12.70 3.48 -16.59
C ALA C 461 -12.59 3.98 -15.16
N TYR C 462 -13.69 3.88 -14.43
CA TYR C 462 -13.73 4.30 -13.04
C TYR C 462 -12.88 3.41 -12.14
N LEU C 463 -13.09 2.10 -12.23
CA LEU C 463 -12.36 1.14 -11.40
C LEU C 463 -10.84 1.27 -11.46
N ILE C 464 -10.31 1.61 -12.64
CA ILE C 464 -8.88 1.76 -12.82
C ILE C 464 -8.32 2.96 -12.05
N PHE C 465 -9.18 3.87 -11.60
CA PHE C 465 -8.72 5.04 -10.83
C PHE C 465 -9.26 5.00 -9.40
N ALA C 466 -10.26 4.14 -9.16
CA ALA C 466 -10.90 4.03 -7.86
C ALA C 466 -10.05 3.37 -6.79
N GLU C 467 -10.57 3.37 -5.57
CA GLU C 467 -9.87 2.78 -4.45
C GLU C 467 -10.01 1.26 -4.51
N GLU C 468 -9.13 0.57 -3.78
CA GLU C 468 -9.12 -0.88 -3.72
C GLU C 468 -10.37 -1.44 -3.05
N SER C 469 -10.78 -2.62 -3.49
CA SER C 469 -11.94 -3.31 -2.92
C SER C 469 -11.94 -4.72 -3.46
N ASP C 470 -12.77 -5.59 -2.89
CA ASP C 470 -12.83 -6.98 -3.31
C ASP C 470 -13.39 -7.18 -4.71
N VAL C 471 -14.10 -6.18 -5.23
CA VAL C 471 -14.68 -6.30 -6.57
C VAL C 471 -13.59 -6.07 -7.62
N GLN C 472 -12.52 -5.40 -7.21
CA GLN C 472 -11.37 -5.14 -8.09
C GLN C 472 -10.68 -6.47 -8.36
N VAL C 473 -10.16 -6.66 -9.57
CA VAL C 473 -9.46 -7.89 -9.93
C VAL C 473 -8.15 -7.99 -9.14
N GLN C 474 -7.91 -9.15 -8.53
CA GLN C 474 -6.71 -9.37 -7.73
C GLN C 474 -5.65 -10.06 -8.59
N ALA C 475 -4.48 -9.45 -8.70
CA ALA C 475 -3.39 -10.00 -9.50
C ALA C 475 -2.77 -11.28 -8.94
N THR C 476 -2.73 -11.42 -7.63
CA THR C 476 -2.13 -12.61 -7.04
C THR C 476 -3.11 -13.29 -6.09
N GLY C 477 -3.85 -12.48 -5.35
CA GLY C 477 -4.82 -13.01 -4.40
C GLY C 477 -5.94 -13.76 -5.10
N GLY C 478 -6.87 -14.28 -4.31
CA GLY C 478 -7.98 -15.03 -4.86
C GLY C 478 -9.20 -14.13 -4.96
N ASN C 479 -9.60 -13.85 -6.20
CA ASN C 479 -10.75 -13.00 -6.43
C ASN C 479 -12.01 -13.60 -5.84
N LYS C 480 -12.86 -12.74 -5.31
CA LYS C 480 -14.14 -13.15 -4.73
C LYS C 480 -15.28 -12.74 -5.66
N PHE C 481 -14.93 -12.12 -6.79
CA PHE C 481 -15.90 -11.66 -7.78
C PHE C 481 -15.43 -11.99 -9.21
N VAL C 482 -16.38 -12.01 -10.15
CA VAL C 482 -16.08 -12.27 -11.55
C VAL C 482 -17.03 -11.44 -12.42
N PHE C 483 -16.48 -10.63 -13.32
CA PHE C 483 -17.29 -9.79 -14.20
C PHE C 483 -17.92 -10.59 -15.34
N ASN C 484 -19.20 -10.36 -15.61
CA ASN C 484 -19.88 -11.03 -16.70
C ASN C 484 -19.49 -10.25 -17.96
N THR C 485 -20.01 -10.63 -19.12
CA THR C 485 -19.65 -9.94 -20.35
C THR C 485 -20.11 -8.48 -20.41
N GLU C 486 -21.09 -8.13 -19.58
CA GLU C 486 -21.57 -6.75 -19.55
C GLU C 486 -21.04 -6.05 -18.29
N ALA C 487 -19.84 -6.42 -17.89
CA ALA C 487 -19.18 -5.85 -16.71
C ALA C 487 -20.01 -5.88 -15.43
N HIS C 488 -20.78 -6.95 -15.24
CA HIS C 488 -21.58 -7.09 -14.04
C HIS C 488 -20.90 -8.14 -13.17
N PRO C 489 -20.25 -7.70 -12.08
CA PRO C 489 -19.56 -8.60 -11.15
C PRO C 489 -20.44 -9.54 -10.33
N PHE C 490 -20.11 -10.84 -10.32
CA PHE C 490 -20.87 -11.80 -9.53
C PHE C 490 -19.94 -12.37 -8.47
N SER C 491 -20.50 -12.73 -7.32
CA SER C 491 -19.71 -13.35 -6.27
C SER C 491 -19.46 -14.77 -6.77
N ILE C 492 -18.22 -15.26 -6.66
CA ILE C 492 -17.96 -16.63 -7.12
C ILE C 492 -18.70 -17.60 -6.20
N ARG C 493 -18.80 -18.85 -6.61
CA ARG C 493 -19.49 -19.85 -5.80
C ARG C 493 -18.64 -20.19 -4.57
N GLY D 9 -24.29 46.52 -15.97
CA GLY D 9 -23.80 45.29 -15.26
C GLY D 9 -23.72 44.06 -16.13
N SER D 10 -23.17 42.98 -15.59
CA SER D 10 -23.03 41.73 -16.34
C SER D 10 -22.86 40.55 -15.39
N PRO D 11 -23.59 39.45 -15.64
CA PRO D 11 -23.52 38.25 -14.80
C PRO D 11 -22.20 37.49 -14.92
N ASN D 12 -21.90 36.68 -13.90
CA ASN D 12 -20.68 35.89 -13.86
C ASN D 12 -21.05 34.42 -13.71
N PRO D 13 -21.05 33.68 -14.83
CA PRO D 13 -21.39 32.25 -14.83
C PRO D 13 -20.52 31.39 -13.90
N THR D 14 -19.22 31.67 -13.88
CA THR D 14 -18.29 30.93 -13.04
C THR D 14 -18.70 31.03 -11.57
N ARG D 15 -18.83 32.25 -11.09
CA ARG D 15 -19.22 32.47 -9.71
C ARG D 15 -20.61 31.91 -9.44
N ALA D 16 -21.45 31.89 -10.48
CA ALA D 16 -22.80 31.38 -10.35
C ALA D 16 -22.80 29.86 -10.17
N ALA D 17 -21.96 29.18 -10.95
CA ALA D 17 -21.84 27.73 -10.89
C ALA D 17 -21.22 27.31 -9.55
N ALA D 18 -20.30 28.12 -9.05
CA ALA D 18 -19.65 27.82 -7.77
C ALA D 18 -20.70 27.75 -6.68
N VAL D 19 -21.61 28.72 -6.67
CA VAL D 19 -22.67 28.76 -5.68
C VAL D 19 -23.61 27.57 -5.88
N LYS D 20 -23.92 27.27 -7.14
CA LYS D 20 -24.80 26.15 -7.47
C LYS D 20 -24.20 24.84 -6.96
N ALA D 21 -22.87 24.77 -6.98
CA ALA D 21 -22.15 23.60 -6.51
C ALA D 21 -22.36 23.44 -5.00
N ALA D 22 -22.20 24.54 -4.27
CA ALA D 22 -22.38 24.53 -2.83
C ALA D 22 -23.76 23.99 -2.49
N PHE D 23 -24.75 24.37 -3.28
CA PHE D 23 -26.13 23.92 -3.07
C PHE D 23 -26.22 22.42 -3.33
N GLN D 24 -25.57 21.98 -4.40
CA GLN D 24 -25.58 20.56 -4.75
C GLN D 24 -25.05 19.74 -3.56
N THR D 25 -23.88 20.12 -3.07
CA THR D 25 -23.28 19.44 -1.91
C THR D 25 -24.23 19.46 -0.73
N SER D 26 -24.79 20.63 -0.42
CA SER D 26 -25.72 20.79 0.70
C SER D 26 -26.91 19.85 0.62
N TRP D 27 -27.55 19.81 -0.55
CA TRP D 27 -28.70 18.95 -0.75
C TRP D 27 -28.32 17.48 -0.66
N ASN D 28 -27.26 17.09 -1.35
CA ASN D 28 -26.82 15.71 -1.32
C ASN D 28 -26.64 15.26 0.13
N ALA D 29 -25.94 16.08 0.92
CA ALA D 29 -25.72 15.76 2.32
C ALA D 29 -27.05 15.61 3.04
N TYR D 30 -27.91 16.60 2.90
CA TYR D 30 -29.21 16.59 3.54
C TYR D 30 -30.12 15.44 3.09
N HIS D 31 -30.16 15.20 1.79
CA HIS D 31 -31.00 14.15 1.23
C HIS D 31 -30.57 12.76 1.72
N HIS D 32 -29.27 12.55 1.83
CA HIS D 32 -28.76 11.25 2.25
C HIS D 32 -28.78 11.03 3.78
N PHE D 33 -28.54 12.08 4.56
CA PHE D 33 -28.50 11.92 6.03
C PHE D 33 -29.65 12.50 6.85
N ALA D 34 -30.51 13.30 6.23
CA ALA D 34 -31.61 13.90 6.99
C ALA D 34 -33.00 13.73 6.40
N PHE D 35 -33.12 13.89 5.08
CA PHE D 35 -34.40 13.74 4.39
C PHE D 35 -35.15 12.50 4.90
N PRO D 36 -36.46 12.64 5.18
CA PRO D 36 -37.28 13.84 5.08
C PRO D 36 -37.47 14.61 6.40
N HIS D 37 -36.44 14.61 7.23
CA HIS D 37 -36.51 15.32 8.51
C HIS D 37 -36.20 16.79 8.21
N ASP D 38 -36.62 17.67 9.11
CA ASP D 38 -36.44 19.12 8.94
C ASP D 38 -35.05 19.63 8.60
N ASP D 39 -34.10 19.50 9.53
CA ASP D 39 -32.74 19.99 9.27
C ASP D 39 -31.64 18.96 9.46
N LEU D 40 -30.50 19.24 8.81
CA LEU D 40 -29.32 18.39 8.86
C LEU D 40 -28.21 18.96 9.75
N HIS D 41 -27.48 18.06 10.40
CA HIS D 41 -26.35 18.43 11.24
C HIS D 41 -25.17 17.80 10.54
N PRO D 42 -24.55 18.55 9.61
CA PRO D 42 -23.40 18.15 8.79
C PRO D 42 -22.21 17.48 9.45
N VAL D 43 -21.88 17.91 10.67
CA VAL D 43 -20.73 17.33 11.35
C VAL D 43 -20.98 15.90 11.83
N SER D 44 -22.06 15.71 12.59
CA SER D 44 -22.42 14.39 13.12
C SER D 44 -23.37 13.65 12.18
N ASN D 45 -23.75 14.30 11.08
CA ASN D 45 -24.68 13.72 10.13
C ASN D 45 -25.95 13.22 10.82
N SER D 46 -26.43 14.00 11.79
CA SER D 46 -27.66 13.68 12.50
C SER D 46 -28.68 14.69 12.00
N PHE D 47 -29.85 14.73 12.64
CA PHE D 47 -30.90 15.64 12.22
C PHE D 47 -31.78 16.11 13.37
N ASP D 48 -32.63 17.10 13.08
CA ASP D 48 -33.57 17.64 14.04
C ASP D 48 -34.88 17.92 13.33
N ASP D 49 -35.97 17.94 14.08
CA ASP D 49 -37.29 18.22 13.54
C ASP D 49 -37.85 19.44 14.27
N GLU D 50 -37.06 20.50 14.29
CA GLU D 50 -37.43 21.74 14.93
C GLU D 50 -38.57 22.44 14.17
N ARG D 51 -38.87 21.93 12.98
CA ARG D 51 -39.92 22.50 12.16
C ARG D 51 -41.09 21.54 12.06
N ASN D 52 -41.39 20.90 13.19
CA ASN D 52 -42.50 19.96 13.29
C ASN D 52 -42.38 18.72 12.41
N GLY D 53 -41.21 18.53 11.83
CA GLY D 53 -40.98 17.36 11.00
C GLY D 53 -41.73 17.24 9.68
N TRP D 54 -42.15 18.37 9.09
CA TRP D 54 -42.86 18.32 7.82
C TRP D 54 -41.90 18.31 6.64
N GLY D 55 -40.63 18.61 6.90
CA GLY D 55 -39.64 18.62 5.83
C GLY D 55 -39.17 20.03 5.51
N SER D 56 -38.74 20.74 6.54
CA SER D 56 -38.27 22.11 6.43
C SER D 56 -37.32 22.36 5.26
N SER D 57 -36.10 21.82 5.34
CA SER D 57 -35.09 22.00 4.30
C SER D 57 -35.57 21.66 2.88
N ALA D 58 -36.43 20.65 2.76
CA ALA D 58 -36.92 20.26 1.45
C ALA D 58 -37.81 21.32 0.83
N ILE D 59 -38.78 21.79 1.59
CA ILE D 59 -39.70 22.81 1.11
C ILE D 59 -38.99 24.14 0.90
N ASP D 60 -38.11 24.48 1.83
CA ASP D 60 -37.39 25.74 1.77
C ASP D 60 -36.43 25.85 0.58
N GLY D 61 -35.82 24.73 0.19
CA GLY D 61 -34.88 24.77 -0.93
C GLY D 61 -35.49 24.46 -2.28
N LEU D 62 -36.77 24.06 -2.29
CA LEU D 62 -37.45 23.71 -3.53
C LEU D 62 -37.31 24.76 -4.63
N ASP D 63 -37.78 25.98 -4.37
CA ASP D 63 -37.71 27.04 -5.40
C ASP D 63 -36.29 27.43 -5.76
N THR D 64 -35.37 27.26 -4.82
CA THR D 64 -33.98 27.58 -5.10
C THR D 64 -33.47 26.60 -6.15
N ALA D 65 -33.83 25.33 -5.98
CA ALA D 65 -33.42 24.28 -6.91
C ALA D 65 -34.02 24.59 -8.28
N ILE D 66 -35.27 25.07 -8.26
CA ILE D 66 -35.96 25.42 -9.49
C ILE D 66 -35.23 26.54 -10.21
N LEU D 67 -34.92 27.62 -9.49
CA LEU D 67 -34.23 28.75 -10.09
C LEU D 67 -32.90 28.33 -10.70
N MET D 68 -32.20 27.41 -10.05
CA MET D 68 -30.92 26.93 -10.56
C MET D 68 -31.25 25.85 -11.58
N GLY D 69 -30.23 25.25 -12.20
CA GLY D 69 -30.50 24.21 -13.16
C GLY D 69 -31.18 22.99 -12.56
N ASP D 70 -30.85 22.69 -11.30
CA ASP D 70 -31.39 21.53 -10.59
C ASP D 70 -32.85 21.22 -10.92
N ALA D 71 -33.07 20.14 -11.65
CA ALA D 71 -34.41 19.72 -12.04
C ALA D 71 -34.67 18.33 -11.49
N ASP D 72 -33.59 17.65 -11.16
CA ASP D 72 -33.67 16.30 -10.62
C ASP D 72 -33.93 16.42 -9.13
N ILE D 73 -33.45 17.51 -8.53
CA ILE D 73 -33.66 17.76 -7.10
C ILE D 73 -35.09 18.22 -6.94
N VAL D 74 -35.58 18.99 -7.91
CA VAL D 74 -36.94 19.50 -7.87
C VAL D 74 -37.94 18.35 -7.96
N ASN D 75 -37.68 17.42 -8.87
CA ASN D 75 -38.54 16.27 -9.06
C ASN D 75 -38.59 15.47 -7.76
N THR D 76 -37.44 15.37 -7.09
CA THR D 76 -37.37 14.62 -5.84
C THR D 76 -38.30 15.22 -4.79
N ILE D 77 -38.21 16.53 -4.61
CA ILE D 77 -39.04 17.21 -3.63
C ILE D 77 -40.52 17.17 -3.98
N LEU D 78 -40.84 17.43 -5.25
CA LEU D 78 -42.21 17.44 -5.72
C LEU D 78 -42.87 16.08 -5.50
N GLN D 79 -42.07 15.04 -5.52
CA GLN D 79 -42.59 13.70 -5.32
C GLN D 79 -42.98 13.52 -3.86
N TYR D 80 -42.23 14.18 -2.98
CA TYR D 80 -42.44 14.11 -1.53
C TYR D 80 -43.62 14.92 -0.98
N VAL D 81 -43.81 16.11 -1.52
CA VAL D 81 -44.88 17.01 -1.07
C VAL D 81 -46.24 16.35 -0.82
N PRO D 82 -46.73 15.57 -1.80
CA PRO D 82 -48.03 14.89 -1.68
C PRO D 82 -48.13 13.96 -0.47
N GLN D 83 -46.98 13.46 -0.02
CA GLN D 83 -46.95 12.55 1.11
C GLN D 83 -47.03 13.25 2.45
N ILE D 84 -46.64 14.52 2.49
CA ILE D 84 -46.67 15.27 3.75
C ILE D 84 -48.08 15.35 4.34
N ASN D 85 -48.17 15.21 5.65
CA ASN D 85 -49.47 15.29 6.32
C ASN D 85 -49.51 16.57 7.15
N PHE D 86 -50.01 17.65 6.54
CA PHE D 86 -50.13 18.95 7.20
C PHE D 86 -51.36 19.08 8.09
N THR D 87 -52.08 17.98 8.29
CA THR D 87 -53.28 18.03 9.14
C THR D 87 -52.95 17.57 10.55
N THR D 88 -51.75 17.03 10.73
CA THR D 88 -51.32 16.56 12.03
C THR D 88 -49.84 16.81 12.25
N THR D 89 -49.35 16.31 13.38
CA THR D 89 -47.95 16.44 13.73
C THR D 89 -47.50 15.13 14.41
N ALA D 90 -46.30 14.67 14.06
CA ALA D 90 -45.75 13.43 14.61
C ALA D 90 -45.78 13.39 16.14
N VAL D 91 -45.37 14.48 16.77
CA VAL D 91 -45.35 14.55 18.22
C VAL D 91 -46.68 15.11 18.75
N ALA D 92 -47.26 14.42 19.73
CA ALA D 92 -48.52 14.87 20.29
C ALA D 92 -48.34 16.13 21.12
N ASN D 93 -49.35 16.99 21.09
CA ASN D 93 -49.34 18.25 21.84
C ASN D 93 -48.11 19.10 21.57
N GLN D 94 -47.58 19.01 20.35
CA GLN D 94 -46.41 19.78 19.97
C GLN D 94 -46.79 21.17 19.48
N GLY D 95 -46.10 22.18 19.98
CA GLY D 95 -46.40 23.55 19.56
C GLY D 95 -45.92 23.82 18.15
N SER D 96 -46.68 24.62 17.40
CA SER D 96 -46.33 24.97 16.03
C SER D 96 -46.25 26.49 15.91
N SER D 97 -45.14 26.99 15.37
CA SER D 97 -45.00 28.43 15.19
C SER D 97 -45.76 28.90 13.97
N VAL D 98 -46.73 29.78 14.17
CA VAL D 98 -47.51 30.30 13.04
C VAL D 98 -46.57 31.03 12.08
N PHE D 99 -45.73 31.91 12.63
CA PHE D 99 -44.76 32.68 11.84
C PHE D 99 -43.76 31.80 11.11
N GLU D 100 -43.01 31.00 11.86
CA GLU D 100 -42.00 30.11 11.28
C GLU D 100 -42.58 29.20 10.19
N THR D 101 -43.70 28.56 10.50
CA THR D 101 -44.36 27.67 9.56
C THR D 101 -44.85 28.42 8.32
N ASN D 102 -45.37 29.62 8.53
CA ASN D 102 -45.89 30.46 7.45
C ASN D 102 -44.86 30.83 6.41
N ILE D 103 -43.76 31.42 6.86
CA ILE D 103 -42.72 31.87 5.95
C ILE D 103 -41.95 30.74 5.29
N ARG D 104 -41.83 29.61 5.98
CA ARG D 104 -41.10 28.47 5.44
C ARG D 104 -41.94 27.56 4.54
N TYR D 105 -42.95 26.92 5.13
CA TYR D 105 -43.79 25.99 4.39
C TYR D 105 -44.79 26.66 3.45
N LEU D 106 -45.65 27.50 3.99
CA LEU D 106 -46.64 28.19 3.18
C LEU D 106 -45.95 28.94 2.03
N GLY D 107 -44.94 29.74 2.37
CA GLY D 107 -44.23 30.50 1.33
C GLY D 107 -43.48 29.63 0.33
N GLY D 108 -42.77 28.62 0.83
CA GLY D 108 -42.01 27.73 -0.02
C GLY D 108 -42.90 26.97 -0.98
N LEU D 109 -44.11 26.64 -0.52
CA LEU D 109 -45.07 25.91 -1.35
C LEU D 109 -45.66 26.82 -2.42
N LEU D 110 -46.07 28.02 -2.02
CA LEU D 110 -46.65 28.98 -2.96
C LEU D 110 -45.67 29.51 -3.99
N SER D 111 -44.43 29.75 -3.55
CA SER D 111 -43.42 30.25 -4.47
C SER D 111 -43.14 29.19 -5.52
N ALA D 112 -42.94 27.95 -5.09
CA ALA D 112 -42.65 26.88 -6.04
C ALA D 112 -43.79 26.77 -7.05
N TYR D 113 -45.01 26.98 -6.58
CA TYR D 113 -46.18 26.90 -7.44
C TYR D 113 -46.15 27.98 -8.52
N ASP D 114 -45.96 29.24 -8.11
CA ASP D 114 -45.92 30.35 -9.05
C ASP D 114 -44.81 30.21 -10.09
N LEU D 115 -43.68 29.66 -9.67
CA LEU D 115 -42.55 29.47 -10.58
C LEU D 115 -42.85 28.38 -11.61
N LEU D 116 -43.34 27.24 -11.11
CA LEU D 116 -43.66 26.08 -11.94
C LEU D 116 -44.92 26.29 -12.80
N ARG D 117 -45.63 27.38 -12.53
CA ARG D 117 -46.82 27.71 -13.28
C ARG D 117 -46.55 28.90 -14.18
N GLY D 118 -45.32 29.41 -14.13
CA GLY D 118 -44.98 30.55 -14.94
C GLY D 118 -43.61 30.51 -15.61
N PRO D 119 -42.69 31.41 -15.23
CA PRO D 119 -41.34 31.50 -15.78
C PRO D 119 -40.45 30.26 -15.68
N PHE D 120 -40.94 29.21 -15.03
CA PHE D 120 -40.15 27.98 -14.88
C PHE D 120 -40.99 26.72 -15.05
N SER D 121 -41.88 26.74 -16.03
CA SER D 121 -42.75 25.60 -16.31
C SER D 121 -41.96 24.38 -16.75
N SER D 122 -40.95 24.61 -17.58
CA SER D 122 -40.13 23.52 -18.10
C SER D 122 -39.38 22.71 -17.04
N LEU D 123 -39.49 23.12 -15.77
CA LEU D 123 -38.80 22.42 -14.69
C LEU D 123 -39.66 21.39 -13.96
N ALA D 124 -40.92 21.26 -14.40
CA ALA D 124 -41.85 20.31 -13.80
C ALA D 124 -42.82 19.81 -14.86
N THR D 125 -42.81 18.52 -15.11
CA THR D 125 -43.67 17.94 -16.13
C THR D 125 -44.96 17.35 -15.56
N ASN D 126 -44.89 16.73 -14.38
CA ASN D 126 -46.09 16.15 -13.79
C ASN D 126 -46.91 17.25 -13.14
N GLN D 127 -47.89 17.77 -13.88
CA GLN D 127 -48.74 18.85 -13.38
C GLN D 127 -49.64 18.47 -12.22
N THR D 128 -49.65 17.19 -11.86
CA THR D 128 -50.46 16.73 -10.74
C THR D 128 -49.71 17.13 -9.47
N LEU D 129 -48.38 17.00 -9.54
CA LEU D 129 -47.52 17.36 -8.42
C LEU D 129 -47.54 18.87 -8.22
N VAL D 130 -47.51 19.62 -9.32
CA VAL D 130 -47.54 21.07 -9.24
C VAL D 130 -48.80 21.50 -8.50
N ASN D 131 -49.92 20.89 -8.83
CA ASN D 131 -51.18 21.22 -8.18
C ASN D 131 -51.16 20.85 -6.71
N SER D 132 -50.31 19.90 -6.34
CA SER D 132 -50.17 19.47 -4.95
C SER D 132 -49.57 20.59 -4.09
N LEU D 133 -48.82 21.49 -4.71
CA LEU D 133 -48.23 22.59 -3.96
C LEU D 133 -49.35 23.41 -3.34
N LEU D 134 -50.29 23.84 -4.17
CA LEU D 134 -51.41 24.67 -3.72
C LEU D 134 -52.38 23.96 -2.79
N ARG D 135 -52.59 22.66 -3.03
CA ARG D 135 -53.47 21.85 -2.21
C ARG D 135 -52.93 21.75 -0.78
N GLN D 136 -51.68 21.30 -0.66
CA GLN D 136 -51.05 21.17 0.65
C GLN D 136 -50.99 22.50 1.39
N ALA D 137 -50.70 23.56 0.63
CA ALA D 137 -50.60 24.91 1.18
C ALA D 137 -51.90 25.33 1.83
N GLN D 138 -53.01 25.05 1.17
CA GLN D 138 -54.32 25.41 1.69
C GLN D 138 -54.69 24.52 2.88
N THR D 139 -54.33 23.25 2.82
CA THR D 139 -54.63 22.33 3.92
C THR D 139 -53.89 22.79 5.18
N LEU D 140 -52.65 23.21 5.01
CA LEU D 140 -51.82 23.70 6.11
C LEU D 140 -52.49 24.92 6.73
N ALA D 141 -52.80 25.91 5.89
CA ALA D 141 -53.43 27.14 6.38
C ALA D 141 -54.75 26.88 7.09
N ASN D 142 -55.49 25.88 6.62
CA ASN D 142 -56.78 25.56 7.22
C ASN D 142 -56.62 25.17 8.69
N GLY D 143 -55.46 24.66 9.05
CA GLY D 143 -55.22 24.30 10.43
C GLY D 143 -54.66 25.49 11.18
N LEU D 144 -53.77 26.22 10.52
CA LEU D 144 -53.14 27.40 11.10
C LEU D 144 -54.12 28.53 11.40
N LYS D 145 -55.18 28.64 10.59
CA LYS D 145 -56.16 29.69 10.77
C LYS D 145 -56.71 29.82 12.19
N VAL D 146 -56.66 28.75 12.96
CA VAL D 146 -57.18 28.78 14.33
C VAL D 146 -56.46 29.82 15.18
N ALA D 147 -55.27 30.22 14.75
CA ALA D 147 -54.49 31.21 15.49
C ALA D 147 -55.20 32.55 15.52
N PHE D 148 -56.12 32.78 14.58
CA PHE D 148 -56.84 34.05 14.53
C PHE D 148 -58.10 34.06 15.38
N THR D 149 -58.42 32.94 16.00
CA THR D 149 -59.63 32.84 16.84
C THR D 149 -59.47 33.55 18.18
N THR D 150 -58.71 34.64 18.19
CA THR D 150 -58.52 35.41 19.43
C THR D 150 -59.64 36.45 19.50
N PRO D 151 -59.82 37.09 20.67
CA PRO D 151 -60.87 38.11 20.86
C PRO D 151 -60.72 39.31 19.93
N SER D 152 -59.49 39.76 19.71
CA SER D 152 -59.26 40.93 18.86
C SER D 152 -59.06 40.54 17.40
N GLY D 153 -58.53 39.35 17.18
CA GLY D 153 -58.28 38.88 15.83
C GLY D 153 -56.78 38.81 15.58
N VAL D 154 -56.00 39.38 16.50
CA VAL D 154 -54.55 39.34 16.35
C VAL D 154 -54.14 37.89 16.53
N PRO D 155 -53.38 37.36 15.58
CA PRO D 155 -52.96 35.97 15.65
C PRO D 155 -52.20 35.55 16.91
N ASP D 156 -52.57 34.37 17.42
CA ASP D 156 -51.92 33.77 18.58
C ASP D 156 -50.68 33.17 17.91
N PRO D 157 -49.49 33.44 18.47
CA PRO D 157 -48.22 32.94 17.92
C PRO D 157 -48.05 31.43 17.83
N THR D 158 -48.77 30.67 18.66
CA THR D 158 -48.62 29.22 18.63
C THR D 158 -49.92 28.38 18.60
N VAL D 159 -49.91 27.34 17.80
CA VAL D 159 -51.08 26.46 17.71
C VAL D 159 -50.68 25.00 17.80
N PHE D 160 -51.69 24.15 17.94
CA PHE D 160 -51.47 22.72 18.02
C PHE D 160 -52.46 21.99 17.09
N PHE D 161 -52.07 20.82 16.59
CA PHE D 161 -52.91 20.02 15.70
C PHE D 161 -53.24 18.64 16.29
N ASN D 162 -52.23 18.01 16.87
CA ASN D 162 -52.35 16.68 17.47
C ASN D 162 -52.39 16.94 18.98
N PRO D 163 -53.47 16.52 19.66
CA PRO D 163 -54.71 15.79 19.35
C PRO D 163 -55.75 16.53 18.49
N THR D 164 -56.03 17.78 18.85
CA THR D 164 -57.00 18.59 18.12
C THR D 164 -56.37 19.91 17.66
N VAL D 165 -57.14 20.72 16.94
CA VAL D 165 -56.65 22.00 16.47
C VAL D 165 -57.08 23.11 17.42
N ARG D 166 -56.12 23.87 17.94
CA ARG D 166 -56.45 24.97 18.86
C ARG D 166 -55.29 25.94 19.11
N ARG D 167 -55.62 27.12 19.62
CA ARG D 167 -54.65 28.15 19.95
C ARG D 167 -53.88 27.75 21.19
N SER D 168 -52.74 28.38 21.44
CA SER D 168 -51.96 28.07 22.63
C SER D 168 -52.58 28.78 23.83
N GLY D 169 -53.17 29.94 23.57
CA GLY D 169 -53.79 30.72 24.62
C GLY D 169 -52.94 31.94 24.97
N ALA D 170 -51.90 32.18 24.17
CA ALA D 170 -51.00 33.31 24.41
C ALA D 170 -51.76 34.64 24.48
N SER D 171 -51.37 35.49 25.43
CA SER D 171 -52.02 36.77 25.60
C SER D 171 -51.29 37.87 24.85
N SER D 172 -50.23 37.50 24.13
CA SER D 172 -49.46 38.49 23.41
C SER D 172 -48.62 37.89 22.30
N ASN D 173 -48.24 38.72 21.35
CA ASN D 173 -47.44 38.31 20.21
C ASN D 173 -46.62 39.52 19.74
N ASN D 174 -45.54 39.30 18.98
CA ASN D 174 -44.75 40.42 18.52
C ASN D 174 -45.12 40.86 17.10
N VAL D 175 -44.84 42.13 16.81
CA VAL D 175 -45.14 42.76 15.52
C VAL D 175 -44.64 42.00 14.28
N ALA D 176 -43.47 41.39 14.40
CA ALA D 176 -42.91 40.66 13.27
C ALA D 176 -43.69 39.38 12.97
N GLU D 177 -44.08 38.65 14.00
CA GLU D 177 -44.80 37.42 13.77
C GLU D 177 -46.26 37.68 13.40
N ILE D 178 -46.74 38.86 13.75
CA ILE D 178 -48.11 39.24 13.43
C ILE D 178 -48.16 39.79 12.01
N GLY D 179 -47.21 40.68 11.72
CA GLY D 179 -47.16 41.33 10.43
C GLY D 179 -46.40 40.64 9.32
N SER D 180 -46.09 39.36 9.48
CA SER D 180 -45.37 38.62 8.45
C SER D 180 -46.20 37.47 7.91
N LEU D 181 -47.53 37.60 7.97
CA LEU D 181 -48.45 36.58 7.47
C LEU D 181 -49.31 37.12 6.32
N VAL D 182 -49.59 38.41 6.35
CA VAL D 182 -50.42 39.07 5.35
C VAL D 182 -50.07 38.79 3.89
N LEU D 183 -48.79 38.67 3.58
CA LEU D 183 -48.39 38.42 2.20
C LEU D 183 -48.78 37.05 1.66
N GLU D 184 -48.23 35.99 2.24
CA GLU D 184 -48.55 34.65 1.77
C GLU D 184 -50.02 34.30 1.90
N TRP D 185 -50.67 34.85 2.93
CA TRP D 185 -52.09 34.58 3.15
C TRP D 185 -52.99 35.27 2.13
N THR D 186 -52.61 36.47 1.71
CA THR D 186 -53.37 37.17 0.70
C THR D 186 -53.08 36.47 -0.63
N ARG D 187 -51.88 35.92 -0.76
CA ARG D 187 -51.49 35.20 -1.96
C ARG D 187 -52.29 33.91 -2.10
N LEU D 188 -52.51 33.25 -0.96
CA LEU D 188 -53.27 32.01 -0.96
C LEU D 188 -54.72 32.30 -1.35
N SER D 189 -55.28 33.39 -0.84
CA SER D 189 -56.64 33.74 -1.19
C SER D 189 -56.82 33.99 -2.69
N ASP D 190 -55.88 34.72 -3.30
CA ASP D 190 -55.99 34.99 -4.72
C ASP D 190 -55.89 33.72 -5.57
N LEU D 191 -55.11 32.77 -5.08
CA LEU D 191 -54.90 31.50 -5.76
C LEU D 191 -56.01 30.47 -5.54
N THR D 192 -56.73 30.59 -4.43
CA THR D 192 -57.80 29.65 -4.12
C THR D 192 -59.20 30.20 -4.38
N GLY D 193 -59.31 31.52 -4.48
CA GLY D 193 -60.61 32.11 -4.70
C GLY D 193 -61.32 32.35 -3.38
N ASN D 194 -60.75 31.85 -2.29
CA ASN D 194 -61.34 32.02 -0.96
C ASN D 194 -60.70 33.22 -0.27
N PRO D 195 -61.47 34.30 -0.06
CA PRO D 195 -60.98 35.52 0.59
C PRO D 195 -60.73 35.44 2.09
N GLN D 196 -61.09 34.31 2.68
CA GLN D 196 -60.95 34.13 4.12
C GLN D 196 -59.52 34.26 4.67
N TYR D 197 -58.55 33.65 3.99
CA TYR D 197 -57.17 33.73 4.44
C TYR D 197 -56.69 35.18 4.50
N ALA D 198 -56.86 35.90 3.39
CA ALA D 198 -56.45 37.29 3.35
C ALA D 198 -57.15 38.13 4.40
N GLN D 199 -58.42 37.84 4.67
CA GLN D 199 -59.19 38.60 5.65
C GLN D 199 -58.65 38.50 7.07
N LEU D 200 -58.35 37.29 7.51
CA LEU D 200 -57.86 37.07 8.86
C LEU D 200 -56.50 37.72 9.06
N ALA D 201 -55.59 37.52 8.12
CA ALA D 201 -54.25 38.10 8.23
C ALA D 201 -54.32 39.63 8.21
N GLN D 202 -55.08 40.20 7.28
CA GLN D 202 -55.20 41.64 7.20
C GLN D 202 -55.92 42.22 8.40
N LYS D 203 -56.81 41.45 9.01
CA LYS D 203 -57.51 41.90 10.20
C LYS D 203 -56.48 42.05 11.32
N GLY D 204 -55.53 41.11 11.36
CA GLY D 204 -54.50 41.17 12.38
C GLY D 204 -53.51 42.30 12.11
N GLU D 205 -53.16 42.49 10.85
CA GLU D 205 -52.22 43.54 10.43
C GLU D 205 -52.80 44.90 10.76
N SER D 206 -54.12 44.98 10.66
CA SER D 206 -54.88 46.19 10.90
C SER D 206 -54.43 46.96 12.15
N TYR D 207 -54.26 46.26 13.25
CA TYR D 207 -53.86 46.84 14.53
C TYR D 207 -52.47 47.46 14.50
N LEU D 208 -51.62 46.97 13.61
CA LEU D 208 -50.25 47.47 13.48
C LEU D 208 -50.16 48.76 12.65
N LEU D 209 -51.15 48.98 11.80
CA LEU D 209 -51.18 50.15 10.91
C LEU D 209 -51.73 51.39 11.61
N ASN D 210 -52.55 51.19 12.63
CA ASN D 210 -53.13 52.31 13.38
C ASN D 210 -52.88 52.01 14.86
N PRO D 211 -51.60 52.05 15.27
CA PRO D 211 -51.16 51.79 16.66
C PRO D 211 -51.99 52.43 17.76
N LYS D 212 -52.47 51.60 18.68
CA LYS D 212 -53.23 52.06 19.83
C LYS D 212 -52.59 51.48 21.09
N GLY D 213 -52.68 52.21 22.20
CA GLY D 213 -52.07 51.76 23.44
C GLY D 213 -50.78 52.52 23.71
N SER D 214 -49.71 51.81 24.06
CA SER D 214 -48.42 52.46 24.32
C SER D 214 -48.04 53.35 23.14
N PRO D 215 -47.74 54.63 23.39
CA PRO D 215 -47.35 55.59 22.34
C PRO D 215 -46.19 55.10 21.46
N GLU D 216 -46.18 55.53 20.21
CA GLU D 216 -45.12 55.13 19.31
C GLU D 216 -43.96 56.12 19.44
N ALA D 217 -42.74 55.59 19.48
CA ALA D 217 -41.54 56.42 19.63
C ALA D 217 -41.55 57.60 18.66
N TRP D 218 -41.64 57.28 17.37
CA TRP D 218 -41.67 58.28 16.31
C TRP D 218 -42.72 57.78 15.33
N PRO D 219 -43.32 58.69 14.54
CA PRO D 219 -44.33 58.20 13.60
C PRO D 219 -43.81 57.06 12.73
N GLY D 220 -44.54 55.94 12.73
CA GLY D 220 -44.13 54.78 11.96
C GLY D 220 -43.36 53.75 12.76
N LEU D 221 -42.64 54.19 13.81
CA LEU D 221 -41.87 53.27 14.64
C LEU D 221 -42.71 52.83 15.84
N ILE D 222 -43.42 51.73 15.63
CA ILE D 222 -44.31 51.16 16.63
C ILE D 222 -43.61 50.30 17.67
N GLY D 223 -44.36 49.87 18.68
CA GLY D 223 -43.81 49.03 19.72
C GLY D 223 -43.67 47.62 19.17
N THR D 224 -43.16 46.70 19.97
CA THR D 224 -42.98 45.35 19.45
C THR D 224 -44.00 44.33 19.91
N PHE D 225 -44.59 44.52 21.08
CA PHE D 225 -45.57 43.56 21.57
C PHE D 225 -47.00 44.10 21.56
N VAL D 226 -47.91 43.27 21.08
CA VAL D 226 -49.32 43.62 20.98
C VAL D 226 -50.21 42.57 21.68
N SER D 227 -51.24 43.07 22.37
CA SER D 227 -52.19 42.23 23.09
C SER D 227 -53.08 41.44 22.13
N THR D 228 -53.27 40.15 22.42
CA THR D 228 -54.12 39.31 21.57
C THR D 228 -55.61 39.49 21.86
N SER D 229 -55.94 40.09 23.00
CA SER D 229 -57.33 40.29 23.37
C SER D 229 -57.85 41.68 22.98
N ASN D 230 -57.00 42.70 23.07
CA ASN D 230 -57.38 44.07 22.75
C ASN D 230 -56.71 44.56 21.46
N GLY D 231 -55.53 44.04 21.15
CA GLY D 231 -54.84 44.47 19.96
C GLY D 231 -54.09 45.77 20.18
N THR D 232 -53.98 46.17 21.46
CA THR D 232 -53.27 47.38 21.84
C THR D 232 -51.80 47.08 22.13
N PHE D 233 -50.92 48.05 21.86
CA PHE D 233 -49.49 47.90 22.09
C PHE D 233 -49.12 47.92 23.57
N GLN D 234 -48.15 47.09 23.93
CA GLN D 234 -47.71 46.98 25.32
C GLN D 234 -46.42 47.73 25.64
N ASP D 235 -45.78 48.28 24.62
CA ASP D 235 -44.52 49.00 24.81
C ASP D 235 -44.23 49.95 23.63
N SER D 236 -43.16 50.74 23.75
CA SER D 236 -42.80 51.70 22.71
C SER D 236 -41.38 51.47 22.22
N SER D 237 -40.97 50.21 22.16
CA SER D 237 -39.62 49.88 21.74
C SER D 237 -39.62 49.03 20.48
N GLY D 238 -38.48 48.99 19.80
CA GLY D 238 -38.37 48.21 18.58
C GLY D 238 -37.05 48.43 17.87
N SER D 239 -36.98 47.96 16.63
CA SER D 239 -35.78 48.10 15.82
C SER D 239 -36.02 47.34 14.55
N TRP D 240 -35.00 47.29 13.70
CA TRP D 240 -35.08 46.57 12.44
C TRP D 240 -34.47 45.19 12.59
N SER D 241 -34.47 44.67 13.81
CA SER D 241 -33.91 43.36 14.11
C SER D 241 -35.00 42.38 14.56
N GLY D 242 -34.62 41.34 15.28
CA GLY D 242 -35.59 40.37 15.73
C GLY D 242 -36.82 40.93 16.42
N LEU D 243 -37.97 40.29 16.15
CA LEU D 243 -39.27 40.67 16.71
C LEU D 243 -39.97 41.85 16.02
N MET D 244 -39.34 42.41 15.00
CA MET D 244 -39.95 43.53 14.30
C MET D 244 -39.55 43.67 12.85
N ASP D 245 -38.31 43.30 12.54
CA ASP D 245 -37.75 43.40 11.20
C ASP D 245 -38.71 43.20 10.03
N SER D 246 -39.20 41.98 9.87
CA SER D 246 -40.08 41.64 8.76
C SER D 246 -41.45 42.33 8.73
N PHE D 247 -41.80 43.08 9.77
CA PHE D 247 -43.08 43.81 9.75
C PHE D 247 -42.92 44.97 8.77
N TYR D 248 -41.88 45.76 8.97
CA TYR D 248 -41.60 46.89 8.11
C TYR D 248 -41.37 46.36 6.68
N GLU D 249 -40.66 45.24 6.60
CA GLU D 249 -40.34 44.62 5.33
C GLU D 249 -41.57 44.33 4.48
N TYR D 250 -42.58 43.68 5.09
CA TYR D 250 -43.81 43.36 4.36
C TYR D 250 -44.64 44.57 4.02
N LEU D 251 -44.48 45.64 4.80
CA LEU D 251 -45.22 46.86 4.56
C LEU D 251 -45.04 47.33 3.11
N ILE D 252 -43.79 47.47 2.69
CA ILE D 252 -43.51 47.93 1.34
C ILE D 252 -43.69 46.81 0.31
N LYS D 253 -43.48 45.57 0.72
CA LYS D 253 -43.63 44.46 -0.22
C LYS D 253 -45.09 44.19 -0.59
N MET D 254 -46.04 44.55 0.27
CA MET D 254 -47.46 44.37 -0.04
C MET D 254 -47.85 45.41 -1.10
N TYR D 255 -47.14 46.53 -1.09
CA TYR D 255 -47.37 47.60 -2.06
C TYR D 255 -46.92 47.12 -3.43
N LEU D 256 -45.87 46.30 -3.45
CA LEU D 256 -45.35 45.76 -4.71
C LEU D 256 -46.34 44.72 -5.19
N TYR D 257 -46.90 43.97 -4.25
CA TYR D 257 -47.86 42.93 -4.57
C TYR D 257 -49.09 43.55 -5.21
N ASP D 258 -49.60 44.63 -4.58
CA ASP D 258 -50.76 45.35 -5.12
C ASP D 258 -50.70 46.82 -4.66
N PRO D 259 -50.25 47.72 -5.55
CA PRO D 259 -50.12 49.16 -5.32
C PRO D 259 -51.40 49.84 -4.87
N VAL D 260 -52.52 49.40 -5.43
CA VAL D 260 -53.82 49.99 -5.11
C VAL D 260 -54.39 49.52 -3.78
N ALA D 261 -54.54 48.22 -3.63
CA ALA D 261 -55.11 47.64 -2.43
C ALA D 261 -54.28 47.92 -1.17
N PHE D 262 -52.96 47.96 -1.32
CA PHE D 262 -52.10 48.17 -0.16
C PHE D 262 -51.34 49.48 -0.11
N ALA D 263 -51.97 50.53 -0.63
CA ALA D 263 -51.37 51.85 -0.64
C ALA D 263 -51.12 52.32 0.80
N HIS D 264 -52.06 52.03 1.70
CA HIS D 264 -51.95 52.40 3.11
C HIS D 264 -50.71 51.79 3.76
N TYR D 265 -50.34 50.59 3.33
CA TYR D 265 -49.16 49.92 3.87
C TYR D 265 -47.93 50.76 3.49
N LYS D 266 -47.88 51.16 2.23
CA LYS D 266 -46.77 51.98 1.74
C LYS D 266 -46.60 53.24 2.58
N ASP D 267 -47.72 53.93 2.86
CA ASP D 267 -47.66 55.15 3.66
C ASP D 267 -47.07 54.85 5.05
N ARG D 268 -47.47 53.73 5.65
CA ARG D 268 -46.94 53.39 6.96
C ARG D 268 -45.46 53.09 6.87
N TRP D 269 -45.03 52.50 5.75
CA TRP D 269 -43.61 52.20 5.56
C TRP D 269 -42.81 53.50 5.45
N VAL D 270 -43.35 54.46 4.69
CA VAL D 270 -42.70 55.76 4.49
C VAL D 270 -42.44 56.46 5.82
N LEU D 271 -43.42 56.42 6.72
CA LEU D 271 -43.24 57.02 8.04
C LEU D 271 -42.07 56.35 8.76
N GLY D 272 -42.08 55.02 8.77
CA GLY D 272 -41.01 54.28 9.43
C GLY D 272 -39.66 54.55 8.80
N ALA D 273 -39.62 54.52 7.47
CA ALA D 273 -38.42 54.77 6.71
C ALA D 273 -37.81 56.15 7.00
N ASP D 274 -38.64 57.20 6.92
CA ASP D 274 -38.18 58.56 7.17
C ASP D 274 -37.78 58.71 8.64
N SER D 275 -38.55 58.10 9.54
CA SER D 275 -38.24 58.18 10.95
C SER D 275 -36.94 57.42 11.23
N THR D 276 -36.73 56.32 10.53
CA THR D 276 -35.52 55.52 10.69
C THR D 276 -34.30 56.33 10.26
N ILE D 277 -34.39 56.95 9.09
CA ILE D 277 -33.30 57.77 8.56
C ILE D 277 -33.05 58.95 9.49
N GLY D 278 -34.13 59.54 9.99
CA GLY D 278 -34.02 60.69 10.85
C GLY D 278 -33.62 60.47 12.31
N HIS D 279 -33.90 59.31 12.87
CA HIS D 279 -33.57 59.10 14.29
C HIS D 279 -32.85 57.81 14.68
N LEU D 280 -32.75 56.86 13.75
CA LEU D 280 -32.10 55.58 14.03
C LEU D 280 -30.75 55.45 13.34
N GLY D 281 -30.57 56.17 12.24
CA GLY D 281 -29.30 56.11 11.55
C GLY D 281 -28.21 56.56 12.51
N SER D 282 -27.17 55.76 12.66
CA SER D 282 -26.09 56.10 13.58
C SER D 282 -24.70 55.87 12.98
N HIS D 283 -23.76 56.74 13.33
CA HIS D 283 -22.38 56.63 12.83
C HIS D 283 -21.41 56.33 13.98
N PRO D 284 -20.55 55.31 13.82
CA PRO D 284 -19.58 54.96 14.86
C PRO D 284 -18.63 56.15 15.08
N SER D 285 -18.34 56.45 16.34
CA SER D 285 -17.46 57.57 16.68
C SER D 285 -16.10 57.47 16.01
N THR D 286 -15.62 56.25 15.80
CA THR D 286 -14.32 56.04 15.20
C THR D 286 -14.43 55.71 13.72
N ARG D 287 -15.64 55.77 13.19
CA ARG D 287 -15.83 55.43 11.79
C ARG D 287 -17.07 56.16 11.26
N LYS D 288 -16.93 57.47 11.12
CA LYS D 288 -18.03 58.29 10.64
C LYS D 288 -18.50 57.94 9.23
N ASP D 289 -17.66 57.23 8.47
CA ASP D 289 -18.02 56.83 7.12
C ASP D 289 -19.02 55.67 7.12
N LEU D 290 -19.22 55.04 8.26
CA LEU D 290 -20.13 53.91 8.36
C LEU D 290 -21.48 54.33 8.93
N THR D 291 -22.54 53.68 8.47
CA THR D 291 -23.89 53.97 8.95
C THR D 291 -24.57 52.68 9.38
N PHE D 292 -25.03 52.64 10.62
CA PHE D 292 -25.73 51.48 11.16
C PHE D 292 -27.07 51.95 11.71
N LEU D 293 -27.93 51.00 12.05
CA LEU D 293 -29.24 51.33 12.61
C LEU D 293 -29.31 50.98 14.11
N SER D 294 -29.69 51.96 14.91
CA SER D 294 -29.82 51.79 16.36
C SER D 294 -31.21 51.25 16.68
N SER D 295 -31.34 50.65 17.87
CA SER D 295 -32.63 50.13 18.32
C SER D 295 -33.24 51.31 19.09
N TYR D 296 -34.51 51.21 19.46
CA TYR D 296 -35.14 52.31 20.19
C TYR D 296 -36.15 51.85 21.24
N ASN D 297 -36.45 52.74 22.16
CA ASN D 297 -37.42 52.49 23.22
C ASN D 297 -37.80 53.90 23.60
N GLY D 298 -38.91 54.37 23.05
CA GLY D 298 -39.33 55.74 23.32
C GLY D 298 -38.45 56.64 22.47
N GLN D 299 -38.21 57.86 22.94
CA GLN D 299 -37.38 58.79 22.19
C GLN D 299 -35.89 58.46 22.33
N SER D 300 -35.57 57.36 23.02
CA SER D 300 -34.17 56.99 23.20
C SER D 300 -33.74 55.89 22.23
N THR D 301 -32.46 55.86 21.90
CA THR D 301 -31.94 54.85 20.98
C THR D 301 -30.67 54.21 21.53
N SER D 302 -30.37 53.01 21.05
CA SER D 302 -29.18 52.29 21.48
C SER D 302 -28.31 51.88 20.28
N PRO D 303 -27.02 52.25 20.32
CA PRO D 303 -26.08 51.93 19.23
C PRO D 303 -25.64 50.46 19.16
N ASN D 304 -26.60 49.57 19.00
CA ASN D 304 -26.32 48.15 18.89
C ASN D 304 -27.17 47.60 17.75
N SER D 305 -26.64 46.62 17.03
CA SER D 305 -27.38 46.03 15.93
C SER D 305 -26.81 44.66 15.65
N GLY D 306 -27.13 44.08 14.50
CA GLY D 306 -26.64 42.76 14.16
C GLY D 306 -26.92 42.33 12.74
N HIS D 307 -26.69 41.05 12.47
CA HIS D 307 -26.90 40.47 11.14
C HIS D 307 -28.36 40.53 10.69
N LEU D 308 -29.28 40.35 11.64
CA LEU D 308 -30.71 40.41 11.31
C LEU D 308 -31.08 41.73 10.65
N ALA D 309 -30.62 42.84 11.24
CA ALA D 309 -30.92 44.18 10.71
C ALA D 309 -30.22 44.43 9.38
N SER D 310 -29.17 43.64 9.12
CA SER D 310 -28.39 43.75 7.90
C SER D 310 -29.26 43.74 6.63
N PHE D 311 -30.47 43.20 6.73
CA PHE D 311 -31.39 43.13 5.59
C PHE D 311 -31.98 44.50 5.25
N GLY D 312 -31.87 45.45 6.17
CA GLY D 312 -32.41 46.78 5.95
C GLY D 312 -32.02 47.44 4.64
N GLY D 313 -30.75 47.31 4.27
CA GLY D 313 -30.28 47.91 3.04
C GLY D 313 -31.14 47.55 1.86
N GLY D 314 -31.34 46.25 1.67
CA GLY D 314 -32.15 45.79 0.55
C GLY D 314 -33.58 46.31 0.59
N ASN D 315 -34.14 46.39 1.79
CA ASN D 315 -35.51 46.86 1.93
C ASN D 315 -35.64 48.33 1.59
N PHE D 316 -34.66 49.15 1.98
CA PHE D 316 -34.73 50.57 1.66
C PHE D 316 -34.58 50.78 0.16
N ILE D 317 -33.74 49.96 -0.47
CA ILE D 317 -33.52 50.03 -1.90
C ILE D 317 -34.83 49.71 -2.63
N LEU D 318 -35.48 48.62 -2.22
CA LEU D 318 -36.73 48.24 -2.82
C LEU D 318 -37.71 49.40 -2.72
N GLY D 319 -37.84 49.95 -1.52
CA GLY D 319 -38.76 51.06 -1.31
C GLY D 319 -38.50 52.18 -2.29
N GLY D 320 -37.23 52.54 -2.45
CA GLY D 320 -36.85 53.60 -3.36
C GLY D 320 -37.20 53.27 -4.80
N ILE D 321 -37.10 52.00 -5.16
CA ILE D 321 -37.39 51.55 -6.51
C ILE D 321 -38.86 51.75 -6.87
N LEU D 322 -39.75 51.17 -6.09
CA LEU D 322 -41.17 51.30 -6.40
C LEU D 322 -41.77 52.67 -6.09
N LEU D 323 -41.04 53.49 -5.37
CA LEU D 323 -41.52 54.84 -5.03
C LEU D 323 -40.74 55.87 -5.84
N ASN D 324 -39.74 55.39 -6.57
CA ASN D 324 -38.89 56.26 -7.37
C ASN D 324 -38.29 57.39 -6.54
N GLU D 325 -37.79 57.03 -5.36
CA GLU D 325 -37.17 57.99 -4.46
C GLU D 325 -35.71 57.63 -4.26
N GLN D 326 -34.82 58.42 -4.85
CA GLN D 326 -33.39 58.16 -4.76
C GLN D 326 -32.89 58.20 -3.32
N LYS D 327 -33.53 59.02 -2.48
CA LYS D 327 -33.14 59.15 -1.08
C LYS D 327 -33.14 57.79 -0.37
N TYR D 328 -34.13 56.96 -0.67
CA TYR D 328 -34.25 55.65 -0.07
C TYR D 328 -33.19 54.67 -0.58
N ILE D 329 -32.90 54.76 -1.88
CA ILE D 329 -31.91 53.91 -2.53
C ILE D 329 -30.50 54.27 -2.03
N ASP D 330 -30.20 55.57 -1.94
CA ASP D 330 -28.88 55.99 -1.47
C ASP D 330 -28.69 55.48 -0.05
N PHE D 331 -29.69 55.69 0.80
CA PHE D 331 -29.59 55.24 2.18
C PHE D 331 -29.36 53.74 2.22
N GLY D 332 -30.13 52.98 1.45
CA GLY D 332 -29.96 51.54 1.44
C GLY D 332 -28.55 51.14 1.05
N ILE D 333 -27.99 51.84 0.06
CA ILE D 333 -26.64 51.58 -0.41
C ILE D 333 -25.66 51.79 0.74
N LYS D 334 -25.89 52.82 1.55
CA LYS D 334 -25.02 53.12 2.68
C LYS D 334 -25.08 52.02 3.74
N LEU D 335 -26.27 51.44 3.94
CA LEU D 335 -26.43 50.36 4.92
C LEU D 335 -25.79 49.07 4.42
N ALA D 336 -25.99 48.79 3.13
CA ALA D 336 -25.42 47.58 2.51
C ALA D 336 -23.90 47.58 2.67
N SER D 337 -23.27 48.68 2.29
CA SER D 337 -21.82 48.77 2.40
C SER D 337 -21.40 48.76 3.87
N SER D 338 -22.10 49.52 4.70
CA SER D 338 -21.77 49.59 6.12
C SER D 338 -21.86 48.22 6.80
N TYR D 339 -22.97 47.50 6.59
CA TYR D 339 -23.07 46.19 7.22
C TYR D 339 -22.06 45.21 6.63
N PHE D 340 -21.64 45.46 5.39
CA PHE D 340 -20.65 44.59 4.78
C PHE D 340 -19.28 44.86 5.42
N GLY D 341 -19.04 46.09 5.85
CA GLY D 341 -17.78 46.40 6.49
C GLY D 341 -17.60 45.50 7.70
N THR D 342 -18.74 45.05 8.23
CA THR D 342 -18.80 44.17 9.39
C THR D 342 -18.27 42.78 9.05
N TYR D 343 -18.38 42.45 7.77
CA TYR D 343 -17.90 41.17 7.26
C TYR D 343 -16.40 41.18 7.01
N THR D 344 -15.94 42.09 6.15
CA THR D 344 -14.52 42.15 5.79
C THR D 344 -13.52 42.55 6.85
N GLN D 345 -13.99 43.11 7.95
CA GLN D 345 -13.10 43.52 9.01
C GLN D 345 -12.81 42.49 10.10
N THR D 346 -13.41 41.30 9.98
CA THR D 346 -13.16 40.23 10.96
C THR D 346 -12.17 39.25 10.35
N ALA D 347 -11.49 38.48 11.20
CA ALA D 347 -10.52 37.50 10.74
C ALA D 347 -11.10 36.52 9.73
N SER D 348 -12.29 36.00 10.01
CA SER D 348 -12.94 35.04 9.12
C SER D 348 -13.53 35.69 7.86
N GLY D 349 -13.64 37.01 7.87
CA GLY D 349 -14.22 37.69 6.73
C GLY D 349 -15.73 37.55 6.76
N ILE D 350 -16.27 37.10 7.88
CA ILE D 350 -17.71 36.90 8.04
C ILE D 350 -18.23 37.81 9.16
N GLY D 351 -19.46 38.32 8.99
CA GLY D 351 -20.02 39.20 10.01
C GLY D 351 -20.60 38.49 11.22
N PRO D 352 -20.58 39.13 12.40
CA PRO D 352 -21.11 38.56 13.64
C PRO D 352 -22.63 38.68 13.77
N GLU D 353 -23.22 37.92 14.70
CA GLU D 353 -24.66 37.96 14.94
C GLU D 353 -25.04 39.33 15.48
N GLY D 354 -24.23 39.81 16.42
CA GLY D 354 -24.48 41.11 17.02
C GLY D 354 -23.22 41.93 17.16
N PHE D 355 -23.35 43.26 17.03
CA PHE D 355 -22.22 44.15 17.18
C PHE D 355 -22.72 45.48 17.73
N ALA D 356 -21.81 46.31 18.22
CA ALA D 356 -22.18 47.60 18.80
C ALA D 356 -21.13 48.66 18.50
N TRP D 357 -21.46 49.93 18.75
CA TRP D 357 -20.52 51.02 18.54
C TRP D 357 -20.88 52.21 19.43
N VAL D 358 -20.11 53.29 19.31
CA VAL D 358 -20.37 54.50 20.09
C VAL D 358 -20.91 55.54 19.11
N ASP D 359 -22.08 56.10 19.41
CA ASP D 359 -22.68 57.11 18.53
C ASP D 359 -21.81 58.34 18.39
N SER D 360 -21.42 58.65 17.15
CA SER D 360 -20.56 59.79 16.88
C SER D 360 -21.12 61.14 17.33
N VAL D 361 -22.44 61.24 17.46
CA VAL D 361 -23.06 62.49 17.88
C VAL D 361 -23.33 62.57 19.38
N THR D 362 -24.22 61.70 19.88
CA THR D 362 -24.58 61.67 21.28
C THR D 362 -23.53 61.01 22.18
N GLY D 363 -22.65 60.22 21.57
CA GLY D 363 -21.63 59.54 22.35
C GLY D 363 -22.22 58.49 23.27
N ALA D 364 -23.30 57.86 22.82
CA ALA D 364 -23.99 56.85 23.60
C ALA D 364 -23.52 55.46 23.21
N GLY D 365 -23.70 54.51 24.12
CA GLY D 365 -23.30 53.15 23.84
C GLY D 365 -22.19 52.65 24.73
N GLY D 366 -21.68 53.55 25.58
CA GLY D 366 -20.61 53.16 26.47
C GLY D 366 -19.29 53.09 25.74
N SER D 367 -18.55 52.01 25.99
CA SER D 367 -17.25 51.84 25.37
C SER D 367 -16.96 50.36 25.09
N PRO D 368 -16.05 50.08 24.14
CA PRO D 368 -15.65 48.75 23.73
C PRO D 368 -15.01 47.94 24.86
N PRO D 369 -15.19 46.62 24.83
CA PRO D 369 -14.58 45.82 25.89
C PRO D 369 -13.07 45.89 25.67
N SER D 370 -12.31 45.86 26.75
CA SER D 370 -10.85 45.97 26.69
C SER D 370 -10.17 45.12 25.61
N SER D 371 -10.59 43.86 25.43
CA SER D 371 -9.97 42.99 24.43
C SER D 371 -10.29 43.41 22.99
N GLN D 372 -11.24 44.30 22.81
CA GLN D 372 -11.58 44.76 21.48
C GLN D 372 -11.36 46.25 21.33
N SER D 373 -10.75 46.87 22.33
CA SER D 373 -10.49 48.30 22.30
C SER D 373 -9.79 48.74 21.03
N GLY D 374 -8.68 48.07 20.70
CA GLY D 374 -7.94 48.42 19.51
C GLY D 374 -8.77 48.20 18.26
N PHE D 375 -9.47 47.08 18.20
CA PHE D 375 -10.29 46.75 17.05
C PHE D 375 -11.31 47.85 16.73
N TYR D 376 -12.00 48.34 17.75
CA TYR D 376 -13.02 49.37 17.54
C TYR D 376 -12.48 50.66 16.93
N SER D 377 -11.22 50.98 17.19
CA SER D 377 -10.63 52.20 16.67
C SER D 377 -10.41 52.19 15.16
N SER D 378 -10.27 51.02 14.57
CA SER D 378 -10.06 50.98 13.14
C SER D 378 -11.25 50.35 12.40
N ALA D 379 -11.96 49.45 13.07
CA ALA D 379 -13.10 48.77 12.46
C ALA D 379 -14.40 49.57 12.53
N GLY D 380 -14.59 50.28 13.64
CA GLY D 380 -15.79 51.08 13.82
C GLY D 380 -16.89 50.33 14.54
N PHE D 381 -16.55 49.19 15.14
CA PHE D 381 -17.53 48.40 15.88
C PHE D 381 -16.83 47.30 16.66
N TRP D 382 -17.58 46.64 17.53
CA TRP D 382 -17.02 45.54 18.29
C TRP D 382 -18.10 44.48 18.38
N VAL D 383 -17.67 43.22 18.33
CA VAL D 383 -18.57 42.07 18.39
C VAL D 383 -19.20 41.85 19.76
N THR D 384 -20.52 41.58 19.78
CA THR D 384 -21.24 41.28 21.01
C THR D 384 -21.79 39.85 20.95
N ALA D 385 -21.87 39.30 19.73
CA ALA D 385 -22.35 37.93 19.49
C ALA D 385 -21.51 37.42 18.32
N PRO D 386 -20.42 36.68 18.61
CA PRO D 386 -19.45 36.10 17.66
C PRO D 386 -19.87 35.04 16.65
N TYR D 387 -20.96 34.34 16.92
CA TYR D 387 -21.41 33.27 16.02
C TYR D 387 -22.14 33.71 14.75
N TYR D 388 -22.09 32.82 13.76
CA TYR D 388 -22.75 33.03 12.48
C TYR D 388 -23.40 31.70 12.15
N ILE D 389 -24.70 31.72 11.85
CA ILE D 389 -25.43 30.49 11.55
C ILE D 389 -25.94 30.35 10.12
N LEU D 390 -25.12 30.77 9.17
CA LEU D 390 -25.47 30.68 7.75
C LEU D 390 -26.62 31.61 7.37
N ARG D 391 -26.64 32.81 7.94
CA ARG D 391 -27.71 33.76 7.63
C ARG D 391 -27.51 34.45 6.28
N PRO D 392 -28.61 34.85 5.64
CA PRO D 392 -28.60 35.51 4.34
C PRO D 392 -28.63 37.04 4.30
N GLU D 393 -29.28 37.65 5.28
CA GLU D 393 -29.43 39.10 5.34
C GLU D 393 -28.41 39.96 4.56
N THR D 394 -27.13 39.85 4.90
CA THR D 394 -26.10 40.62 4.22
C THR D 394 -26.02 40.30 2.73
N LEU D 395 -26.02 39.02 2.37
CA LEU D 395 -25.97 38.64 0.97
C LEU D 395 -27.20 39.20 0.26
N GLU D 396 -28.33 39.17 0.97
CA GLU D 396 -29.59 39.65 0.44
C GLU D 396 -29.51 41.13 0.07
N SER D 397 -29.02 41.95 1.00
CA SER D 397 -28.91 43.37 0.73
C SER D 397 -27.90 43.70 -0.38
N LEU D 398 -26.77 42.99 -0.42
CA LEU D 398 -25.77 43.20 -1.46
C LEU D 398 -26.41 42.88 -2.80
N TYR D 399 -27.32 41.90 -2.80
CA TYR D 399 -28.01 41.53 -4.02
C TYR D 399 -28.87 42.70 -4.52
N TYR D 400 -29.65 43.29 -3.62
CA TYR D 400 -30.50 44.42 -4.00
C TYR D 400 -29.65 45.60 -4.49
N ALA D 401 -28.47 45.75 -3.89
CA ALA D 401 -27.56 46.84 -4.26
C ALA D 401 -27.09 46.71 -5.69
N TYR D 402 -26.77 45.50 -6.11
CA TYR D 402 -26.32 45.27 -7.47
C TYR D 402 -27.48 45.44 -8.46
N ARG D 403 -28.66 44.96 -8.08
CA ARG D 403 -29.83 45.04 -8.94
C ARG D 403 -30.30 46.46 -9.20
N VAL D 404 -30.00 47.37 -8.27
CA VAL D 404 -30.43 48.74 -8.43
C VAL D 404 -29.33 49.60 -9.04
N THR D 405 -28.08 49.18 -8.91
CA THR D 405 -26.95 49.95 -9.43
C THR D 405 -26.33 49.34 -10.68
N GLY D 406 -26.21 48.01 -10.70
CA GLY D 406 -25.61 47.33 -11.82
C GLY D 406 -24.11 47.40 -11.76
N ASP D 407 -23.60 47.95 -10.66
CA ASP D 407 -22.15 48.08 -10.45
C ASP D 407 -21.56 46.73 -10.04
N SER D 408 -20.58 46.25 -10.80
CA SER D 408 -19.93 44.96 -10.53
C SER D 408 -19.33 44.88 -9.13
N LYS D 409 -19.10 46.04 -8.51
CA LYS D 409 -18.53 46.09 -7.18
C LYS D 409 -19.35 45.26 -6.19
N TRP D 410 -20.67 45.31 -6.32
CA TRP D 410 -21.55 44.56 -5.43
C TRP D 410 -21.45 43.06 -5.63
N GLN D 411 -21.05 42.65 -6.82
CA GLN D 411 -20.89 41.23 -7.11
C GLN D 411 -19.59 40.76 -6.49
N ASP D 412 -18.61 41.67 -6.48
CA ASP D 412 -17.30 41.41 -5.90
C ASP D 412 -17.41 41.24 -4.39
N LEU D 413 -18.17 42.13 -3.75
CA LEU D 413 -18.39 42.07 -2.31
C LEU D 413 -19.17 40.79 -1.96
N ALA D 414 -20.21 40.51 -2.73
CA ALA D 414 -21.03 39.32 -2.51
C ALA D 414 -20.15 38.07 -2.63
N TRP D 415 -19.24 38.08 -3.60
CA TRP D 415 -18.35 36.95 -3.83
C TRP D 415 -17.37 36.79 -2.67
N GLU D 416 -16.92 37.90 -2.10
CA GLU D 416 -16.00 37.83 -0.98
C GLU D 416 -16.71 37.22 0.23
N ALA D 417 -18.00 37.49 0.36
CA ALA D 417 -18.77 36.94 1.48
C ALA D 417 -19.02 35.45 1.30
N LEU D 418 -19.54 35.07 0.13
CA LEU D 418 -19.84 33.67 -0.16
C LEU D 418 -18.62 32.78 -0.02
N SER D 419 -17.47 33.29 -0.43
CA SER D 419 -16.23 32.51 -0.36
C SER D 419 -15.76 32.45 1.09
N ALA D 420 -15.88 33.54 1.82
CA ALA D 420 -15.47 33.56 3.22
C ALA D 420 -16.32 32.58 4.03
N ILE D 421 -17.61 32.50 3.68
CA ILE D 421 -18.55 31.62 4.35
C ILE D 421 -18.22 30.16 4.04
N GLU D 422 -17.95 29.86 2.77
CA GLU D 422 -17.60 28.51 2.38
C GLU D 422 -16.31 28.06 3.06
N ASP D 423 -15.27 28.87 2.94
CA ASP D 423 -13.97 28.60 3.53
C ASP D 423 -14.05 28.27 5.02
N ALA D 424 -14.89 28.99 5.75
CA ALA D 424 -15.02 28.78 7.19
C ALA D 424 -16.09 27.76 7.59
N CYS D 425 -17.29 27.89 7.03
CA CYS D 425 -18.40 27.01 7.38
C CYS D 425 -18.38 25.61 6.79
N ARG D 426 -17.51 25.38 5.81
CA ARG D 426 -17.43 24.07 5.20
C ARG D 426 -17.03 23.05 6.27
N ALA D 427 -17.95 22.18 6.66
CA ALA D 427 -17.67 21.19 7.69
C ALA D 427 -18.48 19.92 7.47
N GLY D 428 -17.88 18.78 7.77
CA GLY D 428 -18.56 17.50 7.62
C GLY D 428 -19.05 17.24 6.20
N SER D 429 -20.28 16.79 6.08
CA SER D 429 -20.86 16.49 4.77
C SER D 429 -21.27 17.73 3.97
N ALA D 430 -21.41 18.87 4.65
CA ALA D 430 -21.79 20.09 3.94
C ALA D 430 -21.28 21.36 4.64
N TYR D 431 -22.21 22.21 5.07
CA TYR D 431 -21.85 23.45 5.75
C TYR D 431 -22.56 23.55 7.09
N SER D 432 -21.98 24.30 8.01
CA SER D 432 -22.54 24.45 9.35
C SER D 432 -22.33 25.81 9.97
N SER D 433 -23.16 26.11 10.96
CA SER D 433 -23.08 27.36 11.70
C SER D 433 -21.72 27.36 12.38
N ILE D 434 -21.17 28.57 12.56
CA ILE D 434 -19.85 28.76 13.15
C ILE D 434 -19.92 29.37 14.56
N ASN D 435 -18.91 29.08 15.38
CA ASN D 435 -18.89 29.59 16.75
C ASN D 435 -18.36 31.00 16.93
N ASP D 436 -17.16 31.26 16.42
CA ASP D 436 -16.56 32.58 16.59
C ASP D 436 -16.10 33.16 15.27
N VAL D 437 -16.75 34.22 14.85
CA VAL D 437 -16.41 34.87 13.60
C VAL D 437 -15.14 35.70 13.71
N THR D 438 -14.71 35.98 14.94
CA THR D 438 -13.52 36.77 15.19
C THR D 438 -12.25 35.97 14.91
N GLN D 439 -12.38 34.65 14.83
CA GLN D 439 -11.25 33.78 14.55
C GLN D 439 -11.21 33.46 13.06
N ALA D 440 -10.01 33.56 12.48
CA ALA D 440 -9.85 33.31 11.05
C ALA D 440 -10.49 32.02 10.55
N ASN D 441 -10.47 30.97 11.38
CA ASN D 441 -11.02 29.67 10.99
C ASN D 441 -12.51 29.50 11.30
N GLY D 442 -13.11 30.47 11.99
CA GLY D 442 -14.52 30.35 12.31
C GLY D 442 -14.77 29.96 13.76
N GLY D 443 -13.72 29.50 14.42
CA GLY D 443 -13.85 29.12 15.81
C GLY D 443 -14.47 27.76 16.06
N GLY D 444 -14.63 26.97 15.00
CA GLY D 444 -15.21 25.64 15.16
C GLY D 444 -16.67 25.59 14.73
N ALA D 445 -17.06 24.49 14.09
CA ALA D 445 -18.42 24.32 13.62
C ALA D 445 -19.35 23.89 14.75
N SER D 446 -20.56 24.45 14.77
CA SER D 446 -21.54 24.11 15.79
C SER D 446 -22.47 22.99 15.33
N ASP D 447 -22.15 22.36 14.22
CA ASP D 447 -22.94 21.24 13.70
C ASP D 447 -24.41 21.56 13.45
N ASP D 448 -24.69 22.41 12.46
CA ASP D 448 -26.08 22.75 12.16
C ASP D 448 -26.22 23.46 10.82
N MET D 449 -27.17 23.00 10.03
CA MET D 449 -27.43 23.60 8.73
C MET D 449 -28.91 23.96 8.59
N GLU D 450 -29.25 25.17 9.03
CA GLU D 450 -30.61 25.69 8.97
C GLU D 450 -31.19 25.69 7.55
N SER D 451 -32.50 25.54 7.44
CA SER D 451 -33.16 25.51 6.14
C SER D 451 -32.92 26.76 5.32
N PHE D 452 -32.91 27.93 5.96
CA PHE D 452 -32.72 29.17 5.20
C PHE D 452 -31.40 29.26 4.45
N TRP D 453 -30.52 28.28 4.67
CA TRP D 453 -29.24 28.23 3.97
C TRP D 453 -29.57 27.78 2.55
N PHE D 454 -30.62 26.96 2.45
CA PHE D 454 -31.09 26.45 1.15
C PHE D 454 -31.97 27.45 0.42
N ALA D 455 -32.86 28.10 1.18
CA ALA D 455 -33.81 29.07 0.64
C ALA D 455 -33.33 30.50 0.49
N GLU D 456 -32.40 30.92 1.35
CA GLU D 456 -31.97 32.31 1.31
C GLU D 456 -30.53 32.61 0.96
N ALA D 457 -29.60 32.09 1.76
CA ALA D 457 -28.19 32.34 1.55
C ALA D 457 -27.73 31.94 0.15
N LEU D 458 -28.06 30.72 -0.26
CA LEU D 458 -27.64 30.23 -1.56
C LEU D 458 -28.46 30.86 -2.69
N LYS D 459 -29.71 31.20 -2.40
CA LYS D 459 -30.61 31.82 -3.37
C LYS D 459 -30.06 33.20 -3.80
N TYR D 460 -29.99 34.13 -2.85
CA TYR D 460 -29.51 35.47 -3.13
C TYR D 460 -28.07 35.48 -3.64
N ALA D 461 -27.27 34.51 -3.19
CA ALA D 461 -25.89 34.44 -3.63
C ALA D 461 -25.85 34.05 -5.10
N TYR D 462 -26.67 33.08 -5.48
CA TYR D 462 -26.74 32.62 -6.86
C TYR D 462 -27.29 33.67 -7.82
N LEU D 463 -28.45 34.23 -7.49
CA LEU D 463 -29.09 35.26 -8.33
C LEU D 463 -28.21 36.45 -8.67
N ILE D 464 -27.42 36.93 -7.72
CA ILE D 464 -26.57 38.08 -8.00
C ILE D 464 -25.54 37.76 -9.07
N PHE D 465 -25.34 36.48 -9.34
CA PHE D 465 -24.37 36.05 -10.35
C PHE D 465 -25.06 35.43 -11.57
N ALA D 466 -26.27 34.90 -11.35
CA ALA D 466 -27.02 34.24 -12.41
C ALA D 466 -27.46 35.15 -13.55
N GLU D 467 -28.18 34.56 -14.51
CA GLU D 467 -28.66 35.28 -15.67
C GLU D 467 -30.00 35.98 -15.40
N GLU D 468 -30.40 36.86 -16.32
CA GLU D 468 -31.65 37.61 -16.20
C GLU D 468 -32.86 36.70 -16.15
N SER D 469 -33.92 37.17 -15.50
CA SER D 469 -35.14 36.39 -15.38
C SER D 469 -36.25 37.25 -14.80
N ASP D 470 -37.45 36.68 -14.76
CA ASP D 470 -38.62 37.36 -14.23
C ASP D 470 -38.52 37.54 -12.72
N VAL D 471 -37.81 36.62 -12.08
CA VAL D 471 -37.66 36.67 -10.63
C VAL D 471 -36.61 37.67 -10.16
N GLN D 472 -35.72 38.09 -11.05
CA GLN D 472 -34.67 39.06 -10.70
C GLN D 472 -35.31 40.43 -10.41
N VAL D 473 -34.86 41.09 -9.35
CA VAL D 473 -35.41 42.40 -9.01
C VAL D 473 -35.06 43.41 -10.08
N GLN D 474 -36.08 44.09 -10.60
CA GLN D 474 -35.90 45.09 -11.65
C GLN D 474 -35.78 46.49 -11.06
N ALA D 475 -34.71 47.19 -11.43
CA ALA D 475 -34.43 48.53 -10.93
C ALA D 475 -35.58 49.52 -11.06
N THR D 476 -36.28 49.49 -12.19
CA THR D 476 -37.39 50.42 -12.35
C THR D 476 -38.23 50.02 -13.54
N GLY D 477 -38.96 48.92 -13.43
CA GLY D 477 -39.78 48.50 -14.54
C GLY D 477 -40.71 47.32 -14.34
N GLY D 478 -41.75 47.50 -13.54
CA GLY D 478 -42.71 46.43 -13.34
C GLY D 478 -42.14 45.06 -12.98
N ASN D 479 -42.04 44.80 -11.68
CA ASN D 479 -41.54 43.53 -11.20
C ASN D 479 -42.71 42.55 -11.19
N LYS D 480 -42.48 41.39 -11.77
CA LYS D 480 -43.51 40.35 -11.84
C LYS D 480 -43.53 39.52 -10.56
N PHE D 481 -42.47 39.64 -9.76
CA PHE D 481 -42.37 38.87 -8.52
C PHE D 481 -41.99 39.69 -7.30
N VAL D 482 -42.13 39.08 -6.13
CA VAL D 482 -41.79 39.70 -4.86
C VAL D 482 -41.34 38.61 -3.89
N PHE D 483 -40.11 38.73 -3.38
CA PHE D 483 -39.61 37.73 -2.43
C PHE D 483 -40.25 37.88 -1.07
N ASN D 484 -40.72 36.78 -0.50
CA ASN D 484 -41.34 36.81 0.83
C ASN D 484 -40.17 36.85 1.81
N THR D 485 -40.45 36.87 3.10
CA THR D 485 -39.34 36.98 4.04
C THR D 485 -38.33 35.85 4.07
N GLU D 486 -38.66 34.69 3.50
CA GLU D 486 -37.73 33.58 3.48
C GLU D 486 -37.21 33.40 2.05
N ALA D 487 -37.10 34.52 1.33
CA ALA D 487 -36.63 34.55 -0.04
C ALA D 487 -37.47 33.73 -1.02
N HIS D 488 -38.73 33.51 -0.70
CA HIS D 488 -39.61 32.75 -1.58
C HIS D 488 -40.39 33.70 -2.49
N PRO D 489 -40.06 33.71 -3.79
CA PRO D 489 -40.68 34.56 -4.81
C PRO D 489 -42.15 34.24 -5.12
N PHE D 490 -43.02 35.24 -4.99
CA PHE D 490 -44.43 35.08 -5.30
C PHE D 490 -44.74 35.94 -6.52
N SER D 491 -45.65 35.48 -7.37
CA SER D 491 -46.00 36.27 -8.56
C SER D 491 -46.97 37.37 -8.10
N ILE D 492 -46.71 38.60 -8.56
CA ILE D 492 -47.52 39.77 -8.22
C ILE D 492 -48.98 39.53 -8.60
N ARG D 493 -49.90 40.16 -7.88
CA ARG D 493 -51.33 40.01 -8.15
C ARG D 493 -51.70 40.49 -9.56
N SER D 494 -52.61 39.76 -10.21
CA SER D 494 -53.10 40.09 -11.55
C SER D 494 -54.45 40.79 -11.47
C1 NAG E . 88.65 -30.47 -3.35
C2 NAG E . 89.54 -31.49 -2.64
C3 NAG E . 89.23 -31.48 -1.13
C4 NAG E . 89.26 -30.07 -0.55
C5 NAG E . 88.39 -29.13 -1.39
C6 NAG E . 88.46 -27.69 -0.93
C7 NAG E . 90.21 -33.46 -3.86
C8 NAG E . 90.49 -34.89 -3.46
N2 NAG E . 89.28 -32.81 -3.17
O3 NAG E . 90.16 -32.31 -0.45
O4 NAG E . 88.80 -30.08 0.79
O5 NAG E . 88.80 -29.18 -2.77
O6 NAG E . 87.29 -26.98 -1.28
O7 NAG E . 90.83 -32.94 -4.79
C1 NAG F . 78.98 3.57 -15.58
C2 NAG F . 79.24 4.77 -16.49
C3 NAG F . 80.73 4.82 -16.84
C4 NAG F . 81.60 4.78 -15.58
C5 NAG F . 81.21 3.59 -14.70
C6 NAG F . 81.94 3.59 -13.39
C7 NAG F . 77.51 5.52 -17.97
C8 NAG F . 76.62 5.20 -19.16
N2 NAG F . 78.47 4.64 -17.69
O3 NAG F . 81.01 5.99 -17.58
O4 NAG F . 82.98 4.66 -15.95
O5 NAG F . 79.80 3.62 -14.41
O6 NAG F . 81.42 4.58 -12.52
O7 NAG F . 77.33 6.55 -17.32
C1 NAG G . 62.40 5.92 -28.44
C2 NAG G . 63.90 6.27 -28.41
C3 NAG G . 64.12 7.70 -28.91
C4 NAG G . 63.44 7.93 -30.25
C5 NAG G . 61.97 7.49 -30.19
C6 NAG G . 61.29 7.58 -31.53
C7 NAG G . 65.66 6.34 -26.75
C8 NAG G . 66.03 7.64 -26.08
N2 NAG G . 64.38 6.15 -27.04
O3 NAG G . 65.50 7.97 -29.05
O4 NAG G . 63.51 9.31 -30.60
O5 NAG G . 61.88 6.12 -29.76
O6 NAG G . 60.14 8.43 -31.47
O7 NAG G . 66.52 5.51 -27.01
CA CA H . 61.55 -19.63 -7.19
C1 NAG I . 21.63 -16.91 32.61
C2 NAG I . 22.67 -17.91 33.13
C3 NAG I . 22.26 -18.42 34.52
C4 NAG I . 21.96 -17.26 35.47
C5 NAG I . 20.94 -16.32 34.82
C6 NAG I . 20.63 -15.10 35.66
C7 NAG I . 23.94 -19.46 31.79
C8 NAG I . 23.96 -20.74 30.98
N2 NAG I . 22.76 -19.03 32.21
O3 NAG I . 23.29 -19.23 35.05
O4 NAG I . 21.43 -17.77 36.69
O5 NAG I . 21.45 -15.84 33.56
O6 NAG I . 19.89 -14.14 34.91
O7 NAG I . 25.00 -18.86 32.05
C1 NAG J . 5.93 16.51 23.78
C2 NAG J . 6.06 17.88 23.11
C3 NAG J . 7.49 18.43 23.21
C4 NAG J . 8.01 18.35 24.64
C5 NAG J . 7.85 16.93 25.17
C6 NAG J . 8.28 16.82 26.63
C7 NAG J . 4.65 18.40 21.24
C8 NAG J . 4.74 18.91 19.80
N2 NAG J . 5.71 17.76 21.71
O3 NAG J . 7.52 19.77 22.77
O4 NAG J . 9.38 18.72 24.66
O5 NAG J . 6.46 16.55 25.12
O6 NAG J . 7.42 17.57 27.47
O7 NAG J . 3.64 18.62 21.90
C1 NAG K . -7.50 17.39 8.10
C2 NAG K . -7.99 18.81 7.77
C3 NAG K . -6.86 19.80 7.97
C4 NAG K . -6.25 19.67 9.37
C5 NAG K . -5.89 18.21 9.68
C6 NAG K . -5.51 18.04 11.14
C7 NAG K . -9.68 18.47 6.10
C8 NAG K . -9.81 17.28 5.16
N2 NAG K . -8.45 18.87 6.41
O3 NAG K . -7.35 21.13 7.82
O4 NAG K . -5.06 20.47 9.45
O5 NAG K . -7.03 17.34 9.45
O6 NAG K . -4.24 17.41 11.27
O7 NAG K . -10.69 19.01 6.56
CA CA L . -6.14 -11.46 24.84
C1 NAG M . -27.48 -32.08 -37.70
C2 NAG M . -27.32 -33.17 -38.76
C3 NAG M . -26.86 -32.55 -40.10
C4 NAG M . -27.78 -31.39 -40.49
C5 NAG M . -27.89 -30.40 -39.34
C6 NAG M . -28.82 -29.24 -39.64
C7 NAG M . -26.73 -35.31 -37.83
C8 NAG M . -25.86 -36.50 -38.18
N2 NAG M . -26.33 -34.12 -38.30
O3 NAG M . -26.88 -33.55 -41.10
O4 NAG M . -27.23 -30.71 -41.62
O5 NAG M . -28.39 -31.08 -38.18
O6 NAG M . -30.05 -29.36 -38.94
O7 NAG M . -27.76 -35.46 -37.17
C1 NAG N . -47.91 -7.41 -16.32
C2 NAG N . -48.28 -8.82 -15.85
C3 NAG N . -48.90 -8.83 -14.43
C4 NAG N . -49.81 -7.63 -14.16
C5 NAG N . -49.21 -6.30 -14.66
C6 NAG N . -49.09 -5.25 -13.57
C7 NAG N . -49.55 -10.70 -16.65
C8 NAG N . -50.93 -10.98 -16.09
N2 NAG N . -49.20 -9.43 -16.80
O3 NAG N . -47.86 -8.87 -13.46
O4 NAG N . -51.08 -7.84 -14.79
O5 NAG N . -47.90 -6.51 -15.20
O6 NAG N . -48.83 -3.96 -14.13
O7 NAG N . -48.79 -11.63 -16.94
CA CA O . -18.19 -8.05 -23.45
C1 NAG P . -52.98 12.56 8.33
C2 NAG P . -53.61 11.26 7.81
C3 NAG P . -54.96 11.00 8.49
C4 NAG P . -54.83 11.09 10.02
C5 NAG P . -54.18 12.42 10.40
C6 NAG P . -53.96 12.55 11.90
C7 NAG P . -52.91 10.87 5.53
C8 NAG P . -52.89 11.49 4.13
N2 NAG P . -53.82 11.34 6.37
O3 NAG P . -55.45 9.72 8.14
O4 NAG P . -56.11 11.00 10.62
O5 NAG P . -52.89 12.53 9.76
O6 NAG P . -53.22 11.43 12.40
O7 NAG P . -52.12 9.99 5.82
C1 NAG Q . -47.92 12.19 -11.71
C2 NAG Q . -47.83 10.82 -12.37
C3 NAG Q . -49.06 9.98 -12.01
C4 NAG Q . -49.29 9.96 -10.50
C5 NAG Q . -49.28 11.38 -9.93
C6 NAG Q . -49.38 11.40 -8.41
C7 NAG Q . -47.02 10.12 -14.52
C8 NAG Q . -47.79 9.05 -15.28
N2 NAG Q . -47.74 10.98 -13.80
O3 NAG Q . -48.90 8.66 -12.50
O4 NAG Q . -50.54 9.34 -10.21
O5 NAG Q . -48.05 12.04 -10.29
O6 NAG Q . -48.55 10.41 -7.84
O7 NAG Q . -45.79 10.15 -14.56
CA CA R . -35.73 37.58 6.12
#